data_9GWD
#
_entry.id   9GWD
#
_entity_poly.entity_id   1
_entity_poly.type   'polypeptide(L)'
_entity_poly.pdbx_seq_one_letter_code
;GHMAVVYAARCKFGNPLVQNNRITRAVCDLTNEHTTKDGSWHYVEVDNECKYLAGDNPRDQPGWAVFVKYCTYYKGVPDA
;
_entity_poly.pdbx_strand_id   A
#
# COMPACT_ATOMS: atom_id res chain seq x y z
N GLY A 1 5.29 -8.92 20.10
CA GLY A 1 4.83 -7.59 19.73
C GLY A 1 3.62 -7.22 20.52
N HIS A 2 2.84 -6.33 19.99
CA HIS A 2 1.62 -5.90 20.61
C HIS A 2 0.49 -6.25 19.67
N MET A 3 -0.62 -6.69 20.20
CA MET A 3 -1.75 -7.05 19.37
C MET A 3 -2.49 -5.81 18.89
N ALA A 4 -1.93 -5.21 17.90
CA ALA A 4 -2.49 -4.08 17.23
C ALA A 4 -2.16 -4.25 15.77
N VAL A 5 -3.15 -4.52 14.99
CA VAL A 5 -2.92 -4.77 13.60
C VAL A 5 -3.62 -3.71 12.79
N VAL A 6 -3.11 -2.52 12.86
CA VAL A 6 -3.61 -1.45 12.06
C VAL A 6 -2.92 -1.57 10.72
N TYR A 7 -3.70 -1.63 9.69
CA TYR A 7 -3.19 -1.94 8.40
C TYR A 7 -2.43 -0.80 7.76
N ALA A 8 -1.44 -1.19 7.03
CA ALA A 8 -0.58 -0.33 6.28
C ALA A 8 -0.12 -1.11 5.10
N ALA A 9 -0.09 -0.48 3.97
CA ALA A 9 0.34 -1.10 2.77
C ALA A 9 1.78 -0.78 2.53
N ARG A 10 2.49 -1.75 2.06
CA ARG A 10 3.87 -1.60 1.72
C ARG A 10 4.20 -2.49 0.55
N CYS A 11 5.11 -2.07 -0.27
CA CYS A 11 5.53 -2.86 -1.39
C CYS A 11 7.03 -3.09 -1.24
N LYS A 12 7.41 -4.33 -1.01
CA LYS A 12 8.82 -4.65 -0.77
C LYS A 12 9.47 -5.02 -2.05
N PHE A 13 10.74 -4.79 -2.14
CA PHE A 13 11.46 -5.13 -3.34
C PHE A 13 12.68 -5.94 -3.01
N GLY A 14 12.50 -7.24 -3.06
CA GLY A 14 13.57 -8.17 -2.80
C GLY A 14 13.81 -8.41 -1.33
N ASN A 15 14.34 -7.42 -0.66
CA ASN A 15 14.75 -7.50 0.74
C ASN A 15 13.60 -7.80 1.71
N PRO A 16 13.83 -8.73 2.66
CA PRO A 16 12.83 -9.13 3.66
C PRO A 16 12.43 -7.97 4.57
N LEU A 17 11.14 -7.69 4.58
CA LEU A 17 10.52 -6.59 5.35
C LEU A 17 11.04 -5.22 4.93
N VAL A 18 11.60 -5.14 3.75
CA VAL A 18 12.14 -3.90 3.28
C VAL A 18 11.30 -3.34 2.14
N GLN A 19 10.49 -2.39 2.50
CA GLN A 19 9.63 -1.67 1.59
C GLN A 19 10.48 -0.70 0.78
N ASN A 20 10.17 -0.55 -0.48
CA ASN A 20 10.82 0.51 -1.24
C ASN A 20 9.88 1.69 -1.19
N ASN A 21 10.22 2.69 -0.40
CA ASN A 21 9.31 3.81 -0.15
C ASN A 21 9.06 4.65 -1.38
N ARG A 22 10.04 4.72 -2.27
CA ARG A 22 9.92 5.50 -3.50
C ARG A 22 8.84 4.88 -4.38
N ILE A 23 9.00 3.60 -4.67
CA ILE A 23 8.07 2.91 -5.54
C ILE A 23 6.72 2.79 -4.86
N THR A 24 6.70 2.47 -3.56
CA THR A 24 5.44 2.37 -2.83
C THR A 24 4.68 3.71 -2.88
N ARG A 25 5.39 4.84 -2.71
CA ARG A 25 4.78 6.17 -2.79
C ARG A 25 4.12 6.35 -4.18
N ALA A 26 4.85 5.94 -5.21
CA ALA A 26 4.35 6.03 -6.59
C ALA A 26 3.14 5.10 -6.80
N VAL A 27 3.24 3.86 -6.33
CA VAL A 27 2.17 2.87 -6.47
C VAL A 27 0.91 3.32 -5.73
N CYS A 28 1.08 3.78 -4.50
CA CYS A 28 -0.03 4.27 -3.70
C CYS A 28 -0.71 5.45 -4.37
N ASP A 29 0.08 6.32 -5.01
CA ASP A 29 -0.46 7.48 -5.73
C ASP A 29 -1.34 7.02 -6.85
N LEU A 30 -0.79 6.14 -7.66
CA LEU A 30 -1.50 5.55 -8.80
C LEU A 30 -2.76 4.83 -8.35
N THR A 31 -2.64 4.09 -7.28
CA THR A 31 -3.74 3.38 -6.69
C THR A 31 -4.84 4.35 -6.27
N ASN A 32 -4.45 5.39 -5.54
CA ASN A 32 -5.37 6.40 -5.05
C ASN A 32 -6.06 7.07 -6.22
N GLU A 33 -5.29 7.34 -7.27
CA GLU A 33 -5.76 8.00 -8.48
C GLU A 33 -6.93 7.21 -9.09
N HIS A 34 -6.72 5.90 -9.21
CA HIS A 34 -7.73 5.01 -9.77
C HIS A 34 -8.92 4.82 -8.83
N THR A 35 -8.66 4.74 -7.57
CA THR A 35 -9.70 4.41 -6.62
C THR A 35 -10.02 5.57 -5.67
N THR A 36 -9.98 6.78 -6.23
CA THR A 36 -10.24 8.01 -5.48
C THR A 36 -11.58 8.00 -4.78
N LYS A 37 -12.58 7.52 -5.47
CA LYS A 37 -13.96 7.51 -5.00
C LYS A 37 -14.24 6.28 -4.16
N ASP A 38 -13.24 5.49 -3.93
CA ASP A 38 -13.38 4.32 -3.10
C ASP A 38 -12.87 4.64 -1.74
N GLY A 39 -11.78 5.36 -1.68
CA GLY A 39 -11.19 5.68 -0.48
C GLY A 39 -9.99 6.53 -0.71
N SER A 40 -9.83 7.43 0.14
CA SER A 40 -8.68 8.29 0.17
C SER A 40 -7.46 7.52 0.65
N TRP A 41 -6.59 7.17 -0.24
CA TRP A 41 -5.39 6.49 0.13
C TRP A 41 -4.28 7.52 0.22
N HIS A 42 -3.42 7.37 1.17
CA HIS A 42 -2.33 8.33 1.34
C HIS A 42 -1.07 7.65 1.84
N TYR A 43 0.05 8.09 1.34
CA TYR A 43 1.33 7.58 1.75
C TYR A 43 1.83 8.36 2.94
N VAL A 44 2.33 7.68 3.92
CA VAL A 44 2.91 8.30 5.07
C VAL A 44 4.34 7.78 5.12
N GLU A 45 5.25 8.52 5.75
CA GLU A 45 6.65 8.10 5.85
C GLU A 45 6.85 6.67 6.40
N VAL A 46 8.06 6.15 6.25
CA VAL A 46 8.40 4.70 6.48
C VAL A 46 8.09 4.14 7.88
N ASP A 47 7.71 4.97 8.79
CA ASP A 47 7.27 4.49 10.10
C ASP A 47 5.84 4.03 10.02
N ASN A 48 5.07 4.71 9.21
CA ASN A 48 3.65 4.49 9.20
C ASN A 48 3.18 3.82 7.89
N GLU A 49 3.92 4.09 6.78
CA GLU A 49 3.71 3.41 5.48
C GLU A 49 2.47 3.92 4.74
N CYS A 50 2.02 3.21 3.72
CA CYS A 50 0.85 3.63 2.99
C CYS A 50 -0.43 3.34 3.75
N LYS A 51 -1.17 4.36 4.01
CA LYS A 51 -2.38 4.24 4.76
C LYS A 51 -3.60 4.40 3.88
N TYR A 52 -4.52 3.49 4.05
CA TYR A 52 -5.76 3.51 3.35
C TYR A 52 -6.83 4.06 4.27
N LEU A 53 -7.29 5.27 3.97
CA LEU A 53 -8.27 6.00 4.78
C LEU A 53 -7.73 6.38 6.15
N ALA A 54 -7.89 5.49 7.11
CA ALA A 54 -7.36 5.71 8.44
C ALA A 54 -6.33 4.65 8.75
N GLY A 55 -6.11 3.79 7.80
CA GLY A 55 -5.23 2.68 7.99
C GLY A 55 -6.03 1.42 8.10
N ASP A 56 -7.06 1.36 7.28
CA ASP A 56 -7.97 0.25 7.25
C ASP A 56 -7.41 -0.84 6.38
N ASN A 57 -8.01 -2.01 6.45
CA ASN A 57 -7.60 -3.16 5.65
C ASN A 57 -7.86 -2.90 4.16
N PRO A 58 -6.80 -2.76 3.36
CA PRO A 58 -6.93 -2.44 1.95
C PRO A 58 -7.39 -3.62 1.10
N ARG A 59 -7.11 -4.83 1.60
CA ARG A 59 -7.37 -6.11 0.87
C ARG A 59 -8.82 -6.20 0.38
N ASP A 60 -9.70 -5.67 1.19
CA ASP A 60 -11.13 -5.64 0.93
C ASP A 60 -11.47 -4.75 -0.26
N GLN A 61 -10.75 -3.68 -0.39
CA GLN A 61 -11.04 -2.66 -1.36
C GLN A 61 -10.37 -2.93 -2.70
N PRO A 62 -10.99 -2.49 -3.81
CA PRO A 62 -10.42 -2.63 -5.17
C PRO A 62 -9.08 -1.91 -5.31
N GLY A 63 -8.87 -0.93 -4.42
CA GLY A 63 -7.62 -0.20 -4.36
C GLY A 63 -6.45 -1.13 -4.17
N TRP A 64 -6.63 -2.14 -3.34
CA TRP A 64 -5.57 -3.11 -3.10
C TRP A 64 -5.24 -3.87 -4.38
N ALA A 65 -6.25 -4.18 -5.17
CA ALA A 65 -6.05 -4.88 -6.43
C ALA A 65 -5.24 -4.01 -7.37
N VAL A 66 -5.47 -2.71 -7.30
CA VAL A 66 -4.72 -1.75 -8.09
C VAL A 66 -3.25 -1.70 -7.59
N PHE A 67 -3.08 -1.63 -6.29
CA PHE A 67 -1.76 -1.64 -5.66
C PHE A 67 -0.99 -2.90 -6.10
N VAL A 68 -1.69 -4.03 -6.09
CA VAL A 68 -1.11 -5.30 -6.50
C VAL A 68 -0.74 -5.30 -7.98
N LYS A 69 -1.64 -4.82 -8.86
CA LYS A 69 -1.37 -4.80 -10.32
C LYS A 69 -0.14 -3.96 -10.64
N TYR A 70 0.10 -2.93 -9.85
CA TYR A 70 1.28 -2.12 -10.07
C TYR A 70 2.53 -2.73 -9.44
N CYS A 71 2.42 -3.26 -8.24
CA CYS A 71 3.54 -3.89 -7.59
C CYS A 71 4.07 -5.09 -8.35
N THR A 72 3.20 -5.92 -8.87
CA THR A 72 3.62 -7.09 -9.62
C THR A 72 4.38 -6.67 -10.87
N TYR A 73 3.79 -5.72 -11.56
CA TYR A 73 4.37 -5.11 -12.75
C TYR A 73 5.76 -4.49 -12.43
N TYR A 74 5.86 -3.83 -11.29
CA TYR A 74 7.13 -3.20 -10.87
C TYR A 74 8.08 -4.19 -10.21
N LYS A 75 7.59 -5.41 -10.00
CA LYS A 75 8.37 -6.55 -9.47
C LYS A 75 8.64 -6.35 -7.98
N GLY A 76 7.57 -6.09 -7.28
CA GLY A 76 7.60 -5.88 -5.88
C GLY A 76 6.56 -6.70 -5.22
N VAL A 77 6.68 -6.88 -3.96
CA VAL A 77 5.79 -7.70 -3.19
C VAL A 77 4.87 -6.81 -2.37
N PRO A 78 3.58 -6.80 -2.70
CA PRO A 78 2.61 -6.01 -1.98
C PRO A 78 2.14 -6.70 -0.70
N ASP A 79 2.23 -5.99 0.40
CA ASP A 79 1.83 -6.49 1.68
C ASP A 79 1.00 -5.49 2.41
N ALA A 80 0.05 -6.00 3.16
CA ALA A 80 -0.83 -5.23 3.99
C ALA A 80 -1.65 -6.20 4.79
N GLY A 1 1.46 -7.02 20.18
CA GLY A 1 2.06 -8.09 19.40
C GLY A 1 1.88 -7.82 17.95
N HIS A 2 2.57 -8.56 17.10
CA HIS A 2 2.45 -8.33 15.70
C HIS A 2 1.24 -9.08 15.17
N MET A 3 0.14 -8.44 15.34
CA MET A 3 -1.12 -8.89 14.86
C MET A 3 -1.65 -7.77 14.03
N ALA A 4 -1.66 -7.94 12.75
CA ALA A 4 -2.10 -6.90 11.86
C ALA A 4 -3.59 -6.72 11.91
N VAL A 5 -4.01 -5.84 12.75
CA VAL A 5 -5.41 -5.43 12.85
C VAL A 5 -5.54 -4.06 12.23
N VAL A 6 -4.46 -3.41 12.27
CA VAL A 6 -4.26 -2.12 11.69
C VAL A 6 -3.39 -2.36 10.49
N TYR A 7 -3.76 -1.83 9.37
CA TYR A 7 -3.05 -2.15 8.16
C TYR A 7 -2.46 -0.92 7.50
N ALA A 8 -1.43 -1.18 6.73
CA ALA A 8 -0.73 -0.20 5.98
C ALA A 8 -0.20 -0.92 4.76
N ALA A 9 -0.21 -0.27 3.64
CA ALA A 9 0.29 -0.90 2.43
C ALA A 9 1.76 -0.64 2.32
N ARG A 10 2.45 -1.65 1.91
CA ARG A 10 3.88 -1.59 1.75
C ARG A 10 4.30 -2.47 0.60
N CYS A 11 5.03 -1.91 -0.32
CA CYS A 11 5.48 -2.66 -1.47
C CYS A 11 6.98 -2.88 -1.30
N LYS A 12 7.33 -4.11 -1.04
CA LYS A 12 8.68 -4.48 -0.71
C LYS A 12 9.39 -4.99 -1.93
N PHE A 13 10.68 -4.74 -2.00
CA PHE A 13 11.45 -5.14 -3.15
C PHE A 13 12.65 -5.95 -2.78
N GLY A 14 12.45 -7.25 -2.70
CA GLY A 14 13.53 -8.18 -2.48
C GLY A 14 13.91 -8.29 -1.03
N ASN A 15 14.38 -7.21 -0.49
CA ASN A 15 14.85 -7.14 0.89
C ASN A 15 13.74 -7.51 1.88
N PRO A 16 14.02 -8.54 2.72
CA PRO A 16 13.08 -9.04 3.73
C PRO A 16 12.50 -7.95 4.62
N LEU A 17 11.19 -7.76 4.51
CA LEU A 17 10.43 -6.81 5.32
C LEU A 17 10.80 -5.36 5.02
N VAL A 18 11.40 -5.14 3.87
CA VAL A 18 11.84 -3.81 3.51
C VAL A 18 11.04 -3.24 2.35
N GLN A 19 10.14 -2.36 2.70
CA GLN A 19 9.33 -1.60 1.77
C GLN A 19 10.21 -0.66 0.96
N ASN A 20 9.94 -0.53 -0.33
CA ASN A 20 10.59 0.50 -1.10
C ASN A 20 9.73 1.73 -1.01
N ASN A 21 10.23 2.75 -0.33
CA ASN A 21 9.44 3.96 -0.06
C ASN A 21 8.94 4.66 -1.33
N ARG A 22 9.78 4.74 -2.36
CA ARG A 22 9.41 5.42 -3.59
C ARG A 22 8.31 4.68 -4.31
N ILE A 23 8.55 3.41 -4.61
CA ILE A 23 7.58 2.63 -5.37
C ILE A 23 6.27 2.49 -4.62
N THR A 24 6.33 2.29 -3.31
CA THR A 24 5.11 2.21 -2.52
C THR A 24 4.31 3.52 -2.65
N ARG A 25 5.00 4.66 -2.53
CA ARG A 25 4.33 5.94 -2.72
C ARG A 25 3.74 6.02 -4.13
N ALA A 26 4.58 5.74 -5.12
CA ALA A 26 4.19 5.79 -6.53
C ALA A 26 2.95 4.95 -6.81
N VAL A 27 2.97 3.73 -6.31
CA VAL A 27 1.87 2.83 -6.49
C VAL A 27 0.64 3.33 -5.74
N CYS A 28 0.82 3.87 -4.53
CA CYS A 28 -0.30 4.42 -3.77
C CYS A 28 -0.90 5.62 -4.49
N ASP A 29 -0.05 6.45 -5.07
CA ASP A 29 -0.49 7.62 -5.84
C ASP A 29 -1.33 7.17 -7.01
N LEU A 30 -0.79 6.22 -7.77
CA LEU A 30 -1.47 5.67 -8.94
C LEU A 30 -2.77 4.99 -8.52
N THR A 31 -2.72 4.23 -7.46
CA THR A 31 -3.86 3.55 -6.94
C THR A 31 -4.94 4.54 -6.51
N ASN A 32 -4.56 5.58 -5.77
CA ASN A 32 -5.52 6.57 -5.31
C ASN A 32 -6.14 7.26 -6.49
N GLU A 33 -5.30 7.61 -7.46
CA GLU A 33 -5.73 8.25 -8.72
C GLU A 33 -6.85 7.44 -9.38
N HIS A 34 -6.66 6.14 -9.48
CA HIS A 34 -7.61 5.25 -10.13
C HIS A 34 -8.79 4.87 -9.24
N THR A 35 -8.64 4.95 -7.94
CA THR A 35 -9.70 4.56 -7.04
C THR A 35 -10.02 5.66 -6.01
N THR A 36 -10.08 6.91 -6.50
CA THR A 36 -10.30 8.09 -5.66
C THR A 36 -11.59 8.01 -4.86
N LYS A 37 -12.66 7.63 -5.53
CA LYS A 37 -13.98 7.57 -4.92
C LYS A 37 -14.16 6.29 -4.12
N ASP A 38 -13.17 5.45 -4.19
CA ASP A 38 -13.22 4.18 -3.50
C ASP A 38 -12.37 4.23 -2.28
N GLY A 39 -11.71 5.35 -2.07
CA GLY A 39 -10.92 5.48 -0.92
C GLY A 39 -9.78 6.44 -1.12
N SER A 40 -9.70 7.38 -0.24
CA SER A 40 -8.58 8.27 -0.17
C SER A 40 -7.38 7.52 0.40
N TRP A 41 -6.47 7.19 -0.46
CA TRP A 41 -5.29 6.51 -0.06
C TRP A 41 -4.17 7.53 0.00
N HIS A 42 -3.24 7.37 0.92
CA HIS A 42 -2.16 8.31 1.05
C HIS A 42 -0.93 7.68 1.71
N TYR A 43 0.20 7.99 1.20
CA TYR A 43 1.45 7.49 1.71
C TYR A 43 1.88 8.29 2.92
N VAL A 44 2.27 7.60 3.97
CA VAL A 44 2.80 8.22 5.12
C VAL A 44 4.21 7.72 5.21
N GLU A 45 5.08 8.47 5.86
CA GLU A 45 6.48 8.11 5.95
C GLU A 45 6.69 6.71 6.54
N VAL A 46 7.83 6.11 6.18
CA VAL A 46 8.20 4.68 6.42
C VAL A 46 7.82 4.05 7.76
N ASP A 47 7.72 4.82 8.84
CA ASP A 47 7.29 4.24 10.12
C ASP A 47 5.87 3.75 10.02
N ASN A 48 5.04 4.54 9.38
CA ASN A 48 3.64 4.28 9.38
C ASN A 48 3.20 3.60 8.09
N GLU A 49 3.88 3.96 6.96
CA GLU A 49 3.70 3.31 5.66
C GLU A 49 2.48 3.87 4.93
N CYS A 50 2.00 3.20 3.91
CA CYS A 50 0.93 3.74 3.12
C CYS A 50 -0.44 3.53 3.78
N LYS A 51 -1.09 4.62 4.11
CA LYS A 51 -2.38 4.62 4.75
C LYS A 51 -3.50 4.54 3.75
N TYR A 52 -4.32 3.56 3.91
CA TYR A 52 -5.53 3.47 3.18
C TYR A 52 -6.65 4.00 4.05
N LEU A 53 -7.05 5.25 3.79
CA LEU A 53 -8.03 5.99 4.58
C LEU A 53 -7.52 6.27 6.00
N ALA A 54 -7.90 5.42 6.93
CA ALA A 54 -7.44 5.57 8.29
C ALA A 54 -6.42 4.50 8.63
N GLY A 55 -6.19 3.62 7.67
CA GLY A 55 -5.30 2.51 7.90
C GLY A 55 -6.09 1.28 8.22
N ASP A 56 -7.12 1.07 7.43
CA ASP A 56 -7.96 -0.09 7.59
C ASP A 56 -7.39 -1.17 6.67
N ASN A 57 -8.04 -2.29 6.53
CA ASN A 57 -7.53 -3.35 5.68
C ASN A 57 -7.70 -2.99 4.20
N PRO A 58 -6.59 -2.74 3.48
CA PRO A 58 -6.66 -2.34 2.09
C PRO A 58 -7.06 -3.49 1.22
N ARG A 59 -6.72 -4.70 1.67
CA ARG A 59 -6.94 -5.97 0.95
C ARG A 59 -8.40 -6.15 0.55
N ASP A 60 -9.28 -5.63 1.39
CA ASP A 60 -10.73 -5.76 1.19
C ASP A 60 -11.20 -4.83 0.08
N GLN A 61 -10.52 -3.74 -0.08
CA GLN A 61 -10.91 -2.70 -0.99
C GLN A 61 -10.27 -2.85 -2.37
N PRO A 62 -10.90 -2.27 -3.43
CA PRO A 62 -10.40 -2.33 -4.83
C PRO A 62 -9.00 -1.73 -4.97
N GLY A 63 -8.68 -0.83 -4.03
CA GLY A 63 -7.39 -0.18 -4.01
C GLY A 63 -6.27 -1.18 -3.91
N TRP A 64 -6.50 -2.25 -3.18
CA TRP A 64 -5.49 -3.29 -3.03
C TRP A 64 -5.26 -4.00 -4.35
N ALA A 65 -6.34 -4.26 -5.08
CA ALA A 65 -6.27 -4.92 -6.37
C ALA A 65 -5.42 -4.10 -7.32
N VAL A 66 -5.59 -2.80 -7.26
CA VAL A 66 -4.84 -1.88 -8.08
C VAL A 66 -3.36 -1.84 -7.61
N PHE A 67 -3.17 -1.69 -6.31
CA PHE A 67 -1.83 -1.66 -5.69
C PHE A 67 -1.05 -2.92 -6.07
N VAL A 68 -1.72 -4.06 -5.97
CA VAL A 68 -1.13 -5.33 -6.31
C VAL A 68 -0.77 -5.41 -7.78
N LYS A 69 -1.66 -4.94 -8.65
CA LYS A 69 -1.43 -5.05 -10.08
C LYS A 69 -0.22 -4.18 -10.50
N TYR A 70 -0.01 -3.09 -9.79
CA TYR A 70 1.14 -2.25 -10.07
C TYR A 70 2.43 -2.81 -9.48
N CYS A 71 2.40 -3.27 -8.23
CA CYS A 71 3.56 -3.84 -7.60
C CYS A 71 4.08 -5.06 -8.34
N THR A 72 3.19 -5.93 -8.76
CA THR A 72 3.58 -7.12 -9.49
C THR A 72 4.21 -6.73 -10.82
N TYR A 73 3.58 -5.78 -11.47
CA TYR A 73 4.11 -5.13 -12.67
C TYR A 73 5.55 -4.63 -12.46
N TYR A 74 5.78 -3.91 -11.34
CA TYR A 74 7.12 -3.40 -11.00
C TYR A 74 8.05 -4.49 -10.45
N LYS A 75 7.46 -5.67 -10.19
CA LYS A 75 8.15 -6.89 -9.72
C LYS A 75 8.51 -6.79 -8.23
N GLY A 76 7.58 -6.21 -7.50
CA GLY A 76 7.70 -6.01 -6.08
C GLY A 76 6.65 -6.80 -5.39
N VAL A 77 6.71 -6.84 -4.11
CA VAL A 77 5.79 -7.62 -3.33
C VAL A 77 4.91 -6.72 -2.49
N PRO A 78 3.61 -6.68 -2.80
CA PRO A 78 2.65 -5.92 -2.04
C PRO A 78 2.29 -6.66 -0.75
N ASP A 79 2.44 -5.99 0.36
CA ASP A 79 2.24 -6.58 1.65
C ASP A 79 1.44 -5.64 2.52
N ALA A 80 0.67 -6.21 3.42
CA ALA A 80 -0.13 -5.49 4.39
C ALA A 80 -0.52 -6.47 5.47
N GLY A 1 0.86 -3.29 20.06
CA GLY A 1 0.12 -4.52 20.28
C GLY A 1 1.01 -5.69 20.00
N HIS A 2 0.46 -6.87 20.00
CA HIS A 2 1.24 -8.03 19.65
C HIS A 2 1.39 -8.05 18.13
N MET A 3 0.33 -7.64 17.47
CA MET A 3 0.33 -7.44 16.05
C MET A 3 0.06 -5.99 15.81
N ALA A 4 0.26 -5.55 14.62
CA ALA A 4 -0.11 -4.24 14.24
C ALA A 4 -1.45 -4.34 13.56
N VAL A 5 -2.48 -3.90 14.25
CA VAL A 5 -3.86 -4.01 13.76
C VAL A 5 -4.21 -2.76 12.96
N VAL A 6 -3.22 -2.00 12.71
CA VAL A 6 -3.32 -0.87 11.85
C VAL A 6 -2.83 -1.33 10.52
N TYR A 7 -3.67 -1.27 9.57
CA TYR A 7 -3.36 -1.83 8.30
C TYR A 7 -2.69 -0.81 7.43
N ALA A 8 -1.65 -1.22 6.81
CA ALA A 8 -0.88 -0.37 5.96
C ALA A 8 -0.41 -1.18 4.79
N ALA A 9 -0.23 -0.53 3.70
CA ALA A 9 0.24 -1.16 2.52
C ALA A 9 1.70 -0.85 2.35
N ARG A 10 2.43 -1.85 1.96
CA ARG A 10 3.84 -1.75 1.72
C ARG A 10 4.20 -2.59 0.53
N CYS A 11 4.91 -2.02 -0.39
CA CYS A 11 5.35 -2.76 -1.52
C CYS A 11 6.85 -2.91 -1.37
N LYS A 12 7.25 -4.10 -1.01
CA LYS A 12 8.61 -4.40 -0.67
C LYS A 12 9.36 -4.85 -1.92
N PHE A 13 10.55 -4.31 -2.10
CA PHE A 13 11.35 -4.59 -3.30
C PHE A 13 12.76 -4.95 -2.93
N GLY A 14 13.17 -6.14 -3.35
CA GLY A 14 14.52 -6.61 -3.15
C GLY A 14 14.84 -6.92 -1.71
N ASN A 15 15.09 -5.86 -0.95
CA ASN A 15 15.46 -5.93 0.46
C ASN A 15 14.43 -6.73 1.24
N PRO A 16 14.85 -7.85 1.84
CA PRO A 16 13.98 -8.72 2.63
C PRO A 16 13.17 -7.96 3.67
N LEU A 17 11.87 -7.95 3.44
CA LEU A 17 10.86 -7.37 4.34
C LEU A 17 10.86 -5.84 4.38
N VAL A 18 11.58 -5.23 3.49
CA VAL A 18 11.72 -3.78 3.50
C VAL A 18 10.93 -3.15 2.35
N GLN A 19 10.04 -2.25 2.70
CA GLN A 19 9.22 -1.51 1.76
C GLN A 19 10.09 -0.59 0.93
N ASN A 20 9.86 -0.53 -0.37
CA ASN A 20 10.56 0.47 -1.15
C ASN A 20 9.72 1.71 -1.12
N ASN A 21 10.12 2.63 -0.29
CA ASN A 21 9.42 3.92 -0.07
C ASN A 21 8.96 4.61 -1.36
N ARG A 22 9.91 4.78 -2.24
CA ARG A 22 9.71 5.47 -3.51
C ARG A 22 8.63 4.80 -4.36
N ILE A 23 8.83 3.52 -4.65
CA ILE A 23 7.87 2.79 -5.47
C ILE A 23 6.53 2.66 -4.76
N THR A 24 6.56 2.41 -3.46
CA THR A 24 5.32 2.29 -2.70
C THR A 24 4.50 3.56 -2.78
N ARG A 25 5.14 4.74 -2.66
CA ARG A 25 4.42 5.95 -2.82
C ARG A 25 3.83 6.03 -4.22
N ALA A 26 4.66 5.79 -5.23
CA ALA A 26 4.24 5.86 -6.63
C ALA A 26 3.04 4.97 -6.89
N VAL A 27 3.08 3.74 -6.38
CA VAL A 27 1.97 2.82 -6.53
C VAL A 27 0.73 3.34 -5.81
N CYS A 28 0.90 3.92 -4.63
CA CYS A 28 -0.21 4.50 -3.90
C CYS A 28 -0.80 5.69 -4.66
N ASP A 29 0.08 6.54 -5.24
CA ASP A 29 -0.35 7.69 -6.07
C ASP A 29 -1.21 7.22 -7.24
N LEU A 30 -0.69 6.24 -7.97
CA LEU A 30 -1.36 5.68 -9.14
C LEU A 30 -2.68 5.01 -8.75
N THR A 31 -2.63 4.22 -7.69
CA THR A 31 -3.79 3.54 -7.19
C THR A 31 -4.86 4.53 -6.76
N ASN A 32 -4.47 5.52 -5.96
CA ASN A 32 -5.39 6.52 -5.42
C ASN A 32 -5.98 7.33 -6.54
N GLU A 33 -5.19 7.58 -7.58
CA GLU A 33 -5.64 8.34 -8.75
C GLU A 33 -6.86 7.69 -9.37
N HIS A 34 -6.79 6.39 -9.54
CA HIS A 34 -7.90 5.63 -10.10
C HIS A 34 -9.02 5.40 -9.08
N THR A 35 -8.68 5.32 -7.83
CA THR A 35 -9.67 5.04 -6.79
C THR A 35 -9.98 6.28 -5.95
N THR A 36 -9.89 7.42 -6.58
CA THR A 36 -10.05 8.73 -5.95
C THR A 36 -11.41 8.92 -5.30
N LYS A 37 -12.41 8.31 -5.87
CA LYS A 37 -13.76 8.46 -5.38
C LYS A 37 -14.13 7.29 -4.49
N ASP A 38 -13.32 6.27 -4.54
CA ASP A 38 -13.61 5.04 -3.83
C ASP A 38 -12.88 4.96 -2.52
N GLY A 39 -11.65 5.42 -2.48
CA GLY A 39 -10.88 5.28 -1.33
C GLY A 39 -9.70 6.20 -1.33
N SER A 40 -9.72 7.10 -0.41
CA SER A 40 -8.61 7.98 -0.16
C SER A 40 -7.46 7.23 0.47
N TRP A 41 -6.54 6.85 -0.35
CA TRP A 41 -5.37 6.16 0.11
C TRP A 41 -4.30 7.21 0.22
N HIS A 42 -3.44 7.08 1.19
CA HIS A 42 -2.39 8.05 1.36
C HIS A 42 -1.13 7.40 1.88
N TYR A 43 -0.02 7.74 1.29
CA TYR A 43 1.23 7.21 1.71
C TYR A 43 1.82 8.07 2.78
N VAL A 44 2.11 7.47 3.90
CA VAL A 44 2.77 8.14 4.94
C VAL A 44 4.15 7.54 4.94
N GLU A 45 5.12 8.29 5.40
CA GLU A 45 6.49 7.82 5.43
C GLU A 45 6.66 6.48 6.18
N VAL A 46 7.81 5.88 5.96
CA VAL A 46 8.14 4.47 6.31
C VAL A 46 7.70 3.94 7.69
N ASP A 47 7.53 4.80 8.68
CA ASP A 47 7.09 4.34 9.99
C ASP A 47 5.64 3.97 9.97
N ASN A 48 4.88 4.68 9.17
CA ASN A 48 3.46 4.51 9.18
C ASN A 48 2.97 3.80 7.92
N GLU A 49 3.73 3.98 6.79
CA GLU A 49 3.49 3.25 5.54
C GLU A 49 2.25 3.77 4.81
N CYS A 50 1.75 3.05 3.82
CA CYS A 50 0.66 3.56 3.03
C CYS A 50 -0.67 3.23 3.69
N LYS A 51 -1.39 4.23 4.13
CA LYS A 51 -2.65 4.00 4.79
C LYS A 51 -3.81 4.09 3.86
N TYR A 52 -4.69 3.16 4.01
CA TYR A 52 -5.94 3.18 3.31
C TYR A 52 -7.00 3.78 4.20
N LEU A 53 -7.40 5.02 3.87
CA LEU A 53 -8.38 5.81 4.65
C LEU A 53 -7.84 6.21 6.01
N ALA A 54 -8.08 5.39 6.99
CA ALA A 54 -7.58 5.64 8.34
C ALA A 54 -6.48 4.67 8.65
N GLY A 55 -6.32 3.72 7.77
CA GLY A 55 -5.40 2.65 7.97
C GLY A 55 -6.18 1.39 8.16
N ASP A 56 -7.19 1.26 7.33
CA ASP A 56 -8.08 0.12 7.35
C ASP A 56 -7.53 -0.95 6.46
N ASN A 57 -8.13 -2.13 6.51
CA ASN A 57 -7.70 -3.29 5.76
C ASN A 57 -7.78 -3.02 4.26
N PRO A 58 -6.63 -2.87 3.60
CA PRO A 58 -6.58 -2.50 2.19
C PRO A 58 -6.93 -3.66 1.30
N ARG A 59 -6.68 -4.85 1.81
CA ARG A 59 -6.74 -6.10 1.06
C ARG A 59 -8.14 -6.43 0.56
N ASP A 60 -9.12 -6.01 1.32
CA ASP A 60 -10.51 -6.23 1.02
C ASP A 60 -11.06 -5.13 0.13
N GLN A 61 -10.29 -4.08 -0.04
CA GLN A 61 -10.71 -2.94 -0.80
C GLN A 61 -10.20 -3.13 -2.22
N PRO A 62 -10.93 -2.64 -3.24
CA PRO A 62 -10.48 -2.73 -4.66
C PRO A 62 -9.12 -2.05 -4.88
N GLY A 63 -8.79 -1.14 -3.97
CA GLY A 63 -7.52 -0.44 -4.01
C GLY A 63 -6.34 -1.38 -3.87
N TRP A 64 -6.54 -2.49 -3.17
CA TRP A 64 -5.48 -3.47 -3.01
C TRP A 64 -5.25 -4.18 -4.33
N ALA A 65 -6.32 -4.50 -5.01
CA ALA A 65 -6.25 -5.15 -6.31
C ALA A 65 -5.48 -4.27 -7.27
N VAL A 66 -5.70 -2.97 -7.18
CA VAL A 66 -4.98 -2.02 -8.00
C VAL A 66 -3.49 -1.96 -7.57
N PHE A 67 -3.27 -1.78 -6.28
CA PHE A 67 -1.92 -1.75 -5.68
C PHE A 67 -1.11 -2.99 -6.09
N VAL A 68 -1.76 -4.14 -6.00
CA VAL A 68 -1.16 -5.40 -6.37
C VAL A 68 -0.86 -5.46 -7.86
N LYS A 69 -1.77 -4.97 -8.70
CA LYS A 69 -1.55 -5.05 -10.13
C LYS A 69 -0.39 -4.17 -10.58
N TYR A 70 -0.10 -3.12 -9.83
CA TYR A 70 1.07 -2.30 -10.11
C TYR A 70 2.34 -2.89 -9.49
N CYS A 71 2.25 -3.40 -8.27
CA CYS A 71 3.38 -4.01 -7.62
C CYS A 71 3.89 -5.24 -8.38
N THR A 72 2.97 -6.06 -8.86
CA THR A 72 3.34 -7.26 -9.61
C THR A 72 4.04 -6.85 -10.90
N TYR A 73 3.44 -5.88 -11.55
CA TYR A 73 3.94 -5.23 -12.76
C TYR A 73 5.40 -4.74 -12.58
N TYR A 74 5.69 -4.11 -11.44
CA TYR A 74 7.06 -3.62 -11.15
C TYR A 74 7.92 -4.72 -10.50
N LYS A 75 7.29 -5.83 -10.14
CA LYS A 75 7.93 -6.98 -9.51
C LYS A 75 8.36 -6.67 -8.09
N GLY A 76 7.38 -6.43 -7.27
CA GLY A 76 7.56 -6.15 -5.89
C GLY A 76 6.52 -6.88 -5.12
N VAL A 77 6.71 -6.97 -3.85
CA VAL A 77 5.84 -7.74 -3.01
C VAL A 77 4.88 -6.82 -2.24
N PRO A 78 3.59 -6.82 -2.60
CA PRO A 78 2.60 -6.06 -1.88
C PRO A 78 2.22 -6.79 -0.59
N ASP A 79 2.45 -6.15 0.51
CA ASP A 79 2.25 -6.75 1.82
C ASP A 79 1.37 -5.85 2.67
N ALA A 80 0.52 -6.46 3.46
CA ALA A 80 -0.35 -5.77 4.39
C ALA A 80 -0.79 -6.77 5.45
N GLY A 1 4.33 -13.44 20.20
CA GLY A 1 4.50 -12.27 19.36
C GLY A 1 3.28 -11.39 19.45
N HIS A 2 3.34 -10.20 18.91
CA HIS A 2 2.22 -9.27 18.97
C HIS A 2 1.72 -8.99 17.58
N MET A 3 0.45 -8.71 17.44
CA MET A 3 -0.11 -8.34 16.18
C MET A 3 -0.72 -6.97 16.28
N ALA A 4 -0.05 -6.00 15.74
CA ALA A 4 -0.59 -4.66 15.68
C ALA A 4 -1.62 -4.63 14.57
N VAL A 5 -2.88 -4.68 14.95
CA VAL A 5 -3.95 -4.76 13.98
C VAL A 5 -4.35 -3.37 13.49
N VAL A 6 -3.43 -2.80 12.79
CA VAL A 6 -3.59 -1.56 12.10
C VAL A 6 -2.97 -1.81 10.77
N TYR A 7 -3.76 -1.71 9.77
CA TYR A 7 -3.32 -2.10 8.46
C TYR A 7 -2.72 -0.95 7.72
N ALA A 8 -2.03 -1.29 6.67
CA ALA A 8 -1.40 -0.37 5.80
C ALA A 8 -0.95 -1.17 4.62
N ALA A 9 -0.40 -0.52 3.66
CA ALA A 9 0.10 -1.15 2.49
C ALA A 9 1.52 -0.74 2.31
N ARG A 10 2.30 -1.64 1.81
CA ARG A 10 3.68 -1.36 1.50
C ARG A 10 4.14 -2.30 0.44
N CYS A 11 4.99 -1.83 -0.42
CA CYS A 11 5.43 -2.66 -1.50
C CYS A 11 6.92 -2.92 -1.29
N LYS A 12 7.27 -4.16 -1.03
CA LYS A 12 8.62 -4.48 -0.71
C LYS A 12 9.33 -4.99 -1.94
N PHE A 13 10.61 -4.80 -1.99
CA PHE A 13 11.40 -5.24 -3.12
C PHE A 13 12.55 -6.12 -2.72
N GLY A 14 12.29 -7.42 -2.74
CA GLY A 14 13.31 -8.41 -2.53
C GLY A 14 13.64 -8.68 -1.07
N ASN A 15 14.04 -7.64 -0.38
CA ASN A 15 14.49 -7.75 0.99
C ASN A 15 13.32 -7.77 1.98
N PRO A 16 13.38 -8.65 2.99
CA PRO A 16 12.36 -8.76 4.01
C PRO A 16 12.16 -7.45 4.78
N LEU A 17 10.91 -7.01 4.85
CA LEU A 17 10.46 -5.79 5.55
C LEU A 17 10.99 -4.51 4.92
N VAL A 18 11.52 -4.61 3.74
CA VAL A 18 12.07 -3.45 3.08
C VAL A 18 11.12 -2.92 2.04
N GLN A 19 10.36 -1.95 2.45
CA GLN A 19 9.44 -1.25 1.63
C GLN A 19 10.21 -0.29 0.74
N ASN A 20 9.91 -0.26 -0.53
CA ASN A 20 10.52 0.73 -1.39
C ASN A 20 9.67 1.96 -1.33
N ASN A 21 10.20 3.00 -0.73
CA ASN A 21 9.50 4.26 -0.49
C ASN A 21 8.93 4.88 -1.76
N ARG A 22 9.76 4.98 -2.79
CA ARG A 22 9.37 5.62 -4.03
C ARG A 22 8.29 4.86 -4.75
N ILE A 23 8.54 3.58 -4.98
CA ILE A 23 7.57 2.74 -5.67
C ILE A 23 6.27 2.65 -4.89
N THR A 24 6.35 2.39 -3.57
CA THR A 24 5.14 2.33 -2.75
C THR A 24 4.32 3.63 -2.88
N ARG A 25 5.00 4.79 -2.82
CA ARG A 25 4.30 6.07 -2.95
C ARG A 25 3.64 6.17 -4.33
N ALA A 26 4.42 5.90 -5.38
CA ALA A 26 3.95 5.98 -6.75
C ALA A 26 2.75 5.06 -6.97
N VAL A 27 2.86 3.83 -6.51
CA VAL A 27 1.80 2.85 -6.63
C VAL A 27 0.56 3.30 -5.84
N CYS A 28 0.75 3.85 -4.65
CA CYS A 28 -0.36 4.37 -3.87
C CYS A 28 -1.02 5.53 -4.60
N ASP A 29 -0.21 6.40 -5.19
CA ASP A 29 -0.72 7.53 -5.97
C ASP A 29 -1.51 7.06 -7.17
N LEU A 30 -0.93 6.10 -7.90
CA LEU A 30 -1.59 5.49 -9.06
C LEU A 30 -2.92 4.88 -8.62
N THR A 31 -2.86 4.10 -7.58
CA THR A 31 -4.04 3.46 -7.02
C THR A 31 -5.09 4.48 -6.59
N ASN A 32 -4.63 5.54 -5.95
CA ASN A 32 -5.49 6.59 -5.42
C ASN A 32 -6.14 7.34 -6.56
N GLU A 33 -5.48 7.32 -7.73
CA GLU A 33 -5.97 7.99 -8.91
C GLU A 33 -6.97 7.10 -9.66
N HIS A 34 -6.85 5.82 -9.47
CA HIS A 34 -7.77 4.89 -10.06
C HIS A 34 -8.99 4.74 -9.19
N THR A 35 -8.77 4.57 -7.94
CA THR A 35 -9.85 4.44 -7.03
C THR A 35 -10.02 5.76 -6.29
N THR A 36 -10.46 6.75 -7.03
CA THR A 36 -10.63 8.10 -6.53
C THR A 36 -11.90 8.26 -5.73
N LYS A 37 -12.84 7.37 -5.95
CA LYS A 37 -14.11 7.41 -5.23
C LYS A 37 -13.95 6.68 -3.91
N ASP A 38 -12.75 6.15 -3.73
CA ASP A 38 -12.30 5.51 -2.52
C ASP A 38 -10.95 6.13 -2.26
N GLY A 39 -10.79 7.34 -2.79
CA GLY A 39 -9.53 8.03 -2.85
C GLY A 39 -9.13 8.67 -1.57
N SER A 40 -8.93 7.85 -0.60
CA SER A 40 -8.49 8.26 0.68
C SER A 40 -7.24 7.47 1.05
N TRP A 41 -6.55 7.01 0.03
CA TRP A 41 -5.32 6.30 0.23
C TRP A 41 -4.23 7.33 0.47
N HIS A 42 -3.64 7.31 1.62
CA HIS A 42 -2.65 8.31 1.97
C HIS A 42 -1.31 7.66 2.34
N TYR A 43 -0.27 8.06 1.65
CA TYR A 43 1.04 7.49 1.85
C TYR A 43 1.82 8.23 2.90
N VAL A 44 2.28 7.52 3.90
CA VAL A 44 3.17 8.07 4.86
C VAL A 44 4.41 7.19 4.77
N GLU A 45 5.54 7.63 5.27
CA GLU A 45 6.72 6.79 5.28
C GLU A 45 6.55 5.65 6.29
N VAL A 46 7.59 4.85 6.41
CA VAL A 46 7.62 3.58 7.16
C VAL A 46 7.17 3.60 8.65
N ASP A 47 6.77 4.73 9.17
CA ASP A 47 6.19 4.73 10.52
C ASP A 47 4.71 4.47 10.45
N ASN A 48 4.09 4.88 9.36
CA ASN A 48 2.65 4.68 9.20
C ASN A 48 2.33 3.92 7.95
N GLU A 49 3.26 3.97 6.97
CA GLU A 49 3.18 3.22 5.71
C GLU A 49 2.08 3.82 4.83
N CYS A 50 1.69 3.12 3.81
CA CYS A 50 0.65 3.61 2.96
C CYS A 50 -0.67 3.24 3.58
N LYS A 51 -1.35 4.18 4.14
CA LYS A 51 -2.57 3.92 4.81
C LYS A 51 -3.76 4.10 3.92
N TYR A 52 -4.68 3.19 4.05
CA TYR A 52 -5.92 3.27 3.33
C TYR A 52 -6.97 3.76 4.30
N LEU A 53 -7.55 4.92 3.99
CA LEU A 53 -8.60 5.57 4.81
C LEU A 53 -8.00 6.22 6.04
N ALA A 54 -7.72 5.40 7.01
CA ALA A 54 -7.05 5.83 8.23
C ALA A 54 -6.04 4.77 8.64
N GLY A 55 -5.87 3.81 7.76
CA GLY A 55 -5.05 2.67 8.06
C GLY A 55 -5.92 1.49 8.34
N ASP A 56 -6.94 1.37 7.50
CA ASP A 56 -7.88 0.29 7.59
C ASP A 56 -7.34 -0.81 6.69
N ASN A 57 -8.04 -1.90 6.54
CA ASN A 57 -7.57 -3.00 5.77
C ASN A 57 -7.73 -2.74 4.26
N PRO A 58 -6.61 -2.60 3.53
CA PRO A 58 -6.64 -2.30 2.11
C PRO A 58 -7.12 -3.49 1.30
N ARG A 59 -6.92 -4.68 1.86
CA ARG A 59 -7.18 -5.96 1.19
C ARG A 59 -8.65 -6.17 0.94
N ASP A 60 -9.45 -5.42 1.66
CA ASP A 60 -10.89 -5.46 1.49
C ASP A 60 -11.31 -4.67 0.25
N GLN A 61 -10.58 -3.62 0.01
CA GLN A 61 -10.90 -2.66 -1.02
C GLN A 61 -10.30 -3.06 -2.37
N PRO A 62 -10.94 -2.66 -3.50
CA PRO A 62 -10.43 -2.92 -4.86
C PRO A 62 -9.14 -2.16 -5.13
N GLY A 63 -8.89 -1.15 -4.29
CA GLY A 63 -7.68 -0.36 -4.35
C GLY A 63 -6.48 -1.24 -4.16
N TRP A 64 -6.63 -2.25 -3.32
CA TRP A 64 -5.55 -3.20 -3.08
C TRP A 64 -5.23 -3.96 -4.36
N ALA A 65 -6.26 -4.32 -5.10
CA ALA A 65 -6.08 -5.04 -6.36
C ALA A 65 -5.35 -4.17 -7.38
N VAL A 66 -5.60 -2.88 -7.31
CA VAL A 66 -4.90 -1.93 -8.17
C VAL A 66 -3.43 -1.85 -7.73
N PHE A 67 -3.23 -1.69 -6.42
CA PHE A 67 -1.89 -1.63 -5.81
C PHE A 67 -1.08 -2.88 -6.19
N VAL A 68 -1.71 -4.03 -6.07
CA VAL A 68 -1.08 -5.29 -6.41
C VAL A 68 -0.75 -5.36 -7.89
N LYS A 69 -1.66 -4.89 -8.74
CA LYS A 69 -1.44 -4.97 -10.19
C LYS A 69 -0.28 -4.06 -10.63
N TYR A 70 -0.01 -3.05 -9.83
CA TYR A 70 1.14 -2.21 -10.11
C TYR A 70 2.43 -2.74 -9.49
N CYS A 71 2.36 -3.25 -8.26
CA CYS A 71 3.52 -3.82 -7.64
C CYS A 71 4.08 -4.98 -8.42
N THR A 72 3.21 -5.86 -8.87
CA THR A 72 3.62 -7.01 -9.68
C THR A 72 4.27 -6.53 -10.98
N TYR A 73 3.64 -5.55 -11.56
CA TYR A 73 4.13 -4.87 -12.77
C TYR A 73 5.58 -4.36 -12.58
N TYR A 74 5.86 -3.74 -11.43
CA TYR A 74 7.22 -3.26 -11.12
C TYR A 74 8.12 -4.39 -10.60
N LYS A 75 7.49 -5.50 -10.24
CA LYS A 75 8.12 -6.72 -9.71
C LYS A 75 8.47 -6.58 -8.25
N GLY A 76 7.52 -6.08 -7.51
CA GLY A 76 7.62 -5.91 -6.11
C GLY A 76 6.55 -6.70 -5.45
N VAL A 77 6.61 -6.82 -4.18
CA VAL A 77 5.65 -7.62 -3.45
C VAL A 77 4.83 -6.72 -2.53
N PRO A 78 3.53 -6.63 -2.79
CA PRO A 78 2.63 -5.84 -1.97
C PRO A 78 2.34 -6.54 -0.63
N ASP A 79 2.42 -5.79 0.42
CA ASP A 79 2.29 -6.29 1.77
C ASP A 79 1.25 -5.52 2.52
N ALA A 80 0.43 -6.25 3.24
CA ALA A 80 -0.61 -5.71 4.08
C ALA A 80 -1.00 -6.78 5.09
N GLY A 1 6.68 -10.95 13.18
CA GLY A 1 5.24 -10.79 13.28
C GLY A 1 4.85 -9.94 14.47
N HIS A 2 4.42 -8.74 14.20
CA HIS A 2 3.99 -7.83 15.22
C HIS A 2 2.62 -7.34 14.82
N MET A 3 1.62 -7.74 15.58
CA MET A 3 0.26 -7.41 15.22
C MET A 3 -0.15 -6.03 15.68
N ALA A 4 -0.17 -5.13 14.75
CA ALA A 4 -0.74 -3.85 14.99
C ALA A 4 -2.18 -3.93 14.53
N VAL A 5 -3.03 -3.12 15.09
CA VAL A 5 -4.45 -3.15 14.74
C VAL A 5 -4.70 -2.10 13.64
N VAL A 6 -3.65 -1.80 12.93
CA VAL A 6 -3.64 -0.85 11.84
C VAL A 6 -3.00 -1.54 10.66
N TYR A 7 -3.55 -1.34 9.49
CA TYR A 7 -3.05 -1.95 8.30
C TYR A 7 -2.33 -0.92 7.47
N ALA A 8 -1.36 -1.37 6.73
CA ALA A 8 -0.59 -0.51 5.91
C ALA A 8 -0.21 -1.25 4.67
N ALA A 9 -0.21 -0.57 3.57
CA ALA A 9 0.21 -1.12 2.33
C ALA A 9 1.67 -0.88 2.17
N ARG A 10 2.36 -1.91 1.81
CA ARG A 10 3.78 -1.90 1.66
C ARG A 10 4.20 -2.80 0.53
N CYS A 11 4.92 -2.26 -0.40
CA CYS A 11 5.39 -3.02 -1.51
C CYS A 11 6.89 -3.17 -1.30
N LYS A 12 7.32 -4.37 -1.01
CA LYS A 12 8.70 -4.61 -0.63
C LYS A 12 9.49 -5.11 -1.81
N PHE A 13 10.70 -4.61 -1.94
CA PHE A 13 11.56 -4.92 -3.08
C PHE A 13 12.95 -5.30 -2.63
N GLY A 14 13.25 -6.60 -2.72
CA GLY A 14 14.57 -7.13 -2.38
C GLY A 14 14.85 -7.17 -0.89
N ASN A 15 14.74 -6.02 -0.26
CA ASN A 15 15.01 -5.82 1.15
C ASN A 15 13.93 -6.51 1.99
N PRO A 16 14.31 -7.52 2.80
CA PRO A 16 13.37 -8.26 3.66
C PRO A 16 12.68 -7.36 4.66
N LEU A 17 11.34 -7.33 4.58
CA LEU A 17 10.46 -6.55 5.45
C LEU A 17 10.68 -5.06 5.28
N VAL A 18 11.20 -4.66 4.15
CA VAL A 18 11.44 -3.27 3.89
C VAL A 18 10.74 -2.83 2.63
N GLN A 19 9.69 -2.10 2.84
CA GLN A 19 8.94 -1.47 1.81
C GLN A 19 9.85 -0.53 1.01
N ASN A 20 9.73 -0.53 -0.30
CA ASN A 20 10.45 0.46 -1.08
C ASN A 20 9.63 1.72 -1.05
N ASN A 21 10.13 2.75 -0.39
CA ASN A 21 9.41 4.01 -0.21
C ASN A 21 9.00 4.64 -1.54
N ARG A 22 9.93 4.63 -2.47
CA ARG A 22 9.73 5.22 -3.79
C ARG A 22 8.62 4.57 -4.56
N ILE A 23 8.77 3.31 -4.80
CA ILE A 23 7.84 2.58 -5.59
C ILE A 23 6.49 2.46 -4.91
N THR A 24 6.48 2.23 -3.60
CA THR A 24 5.20 2.11 -2.90
C THR A 24 4.44 3.44 -2.93
N ARG A 25 5.14 4.55 -2.75
CA ARG A 25 4.51 5.86 -2.81
C ARG A 25 3.92 6.10 -4.21
N ALA A 26 4.66 5.67 -5.23
CA ALA A 26 4.21 5.78 -6.61
C ALA A 26 2.99 4.89 -6.84
N VAL A 27 3.09 3.64 -6.43
CA VAL A 27 2.02 2.67 -6.57
C VAL A 27 0.76 3.11 -5.83
N CYS A 28 0.91 3.54 -4.59
CA CYS A 28 -0.23 4.01 -3.80
C CYS A 28 -0.89 5.22 -4.45
N ASP A 29 -0.07 6.11 -5.03
CA ASP A 29 -0.60 7.29 -5.74
C ASP A 29 -1.42 6.84 -6.92
N LEU A 30 -0.80 6.00 -7.74
CA LEU A 30 -1.44 5.43 -8.94
C LEU A 30 -2.70 4.65 -8.57
N THR A 31 -2.63 3.92 -7.49
CA THR A 31 -3.74 3.17 -6.97
C THR A 31 -4.89 4.11 -6.62
N ASN A 32 -4.57 5.15 -5.86
CA ASN A 32 -5.55 6.11 -5.41
C ASN A 32 -6.12 6.86 -6.60
N GLU A 33 -5.28 7.10 -7.59
CA GLU A 33 -5.65 7.74 -8.86
C GLU A 33 -6.86 7.04 -9.51
N HIS A 34 -6.86 5.71 -9.45
CA HIS A 34 -7.95 4.90 -9.98
C HIS A 34 -9.10 4.79 -8.98
N THR A 35 -8.77 4.69 -7.73
CA THR A 35 -9.76 4.46 -6.69
C THR A 35 -10.02 5.71 -5.84
N THR A 36 -10.05 6.85 -6.51
CA THR A 36 -10.23 8.14 -5.89
C THR A 36 -11.56 8.23 -5.17
N LYS A 37 -12.59 7.70 -5.80
CA LYS A 37 -13.93 7.75 -5.28
C LYS A 37 -14.24 6.55 -4.42
N ASP A 38 -13.25 5.72 -4.22
CA ASP A 38 -13.41 4.54 -3.40
C ASP A 38 -12.87 4.82 -2.03
N GLY A 39 -11.72 5.45 -1.97
CA GLY A 39 -11.11 5.71 -0.75
C GLY A 39 -9.84 6.45 -0.94
N SER A 40 -9.69 7.44 -0.17
CA SER A 40 -8.48 8.23 -0.09
C SER A 40 -7.32 7.42 0.50
N TRP A 41 -6.41 7.04 -0.34
CA TRP A 41 -5.24 6.34 0.11
C TRP A 41 -4.10 7.35 0.18
N HIS A 42 -3.31 7.30 1.21
CA HIS A 42 -2.23 8.27 1.38
C HIS A 42 -0.98 7.58 1.90
N TYR A 43 0.17 8.04 1.47
CA TYR A 43 1.41 7.44 1.85
C TYR A 43 2.09 8.24 2.93
N VAL A 44 2.35 7.59 4.03
CA VAL A 44 3.15 8.16 5.05
C VAL A 44 4.45 7.42 4.95
N GLU A 45 5.57 8.01 5.33
CA GLU A 45 6.87 7.37 5.16
C GLU A 45 6.94 6.00 5.86
N VAL A 46 7.95 5.23 5.47
CA VAL A 46 8.16 3.80 5.84
C VAL A 46 7.93 3.40 7.31
N ASP A 47 7.96 4.34 8.22
CA ASP A 47 7.66 4.03 9.62
C ASP A 47 6.17 3.77 9.83
N ASN A 48 5.35 4.36 8.98
CA ASN A 48 3.90 4.19 9.08
C ASN A 48 3.35 3.52 7.81
N GLU A 49 3.96 3.84 6.64
CA GLU A 49 3.67 3.19 5.33
C GLU A 49 2.37 3.73 4.67
N CYS A 50 1.87 3.05 3.62
CA CYS A 50 0.67 3.51 2.92
C CYS A 50 -0.58 3.22 3.71
N LYS A 51 -1.30 4.24 4.08
CA LYS A 51 -2.50 4.04 4.81
C LYS A 51 -3.70 4.23 3.92
N TYR A 52 -4.60 3.31 4.04
CA TYR A 52 -5.84 3.37 3.34
C TYR A 52 -6.90 3.96 4.23
N LEU A 53 -7.28 5.21 3.95
CA LEU A 53 -8.24 6.00 4.73
C LEU A 53 -7.75 6.28 6.14
N ALA A 54 -8.04 5.37 7.03
CA ALA A 54 -7.67 5.49 8.42
C ALA A 54 -6.63 4.46 8.77
N GLY A 55 -6.12 3.79 7.76
CA GLY A 55 -5.17 2.74 7.98
C GLY A 55 -5.90 1.46 8.27
N ASP A 56 -6.99 1.27 7.57
CA ASP A 56 -7.81 0.08 7.74
C ASP A 56 -7.34 -0.94 6.71
N ASN A 57 -7.99 -2.09 6.65
CA ASN A 57 -7.58 -3.16 5.79
C ASN A 57 -7.79 -2.80 4.32
N PRO A 58 -6.70 -2.68 3.55
CA PRO A 58 -6.76 -2.29 2.16
C PRO A 58 -7.31 -3.41 1.29
N ARG A 59 -7.12 -4.66 1.73
CA ARG A 59 -7.47 -5.85 0.94
C ARG A 59 -8.96 -5.92 0.62
N ASP A 60 -9.77 -5.34 1.47
CA ASP A 60 -11.21 -5.32 1.28
C ASP A 60 -11.58 -4.44 0.09
N GLN A 61 -10.84 -3.37 -0.06
CA GLN A 61 -11.12 -2.36 -1.05
C GLN A 61 -10.43 -2.72 -2.37
N PRO A 62 -11.07 -2.36 -3.52
CA PRO A 62 -10.52 -2.61 -4.87
C PRO A 62 -9.14 -1.95 -5.07
N GLY A 63 -8.88 -0.95 -4.23
CA GLY A 63 -7.61 -0.27 -4.24
C GLY A 63 -6.46 -1.24 -4.07
N TRP A 64 -6.66 -2.24 -3.23
CA TRP A 64 -5.62 -3.23 -3.00
C TRP A 64 -5.33 -4.02 -4.26
N ALA A 65 -6.37 -4.36 -5.01
CA ALA A 65 -6.22 -5.10 -6.26
C ALA A 65 -5.42 -4.27 -7.27
N VAL A 66 -5.65 -2.96 -7.23
CA VAL A 66 -4.92 -2.03 -8.08
C VAL A 66 -3.45 -1.94 -7.60
N PHE A 67 -3.27 -1.82 -6.30
CA PHE A 67 -1.94 -1.79 -5.67
C PHE A 67 -1.15 -3.04 -6.08
N VAL A 68 -1.82 -4.18 -6.01
CA VAL A 68 -1.22 -5.45 -6.37
C VAL A 68 -0.83 -5.47 -7.85
N LYS A 69 -1.70 -4.96 -8.73
CA LYS A 69 -1.42 -4.99 -10.16
C LYS A 69 -0.22 -4.12 -10.50
N TYR A 70 -0.02 -3.04 -9.78
CA TYR A 70 1.14 -2.22 -10.04
C TYR A 70 2.41 -2.77 -9.37
N CYS A 71 2.26 -3.44 -8.25
CA CYS A 71 3.37 -4.09 -7.60
C CYS A 71 3.90 -5.26 -8.40
N THR A 72 3.01 -6.07 -8.95
CA THR A 72 3.42 -7.18 -9.79
C THR A 72 4.09 -6.63 -11.04
N TYR A 73 3.46 -5.58 -11.57
CA TYR A 73 4.01 -4.77 -12.68
C TYR A 73 5.47 -4.32 -12.42
N TYR A 74 5.76 -3.78 -11.25
CA TYR A 74 7.12 -3.35 -10.90
C TYR A 74 7.99 -4.50 -10.37
N LYS A 75 7.37 -5.65 -10.15
CA LYS A 75 8.04 -6.85 -9.66
C LYS A 75 8.46 -6.70 -8.21
N GLY A 76 7.48 -6.52 -7.38
CA GLY A 76 7.66 -6.40 -5.97
C GLY A 76 6.60 -7.16 -5.29
N VAL A 77 6.64 -7.19 -3.99
CA VAL A 77 5.67 -7.92 -3.23
C VAL A 77 4.76 -6.98 -2.46
N PRO A 78 3.47 -6.95 -2.81
CA PRO A 78 2.48 -6.17 -2.10
C PRO A 78 2.03 -6.88 -0.82
N ASP A 79 2.25 -6.26 0.29
CA ASP A 79 2.00 -6.84 1.58
C ASP A 79 1.16 -5.90 2.44
N ALA A 80 0.35 -6.47 3.29
CA ALA A 80 -0.50 -5.75 4.21
C ALA A 80 -0.78 -6.67 5.37
N GLY A 1 -7.06 -3.99 22.47
CA GLY A 1 -5.71 -4.40 22.78
C GLY A 1 -4.80 -3.22 22.89
N HIS A 2 -3.53 -3.45 23.17
CA HIS A 2 -2.57 -2.38 23.29
C HIS A 2 -1.89 -2.14 21.95
N MET A 3 -1.73 -3.20 21.21
CA MET A 3 -1.18 -3.12 19.88
C MET A 3 -2.35 -3.10 18.93
N ALA A 4 -2.57 -1.96 18.32
CA ALA A 4 -3.67 -1.81 17.41
C ALA A 4 -3.30 -2.35 16.06
N VAL A 5 -4.17 -3.13 15.49
CA VAL A 5 -3.94 -3.75 14.23
C VAL A 5 -4.41 -2.82 13.16
N VAL A 6 -3.60 -1.86 12.90
CA VAL A 6 -3.83 -0.90 11.88
C VAL A 6 -3.17 -1.44 10.64
N TYR A 7 -3.83 -1.35 9.54
CA TYR A 7 -3.31 -1.90 8.33
C TYR A 7 -2.69 -0.84 7.49
N ALA A 8 -1.55 -1.14 7.00
CA ALA A 8 -0.79 -0.26 6.19
C ALA A 8 -0.18 -1.03 5.06
N ALA A 9 -0.21 -0.45 3.92
CA ALA A 9 0.31 -1.07 2.75
C ALA A 9 1.76 -0.67 2.57
N ARG A 10 2.51 -1.61 2.07
CA ARG A 10 3.90 -1.44 1.78
C ARG A 10 4.27 -2.32 0.62
N CYS A 11 5.06 -1.82 -0.28
CA CYS A 11 5.48 -2.61 -1.40
C CYS A 11 6.98 -2.80 -1.29
N LYS A 12 7.36 -4.03 -1.06
CA LYS A 12 8.73 -4.36 -0.73
C LYS A 12 9.46 -4.87 -1.97
N PHE A 13 10.67 -4.38 -2.17
CA PHE A 13 11.46 -4.67 -3.37
C PHE A 13 12.88 -5.05 -3.04
N GLY A 14 13.28 -6.23 -3.48
CA GLY A 14 14.64 -6.70 -3.34
C GLY A 14 15.05 -7.02 -1.92
N ASN A 15 15.29 -5.99 -1.16
CA ASN A 15 15.75 -6.08 0.23
C ASN A 15 14.75 -6.86 1.06
N PRO A 16 15.23 -7.84 1.85
CA PRO A 16 14.37 -8.73 2.64
C PRO A 16 13.43 -7.99 3.56
N LEU A 17 12.14 -8.06 3.23
CA LEU A 17 11.04 -7.44 3.96
C LEU A 17 11.18 -5.91 4.09
N VAL A 18 11.89 -5.30 3.18
CA VAL A 18 12.07 -3.87 3.22
C VAL A 18 11.24 -3.18 2.14
N GLN A 19 10.31 -2.37 2.59
CA GLN A 19 9.47 -1.54 1.73
C GLN A 19 10.34 -0.59 0.89
N ASN A 20 10.01 -0.49 -0.38
CA ASN A 20 10.64 0.50 -1.21
C ASN A 20 9.79 1.74 -1.12
N ASN A 21 10.25 2.71 -0.36
CA ASN A 21 9.47 3.92 -0.06
C ASN A 21 9.03 4.67 -1.32
N ARG A 22 9.91 4.73 -2.31
CA ARG A 22 9.60 5.43 -3.56
C ARG A 22 8.49 4.75 -4.31
N ILE A 23 8.69 3.48 -4.61
CA ILE A 23 7.70 2.73 -5.35
C ILE A 23 6.40 2.59 -4.57
N THR A 24 6.48 2.42 -3.26
CA THR A 24 5.27 2.33 -2.44
C THR A 24 4.45 3.62 -2.55
N ARG A 25 5.12 4.78 -2.46
CA ARG A 25 4.43 6.04 -2.61
C ARG A 25 3.83 6.13 -4.00
N ALA A 26 4.64 5.81 -5.01
CA ALA A 26 4.23 5.86 -6.41
C ALA A 26 3.01 4.98 -6.65
N VAL A 27 3.06 3.74 -6.19
CA VAL A 27 1.97 2.82 -6.37
C VAL A 27 0.72 3.28 -5.60
N CYS A 28 0.89 3.77 -4.37
CA CYS A 28 -0.25 4.30 -3.61
C CYS A 28 -0.86 5.53 -4.30
N ASP A 29 -0.02 6.31 -4.95
CA ASP A 29 -0.45 7.50 -5.68
C ASP A 29 -1.28 7.08 -6.87
N LEU A 30 -0.70 6.19 -7.65
CA LEU A 30 -1.34 5.61 -8.84
C LEU A 30 -2.64 4.92 -8.47
N THR A 31 -2.59 4.11 -7.43
CA THR A 31 -3.75 3.41 -6.94
C THR A 31 -4.84 4.38 -6.56
N ASN A 32 -4.49 5.39 -5.77
CA ASN A 32 -5.45 6.38 -5.32
C ASN A 32 -6.03 7.12 -6.49
N GLU A 33 -5.24 7.37 -7.51
CA GLU A 33 -5.69 8.03 -8.72
C GLU A 33 -6.81 7.24 -9.38
N HIS A 34 -6.58 5.96 -9.54
CA HIS A 34 -7.54 5.08 -10.20
C HIS A 34 -8.73 4.73 -9.30
N THR A 35 -8.55 4.82 -8.01
CA THR A 35 -9.60 4.48 -7.08
C THR A 35 -9.89 5.66 -6.14
N THR A 36 -9.90 6.84 -6.73
CA THR A 36 -10.06 8.11 -6.05
C THR A 36 -11.36 8.20 -5.26
N LYS A 37 -12.44 7.85 -5.89
CA LYS A 37 -13.75 7.92 -5.29
C LYS A 37 -14.12 6.59 -4.65
N ASP A 38 -13.16 5.70 -4.64
CA ASP A 38 -13.31 4.39 -4.03
C ASP A 38 -12.74 4.41 -2.64
N GLY A 39 -11.79 5.30 -2.41
CA GLY A 39 -11.17 5.39 -1.16
C GLY A 39 -9.94 6.23 -1.23
N SER A 40 -9.86 7.15 -0.36
CA SER A 40 -8.70 7.99 -0.20
C SER A 40 -7.53 7.19 0.40
N TRP A 41 -6.57 6.87 -0.42
CA TRP A 41 -5.42 6.17 0.01
C TRP A 41 -4.27 7.17 0.13
N HIS A 42 -3.54 7.13 1.20
CA HIS A 42 -2.51 8.12 1.43
C HIS A 42 -1.25 7.52 2.04
N TYR A 43 -0.12 7.92 1.52
CA TYR A 43 1.14 7.38 1.95
C TYR A 43 1.78 8.24 3.02
N VAL A 44 2.05 7.65 4.14
CA VAL A 44 2.79 8.29 5.18
C VAL A 44 4.12 7.58 5.16
N GLU A 45 5.19 8.19 5.63
CA GLU A 45 6.49 7.55 5.55
C GLU A 45 6.55 6.28 6.43
N VAL A 46 7.67 5.57 6.34
CA VAL A 46 7.86 4.21 6.92
C VAL A 46 7.46 4.04 8.39
N ASP A 47 7.39 5.11 9.16
CA ASP A 47 6.92 5.01 10.56
C ASP A 47 5.46 4.58 10.61
N ASN A 48 4.69 4.95 9.60
CA ASN A 48 3.26 4.66 9.60
C ASN A 48 2.83 3.90 8.33
N GLU A 49 3.53 4.18 7.20
CA GLU A 49 3.36 3.47 5.91
C GLU A 49 2.11 3.95 5.14
N CYS A 50 1.73 3.21 4.12
CA CYS A 50 0.63 3.64 3.26
C CYS A 50 -0.71 3.29 3.89
N LYS A 51 -1.48 4.29 4.25
CA LYS A 51 -2.73 4.05 4.88
C LYS A 51 -3.88 4.14 3.91
N TYR A 52 -4.76 3.21 4.05
CA TYR A 52 -5.97 3.19 3.26
C TYR A 52 -7.12 3.71 4.10
N LEU A 53 -7.55 4.94 3.80
CA LEU A 53 -8.63 5.64 4.51
C LEU A 53 -8.30 5.90 5.98
N ALA A 54 -8.72 4.99 6.83
CA ALA A 54 -8.50 5.12 8.26
C ALA A 54 -7.42 4.16 8.69
N GLY A 55 -6.71 3.61 7.73
CA GLY A 55 -5.70 2.62 8.00
C GLY A 55 -6.35 1.29 8.27
N ASP A 56 -7.31 0.97 7.44
CA ASP A 56 -8.04 -0.25 7.61
C ASP A 56 -7.49 -1.24 6.59
N ASN A 57 -8.02 -2.45 6.54
CA ASN A 57 -7.48 -3.47 5.64
C ASN A 57 -7.74 -3.13 4.18
N PRO A 58 -6.68 -2.86 3.39
CA PRO A 58 -6.82 -2.53 1.99
C PRO A 58 -7.29 -3.72 1.18
N ARG A 59 -6.92 -4.91 1.68
CA ARG A 59 -7.17 -6.22 1.03
C ARG A 59 -8.60 -6.39 0.55
N ASP A 60 -9.54 -5.95 1.36
CA ASP A 60 -10.97 -6.10 1.06
C ASP A 60 -11.40 -5.17 -0.07
N GLN A 61 -10.72 -4.06 -0.17
CA GLN A 61 -11.06 -3.00 -1.10
C GLN A 61 -10.41 -3.25 -2.46
N PRO A 62 -11.08 -2.81 -3.56
CA PRO A 62 -10.54 -2.94 -4.94
C PRO A 62 -9.22 -2.17 -5.09
N GLY A 63 -9.00 -1.22 -4.20
CA GLY A 63 -7.78 -0.45 -4.19
C GLY A 63 -6.57 -1.34 -4.01
N TRP A 64 -6.72 -2.38 -3.20
CA TRP A 64 -5.62 -3.32 -2.99
C TRP A 64 -5.32 -4.07 -4.26
N ALA A 65 -6.37 -4.42 -5.00
CA ALA A 65 -6.21 -5.13 -6.26
C ALA A 65 -5.42 -4.27 -7.23
N VAL A 66 -5.67 -2.98 -7.20
CA VAL A 66 -4.95 -2.03 -8.03
C VAL A 66 -3.48 -1.95 -7.58
N PHE A 67 -3.27 -1.77 -6.28
CA PHE A 67 -1.92 -1.71 -5.69
C PHE A 67 -1.14 -2.99 -6.07
N VAL A 68 -1.80 -4.12 -5.95
CA VAL A 68 -1.24 -5.41 -6.29
C VAL A 68 -0.89 -5.47 -7.78
N LYS A 69 -1.80 -5.04 -8.65
CA LYS A 69 -1.58 -5.14 -10.09
C LYS A 69 -0.40 -4.28 -10.54
N TYR A 70 -0.13 -3.21 -9.80
CA TYR A 70 1.03 -2.39 -10.08
C TYR A 70 2.31 -2.99 -9.53
N CYS A 71 2.31 -3.37 -8.26
CA CYS A 71 3.47 -3.96 -7.63
C CYS A 71 3.95 -5.23 -8.34
N THR A 72 3.04 -6.08 -8.73
CA THR A 72 3.40 -7.31 -9.40
C THR A 72 3.99 -7.04 -10.78
N TYR A 73 3.34 -6.12 -11.47
CA TYR A 73 3.79 -5.60 -12.77
C TYR A 73 5.24 -5.08 -12.69
N TYR A 74 5.55 -4.33 -11.63
CA TYR A 74 6.89 -3.76 -11.43
C TYR A 74 7.85 -4.78 -10.80
N LYS A 75 7.27 -5.85 -10.27
CA LYS A 75 7.98 -6.96 -9.61
C LYS A 75 8.40 -6.63 -8.19
N GLY A 76 7.43 -6.48 -7.34
CA GLY A 76 7.63 -6.21 -5.96
C GLY A 76 6.54 -6.87 -5.18
N VAL A 77 6.69 -6.88 -3.89
CA VAL A 77 5.77 -7.55 -3.03
C VAL A 77 4.81 -6.58 -2.35
N PRO A 78 3.52 -6.63 -2.69
CA PRO A 78 2.52 -5.82 -2.04
C PRO A 78 2.10 -6.48 -0.72
N ASP A 79 2.39 -5.83 0.36
CA ASP A 79 2.18 -6.38 1.67
C ASP A 79 1.37 -5.44 2.54
N ALA A 80 0.48 -6.03 3.29
CA ALA A 80 -0.41 -5.37 4.20
C ALA A 80 -1.07 -6.44 5.02
N GLY A 1 5.05 -10.14 15.63
CA GLY A 1 4.92 -8.74 15.99
C GLY A 1 3.96 -8.55 17.11
N HIS A 2 3.31 -7.42 17.14
CA HIS A 2 2.32 -7.13 18.15
C HIS A 2 0.96 -7.29 17.54
N MET A 3 -0.01 -7.65 18.34
CA MET A 3 -1.35 -7.75 17.83
C MET A 3 -1.98 -6.38 17.83
N ALA A 4 -1.65 -5.64 16.83
CA ALA A 4 -2.20 -4.35 16.59
C ALA A 4 -2.78 -4.37 15.23
N VAL A 5 -4.05 -4.51 15.15
CA VAL A 5 -4.71 -4.67 13.89
C VAL A 5 -4.97 -3.32 13.25
N VAL A 6 -3.93 -2.79 12.71
CA VAL A 6 -3.93 -1.59 11.97
C VAL A 6 -3.43 -1.96 10.62
N TYR A 7 -4.07 -1.49 9.61
CA TYR A 7 -3.71 -1.90 8.29
C TYR A 7 -2.86 -0.86 7.62
N ALA A 8 -1.86 -1.32 6.94
CA ALA A 8 -0.97 -0.48 6.19
C ALA A 8 -0.49 -1.28 5.01
N ALA A 9 -0.30 -0.61 3.92
CA ALA A 9 0.15 -1.24 2.71
C ALA A 9 1.60 -0.91 2.50
N ARG A 10 2.33 -1.89 2.05
CA ARG A 10 3.74 -1.74 1.80
C ARG A 10 4.12 -2.56 0.59
N CYS A 11 4.98 -2.03 -0.23
CA CYS A 11 5.47 -2.74 -1.38
C CYS A 11 6.96 -2.93 -1.19
N LYS A 12 7.39 -4.15 -0.91
CA LYS A 12 8.76 -4.39 -0.59
C LYS A 12 9.48 -4.86 -1.83
N PHE A 13 10.74 -4.52 -1.96
CA PHE A 13 11.51 -4.90 -3.13
C PHE A 13 12.76 -5.66 -2.78
N GLY A 14 12.69 -6.97 -2.96
CA GLY A 14 13.85 -7.83 -2.78
C GLY A 14 14.23 -8.10 -1.33
N ASN A 15 14.45 -7.05 -0.59
CA ASN A 15 14.94 -7.15 0.78
C ASN A 15 13.78 -7.28 1.76
N PRO A 16 13.93 -8.16 2.77
CA PRO A 16 12.89 -8.39 3.76
C PRO A 16 12.68 -7.16 4.65
N LEU A 17 11.41 -6.84 4.88
CA LEU A 17 10.96 -5.70 5.70
C LEU A 17 11.37 -4.34 5.12
N VAL A 18 11.75 -4.33 3.87
CA VAL A 18 12.16 -3.10 3.23
C VAL A 18 11.12 -2.65 2.21
N GLN A 19 10.23 -1.81 2.64
CA GLN A 19 9.27 -1.18 1.78
C GLN A 19 10.01 -0.22 0.88
N ASN A 20 9.80 -0.31 -0.41
CA ASN A 20 10.43 0.62 -1.31
C ASN A 20 9.66 1.90 -1.23
N ASN A 21 10.30 2.93 -0.73
CA ASN A 21 9.63 4.19 -0.48
C ASN A 21 9.10 4.83 -1.74
N ARG A 22 9.86 4.75 -2.83
CA ARG A 22 9.46 5.37 -4.08
C ARG A 22 8.30 4.66 -4.74
N ILE A 23 8.44 3.37 -4.95
CA ILE A 23 7.40 2.59 -5.59
C ILE A 23 6.11 2.64 -4.80
N THR A 24 6.18 2.39 -3.50
CA THR A 24 4.98 2.44 -2.67
C THR A 24 4.32 3.85 -2.76
N ARG A 25 5.14 4.89 -2.72
CA ARG A 25 4.68 6.28 -2.88
C ARG A 25 3.90 6.43 -4.20
N ALA A 26 4.55 6.10 -5.31
CA ALA A 26 3.98 6.22 -6.64
C ALA A 26 2.74 5.35 -6.82
N VAL A 27 2.82 4.11 -6.36
CA VAL A 27 1.71 3.18 -6.49
C VAL A 27 0.52 3.62 -5.66
N CYS A 28 0.76 4.18 -4.48
CA CYS A 28 -0.34 4.70 -3.68
C CYS A 28 -0.99 5.90 -4.36
N ASP A 29 -0.17 6.73 -5.03
CA ASP A 29 -0.70 7.85 -5.81
C ASP A 29 -1.60 7.34 -6.92
N LEU A 30 -1.05 6.42 -7.71
CA LEU A 30 -1.76 5.81 -8.84
C LEU A 30 -3.05 5.15 -8.37
N THR A 31 -2.94 4.31 -7.36
CA THR A 31 -4.07 3.63 -6.80
C THR A 31 -5.16 4.60 -6.28
N ASN A 32 -4.73 5.68 -5.63
CA ASN A 32 -5.65 6.66 -5.05
C ASN A 32 -6.29 7.46 -6.18
N GLU A 33 -5.64 7.44 -7.33
CA GLU A 33 -6.12 8.13 -8.50
C GLU A 33 -7.06 7.23 -9.29
N HIS A 34 -6.80 5.94 -9.23
CA HIS A 34 -7.65 4.94 -9.87
C HIS A 34 -8.93 4.70 -9.07
N THR A 35 -8.78 4.53 -7.78
CA THR A 35 -9.91 4.23 -6.94
C THR A 35 -10.16 5.39 -5.97
N THR A 36 -10.41 6.54 -6.56
CA THR A 36 -10.57 7.81 -5.86
C THR A 36 -11.72 7.80 -4.85
N LYS A 37 -12.88 7.45 -5.33
CA LYS A 37 -14.09 7.47 -4.53
C LYS A 37 -14.22 6.20 -3.72
N ASP A 38 -13.36 5.27 -4.02
CA ASP A 38 -13.37 3.99 -3.36
C ASP A 38 -12.49 3.98 -2.16
N GLY A 39 -11.73 5.05 -1.99
CA GLY A 39 -10.93 5.14 -0.85
C GLY A 39 -9.85 6.16 -1.01
N SER A 40 -9.82 7.05 -0.09
CA SER A 40 -8.76 8.01 0.02
C SER A 40 -7.52 7.31 0.56
N TRP A 41 -6.62 6.98 -0.30
CA TRP A 41 -5.44 6.31 0.10
C TRP A 41 -4.33 7.33 0.26
N HIS A 42 -3.50 7.19 1.25
CA HIS A 42 -2.44 8.15 1.47
C HIS A 42 -1.17 7.47 1.99
N TYR A 43 -0.07 7.81 1.40
CA TYR A 43 1.19 7.24 1.77
C TYR A 43 1.79 7.99 2.94
N VAL A 44 2.24 7.28 3.93
CA VAL A 44 2.92 7.88 5.04
C VAL A 44 4.32 7.28 5.08
N GLU A 45 5.23 7.99 5.72
CA GLU A 45 6.64 7.62 5.87
C GLU A 45 6.85 6.16 6.24
N VAL A 46 8.02 5.65 5.85
CA VAL A 46 8.42 4.25 6.05
C VAL A 46 8.54 3.90 7.53
N ASP A 47 7.42 3.53 8.07
CA ASP A 47 7.21 3.20 9.46
C ASP A 47 5.74 3.07 9.62
N ASN A 48 5.08 4.10 9.13
CA ASN A 48 3.64 4.20 9.25
C ASN A 48 3.03 3.62 7.99
N GLU A 49 3.78 3.76 6.87
CA GLU A 49 3.51 3.04 5.63
C GLU A 49 2.31 3.61 4.90
N CYS A 50 1.84 2.96 3.89
CA CYS A 50 0.74 3.50 3.13
C CYS A 50 -0.57 3.23 3.85
N LYS A 51 -1.26 4.27 4.20
CA LYS A 51 -2.50 4.19 4.91
C LYS A 51 -3.68 4.29 3.98
N TYR A 52 -4.57 3.35 4.11
CA TYR A 52 -5.76 3.33 3.32
C TYR A 52 -6.93 3.83 4.14
N LEU A 53 -7.44 5.02 3.79
CA LEU A 53 -8.54 5.70 4.50
C LEU A 53 -8.15 6.14 5.89
N ALA A 54 -8.37 5.30 6.87
CA ALA A 54 -7.97 5.58 8.23
C ALA A 54 -7.08 4.46 8.72
N GLY A 55 -6.56 3.73 7.76
CA GLY A 55 -5.72 2.60 8.04
C GLY A 55 -6.56 1.37 8.10
N ASP A 56 -7.52 1.34 7.20
CA ASP A 56 -8.44 0.25 7.06
C ASP A 56 -7.85 -0.77 6.14
N ASN A 57 -8.50 -1.91 6.05
CA ASN A 57 -8.00 -3.03 5.28
C ASN A 57 -8.00 -2.75 3.80
N PRO A 58 -6.81 -2.57 3.20
CA PRO A 58 -6.71 -2.24 1.79
C PRO A 58 -7.07 -3.43 0.94
N ARG A 59 -6.77 -4.60 1.49
CA ARG A 59 -6.86 -5.89 0.81
C ARG A 59 -8.26 -6.23 0.35
N ASP A 60 -9.23 -5.76 1.07
CA ASP A 60 -10.62 -6.07 0.74
C ASP A 60 -11.18 -5.06 -0.27
N GLN A 61 -10.53 -3.91 -0.38
CA GLN A 61 -10.94 -2.87 -1.29
C GLN A 61 -10.27 -3.06 -2.65
N PRO A 62 -10.85 -2.50 -3.75
CA PRO A 62 -10.29 -2.61 -5.11
C PRO A 62 -8.92 -1.94 -5.21
N GLY A 63 -8.67 -1.04 -4.26
CA GLY A 63 -7.40 -0.36 -4.18
C GLY A 63 -6.25 -1.32 -4.05
N TRP A 64 -6.48 -2.40 -3.32
CA TRP A 64 -5.44 -3.40 -3.14
C TRP A 64 -5.14 -4.07 -4.45
N ALA A 65 -6.17 -4.36 -5.22
CA ALA A 65 -6.04 -5.01 -6.50
C ALA A 65 -5.21 -4.15 -7.45
N VAL A 66 -5.41 -2.86 -7.35
CA VAL A 66 -4.66 -1.90 -8.14
C VAL A 66 -3.20 -1.85 -7.64
N PHE A 67 -3.04 -1.71 -6.34
CA PHE A 67 -1.73 -1.67 -5.69
C PHE A 67 -0.91 -2.93 -6.07
N VAL A 68 -1.57 -4.07 -6.02
CA VAL A 68 -0.95 -5.33 -6.37
C VAL A 68 -0.56 -5.36 -7.85
N LYS A 69 -1.48 -4.95 -8.73
CA LYS A 69 -1.22 -5.02 -10.17
C LYS A 69 -0.05 -4.14 -10.57
N TYR A 70 0.17 -3.09 -9.82
CA TYR A 70 1.32 -2.24 -10.07
C TYR A 70 2.59 -2.80 -9.46
N CYS A 71 2.51 -3.28 -8.23
CA CYS A 71 3.66 -3.85 -7.57
C CYS A 71 4.22 -5.06 -8.30
N THR A 72 3.37 -5.96 -8.76
CA THR A 72 3.81 -7.14 -9.48
C THR A 72 4.47 -6.74 -10.77
N TYR A 73 3.82 -5.80 -11.44
CA TYR A 73 4.30 -5.20 -12.66
C TYR A 73 5.71 -4.57 -12.48
N TYR A 74 5.93 -3.93 -11.33
CA TYR A 74 7.24 -3.35 -11.03
C TYR A 74 8.19 -4.37 -10.43
N LYS A 75 7.66 -5.55 -10.12
CA LYS A 75 8.41 -6.71 -9.59
C LYS A 75 8.72 -6.55 -8.10
N GLY A 76 7.73 -6.10 -7.37
CA GLY A 76 7.83 -5.92 -5.96
C GLY A 76 6.74 -6.67 -5.27
N VAL A 77 6.87 -6.88 -4.00
CA VAL A 77 5.95 -7.67 -3.26
C VAL A 77 5.03 -6.80 -2.41
N PRO A 78 3.72 -6.79 -2.73
CA PRO A 78 2.74 -6.05 -1.97
C PRO A 78 2.32 -6.81 -0.71
N ASP A 79 2.36 -6.15 0.41
CA ASP A 79 2.07 -6.76 1.68
C ASP A 79 1.27 -5.82 2.53
N ALA A 80 0.37 -6.36 3.32
CA ALA A 80 -0.42 -5.62 4.24
C ALA A 80 -0.75 -6.54 5.37
N GLY A 1 -4.04 -7.92 26.03
CA GLY A 1 -5.37 -7.53 25.55
C GLY A 1 -5.44 -7.65 24.06
N HIS A 2 -4.62 -6.90 23.36
CA HIS A 2 -4.53 -6.94 21.92
C HIS A 2 -3.35 -6.11 21.51
N MET A 3 -2.98 -6.21 20.28
CA MET A 3 -1.93 -5.38 19.74
C MET A 3 -2.57 -4.41 18.79
N ALA A 4 -1.93 -3.30 18.53
CA ALA A 4 -2.46 -2.35 17.61
C ALA A 4 -2.17 -2.84 16.20
N VAL A 5 -3.19 -3.23 15.51
CA VAL A 5 -3.03 -3.77 14.20
C VAL A 5 -3.57 -2.77 13.23
N VAL A 6 -2.72 -1.89 12.86
CA VAL A 6 -3.04 -0.86 11.92
C VAL A 6 -2.57 -1.37 10.58
N TYR A 7 -3.41 -1.28 9.61
CA TYR A 7 -3.12 -1.84 8.34
C TYR A 7 -2.49 -0.82 7.46
N ALA A 8 -1.42 -1.19 6.90
CA ALA A 8 -0.66 -0.34 6.09
C ALA A 8 -0.21 -1.07 4.86
N ALA A 9 -0.23 -0.38 3.77
CA ALA A 9 0.18 -0.96 2.53
C ALA A 9 1.63 -0.63 2.26
N ARG A 10 2.36 -1.63 1.82
CA ARG A 10 3.74 -1.48 1.46
C ARG A 10 4.09 -2.40 0.32
N CYS A 11 5.00 -1.97 -0.50
CA CYS A 11 5.46 -2.79 -1.60
C CYS A 11 6.96 -2.99 -1.41
N LYS A 12 7.33 -4.22 -1.16
CA LYS A 12 8.68 -4.57 -0.79
C LYS A 12 9.45 -5.05 -2.00
N PHE A 13 10.71 -4.64 -2.09
CA PHE A 13 11.57 -4.96 -3.23
C PHE A 13 12.95 -5.36 -2.78
N GLY A 14 13.41 -6.50 -3.26
CA GLY A 14 14.77 -6.96 -3.05
C GLY A 14 15.11 -7.41 -1.64
N ASN A 15 15.23 -6.45 -0.76
CA ASN A 15 15.69 -6.68 0.60
C ASN A 15 14.61 -7.30 1.47
N PRO A 16 15.02 -8.12 2.47
CA PRO A 16 14.10 -8.85 3.35
C PRO A 16 13.10 -7.96 4.07
N LEU A 17 11.85 -8.04 3.62
CA LEU A 17 10.71 -7.31 4.18
C LEU A 17 10.88 -5.79 4.11
N VAL A 18 11.72 -5.33 3.21
CA VAL A 18 12.01 -3.93 3.10
C VAL A 18 11.12 -3.28 2.07
N GLN A 19 10.26 -2.41 2.55
CA GLN A 19 9.41 -1.61 1.71
C GLN A 19 10.26 -0.66 0.90
N ASN A 20 10.05 -0.62 -0.39
CA ASN A 20 10.67 0.41 -1.17
C ASN A 20 9.72 1.55 -1.16
N ASN A 21 9.97 2.48 -0.28
CA ASN A 21 9.10 3.63 -0.02
C ASN A 21 8.79 4.43 -1.28
N ARG A 22 9.79 4.58 -2.14
CA ARG A 22 9.67 5.31 -3.40
C ARG A 22 8.62 4.66 -4.30
N ILE A 23 8.80 3.37 -4.56
CA ILE A 23 7.90 2.64 -5.43
C ILE A 23 6.55 2.49 -4.78
N THR A 24 6.54 2.20 -3.47
CA THR A 24 5.29 2.07 -2.72
C THR A 24 4.47 3.34 -2.88
N ARG A 25 5.08 4.50 -2.63
CA ARG A 25 4.38 5.78 -2.73
C ARG A 25 3.84 5.97 -4.14
N ALA A 26 4.67 5.71 -5.15
CA ALA A 26 4.28 5.86 -6.54
C ALA A 26 3.06 4.98 -6.85
N VAL A 27 3.12 3.74 -6.41
CA VAL A 27 2.05 2.79 -6.62
C VAL A 27 0.78 3.23 -5.85
N CYS A 28 0.95 3.70 -4.63
CA CYS A 28 -0.17 4.17 -3.82
C CYS A 28 -0.85 5.38 -4.46
N ASP A 29 -0.04 6.28 -5.02
CA ASP A 29 -0.54 7.46 -5.72
C ASP A 29 -1.37 7.05 -6.92
N LEU A 30 -0.82 6.13 -7.71
CA LEU A 30 -1.50 5.61 -8.89
C LEU A 30 -2.78 4.88 -8.48
N THR A 31 -2.68 4.10 -7.44
CA THR A 31 -3.80 3.37 -6.91
C THR A 31 -4.94 4.31 -6.50
N ASN A 32 -4.62 5.39 -5.79
CA ASN A 32 -5.60 6.37 -5.35
C ASN A 32 -6.25 6.98 -6.55
N GLU A 33 -5.45 7.25 -7.58
CA GLU A 33 -5.92 7.84 -8.82
C GLU A 33 -7.03 6.97 -9.46
N HIS A 34 -6.81 5.67 -9.46
CA HIS A 34 -7.76 4.75 -10.05
C HIS A 34 -8.98 4.52 -9.15
N THR A 35 -8.76 4.57 -7.86
CA THR A 35 -9.83 4.26 -6.92
C THR A 35 -10.17 5.47 -6.02
N THR A 36 -10.24 6.64 -6.65
CA THR A 36 -10.49 7.91 -6.00
C THR A 36 -11.78 7.93 -5.15
N LYS A 37 -12.86 7.44 -5.72
CA LYS A 37 -14.13 7.47 -5.02
C LYS A 37 -14.34 6.23 -4.19
N ASP A 38 -13.43 5.30 -4.28
CA ASP A 38 -13.50 4.09 -3.47
C ASP A 38 -12.89 4.35 -2.13
N GLY A 39 -11.88 5.19 -2.11
CA GLY A 39 -11.25 5.50 -0.92
C GLY A 39 -10.04 6.34 -1.17
N SER A 40 -9.95 7.36 -0.44
CA SER A 40 -8.79 8.20 -0.41
C SER A 40 -7.63 7.49 0.27
N TRP A 41 -6.66 7.14 -0.50
CA TRP A 41 -5.50 6.51 0.00
C TRP A 41 -4.44 7.58 0.16
N HIS A 42 -3.62 7.50 1.17
CA HIS A 42 -2.63 8.52 1.43
C HIS A 42 -1.35 7.94 2.01
N TYR A 43 -0.24 8.38 1.48
CA TYR A 43 1.07 7.92 1.91
C TYR A 43 1.52 8.67 3.16
N VAL A 44 2.05 7.94 4.12
CA VAL A 44 2.61 8.47 5.31
C VAL A 44 4.02 7.84 5.43
N GLU A 45 4.93 8.42 6.22
CA GLU A 45 6.28 7.85 6.41
C GLU A 45 6.23 6.39 6.92
N VAL A 46 7.36 5.69 6.85
CA VAL A 46 7.48 4.21 7.10
C VAL A 46 6.92 3.70 8.46
N ASP A 47 6.61 4.60 9.37
CA ASP A 47 6.01 4.20 10.65
C ASP A 47 4.56 3.84 10.42
N ASN A 48 4.00 4.42 9.38
CA ASN A 48 2.60 4.20 9.06
C ASN A 48 2.43 3.67 7.64
N GLU A 49 3.33 4.07 6.74
CA GLU A 49 3.38 3.58 5.35
C GLU A 49 2.15 4.07 4.59
N CYS A 50 1.74 3.36 3.56
CA CYS A 50 0.59 3.80 2.82
C CYS A 50 -0.69 3.50 3.56
N LYS A 51 -1.33 4.53 4.05
CA LYS A 51 -2.58 4.38 4.74
C LYS A 51 -3.71 4.46 3.77
N TYR A 52 -4.63 3.58 3.93
CA TYR A 52 -5.80 3.56 3.13
C TYR A 52 -6.98 4.03 3.97
N LEU A 53 -7.46 5.25 3.70
CA LEU A 53 -8.56 5.88 4.44
C LEU A 53 -8.25 6.12 5.92
N ALA A 54 -8.58 5.15 6.74
CA ALA A 54 -8.39 5.25 8.17
C ALA A 54 -7.24 4.36 8.63
N GLY A 55 -6.57 3.76 7.67
CA GLY A 55 -5.48 2.87 7.98
C GLY A 55 -6.01 1.50 8.33
N ASP A 56 -7.10 1.14 7.69
CA ASP A 56 -7.67 -0.16 7.89
C ASP A 56 -7.23 -1.01 6.71
N ASN A 57 -7.77 -2.18 6.56
CA ASN A 57 -7.29 -3.09 5.54
C ASN A 57 -7.58 -2.56 4.13
N PRO A 58 -6.55 -2.42 3.32
CA PRO A 58 -6.71 -2.02 1.94
C PRO A 58 -7.10 -3.20 1.08
N ARG A 59 -6.90 -4.38 1.64
CA ARG A 59 -6.97 -5.65 0.95
C ARG A 59 -8.34 -5.94 0.38
N ASP A 60 -9.36 -5.63 1.14
CA ASP A 60 -10.73 -5.91 0.72
C ASP A 60 -11.25 -4.84 -0.24
N GLN A 61 -10.48 -3.78 -0.37
CA GLN A 61 -10.86 -2.65 -1.19
C GLN A 61 -10.24 -2.83 -2.58
N PRO A 62 -10.90 -2.30 -3.65
CA PRO A 62 -10.40 -2.41 -5.06
C PRO A 62 -8.99 -1.81 -5.21
N GLY A 63 -8.67 -0.87 -4.32
CA GLY A 63 -7.37 -0.24 -4.31
C GLY A 63 -6.26 -1.25 -4.17
N TRP A 64 -6.48 -2.27 -3.35
CA TRP A 64 -5.47 -3.29 -3.15
C TRP A 64 -5.20 -4.05 -4.45
N ALA A 65 -6.27 -4.31 -5.20
CA ALA A 65 -6.15 -5.02 -6.46
C ALA A 65 -5.32 -4.19 -7.44
N VAL A 66 -5.54 -2.88 -7.41
CA VAL A 66 -4.78 -1.98 -8.26
C VAL A 66 -3.30 -1.94 -7.80
N PHE A 67 -3.11 -1.77 -6.51
CA PHE A 67 -1.79 -1.74 -5.87
C PHE A 67 -1.01 -3.02 -6.23
N VAL A 68 -1.68 -4.15 -6.12
CA VAL A 68 -1.10 -5.44 -6.43
C VAL A 68 -0.74 -5.54 -7.91
N LYS A 69 -1.61 -5.04 -8.80
CA LYS A 69 -1.35 -5.15 -10.22
C LYS A 69 -0.14 -4.31 -10.63
N TYR A 70 0.12 -3.24 -9.88
CA TYR A 70 1.29 -2.42 -10.13
C TYR A 70 2.55 -3.02 -9.50
N CYS A 71 2.43 -3.55 -8.28
CA CYS A 71 3.55 -4.17 -7.63
C CYS A 71 4.07 -5.38 -8.40
N THR A 72 3.18 -6.23 -8.86
CA THR A 72 3.57 -7.41 -9.65
C THR A 72 4.22 -6.97 -10.94
N TYR A 73 3.61 -5.99 -11.55
CA TYR A 73 4.12 -5.31 -12.74
C TYR A 73 5.58 -4.80 -12.53
N TYR A 74 5.87 -4.22 -11.36
CA TYR A 74 7.23 -3.77 -11.04
C TYR A 74 8.08 -4.89 -10.44
N LYS A 75 7.45 -6.03 -10.18
CA LYS A 75 8.10 -7.25 -9.63
C LYS A 75 8.45 -7.07 -8.17
N GLY A 76 7.52 -6.52 -7.45
CA GLY A 76 7.68 -6.29 -6.05
C GLY A 76 6.63 -7.03 -5.31
N VAL A 77 6.75 -7.08 -4.02
CA VAL A 77 5.84 -7.83 -3.22
C VAL A 77 4.94 -6.89 -2.40
N PRO A 78 3.65 -6.85 -2.72
CA PRO A 78 2.69 -6.03 -2.01
C PRO A 78 2.26 -6.72 -0.71
N ASP A 79 2.30 -5.99 0.37
CA ASP A 79 1.98 -6.54 1.66
C ASP A 79 1.20 -5.56 2.51
N ALA A 80 0.23 -6.09 3.20
CA ALA A 80 -0.61 -5.38 4.11
C ALA A 80 -1.11 -6.38 5.11
N GLY A 1 -7.21 -7.14 22.63
CA GLY A 1 -7.99 -5.95 23.00
C GLY A 1 -7.13 -4.73 23.11
N HIS A 2 -7.76 -3.55 23.00
CA HIS A 2 -7.11 -2.22 23.14
C HIS A 2 -6.13 -1.95 21.96
N MET A 3 -6.21 -2.75 20.95
CA MET A 3 -5.31 -2.61 19.84
C MET A 3 -5.97 -1.88 18.71
N ALA A 4 -5.43 -0.75 18.35
CA ALA A 4 -5.87 -0.06 17.18
C ALA A 4 -5.20 -0.73 16.00
N VAL A 5 -5.95 -1.52 15.30
CA VAL A 5 -5.43 -2.34 14.25
C VAL A 5 -5.45 -1.56 12.97
N VAL A 6 -4.42 -0.86 12.79
CA VAL A 6 -4.21 -0.06 11.65
C VAL A 6 -3.38 -0.83 10.66
N TYR A 7 -3.81 -0.83 9.45
CA TYR A 7 -3.15 -1.54 8.42
C TYR A 7 -2.28 -0.62 7.63
N ALA A 8 -1.18 -1.12 7.21
CA ALA A 8 -0.21 -0.36 6.51
C ALA A 8 0.21 -1.10 5.28
N ALA A 9 -0.04 -0.53 4.15
CA ALA A 9 0.32 -1.13 2.91
C ALA A 9 1.73 -0.72 2.54
N ARG A 10 2.47 -1.65 2.01
CA ARG A 10 3.82 -1.41 1.55
C ARG A 10 4.13 -2.33 0.38
N CYS A 11 5.09 -1.97 -0.42
CA CYS A 11 5.48 -2.77 -1.53
C CYS A 11 6.99 -3.00 -1.42
N LYS A 12 7.36 -4.22 -1.15
CA LYS A 12 8.74 -4.60 -0.91
C LYS A 12 9.42 -5.06 -2.18
N PHE A 13 10.67 -4.69 -2.32
CA PHE A 13 11.40 -4.94 -3.55
C PHE A 13 12.73 -5.59 -3.30
N GLY A 14 12.80 -6.86 -3.66
CA GLY A 14 14.01 -7.61 -3.59
C GLY A 14 14.35 -8.08 -2.20
N ASN A 15 14.74 -7.15 -1.39
CA ASN A 15 15.25 -7.40 -0.07
C ASN A 15 14.14 -7.68 0.92
N PRO A 16 14.26 -8.78 1.69
CA PRO A 16 13.27 -9.16 2.70
C PRO A 16 13.14 -8.11 3.80
N LEU A 17 11.89 -7.83 4.20
CA LEU A 17 11.55 -6.87 5.25
C LEU A 17 11.92 -5.44 4.86
N VAL A 18 12.07 -5.20 3.59
CA VAL A 18 12.47 -3.92 3.12
C VAL A 18 11.49 -3.45 2.11
N GLN A 19 10.65 -2.51 2.47
CA GLN A 19 9.80 -1.99 1.49
C GLN A 19 10.50 -0.86 0.80
N ASN A 20 10.11 -0.57 -0.37
CA ASN A 20 10.70 0.52 -1.06
C ASN A 20 9.79 1.69 -0.87
N ASN A 21 10.20 2.63 -0.05
CA ASN A 21 9.35 3.76 0.33
C ASN A 21 8.94 4.59 -0.88
N ARG A 22 9.84 4.67 -1.84
CA ARG A 22 9.62 5.42 -3.05
C ARG A 22 8.52 4.77 -3.89
N ILE A 23 8.71 3.52 -4.24
CA ILE A 23 7.75 2.81 -5.07
C ILE A 23 6.44 2.59 -4.32
N THR A 24 6.49 2.37 -3.01
CA THR A 24 5.26 2.24 -2.23
C THR A 24 4.42 3.51 -2.38
N ARG A 25 5.08 4.67 -2.24
CA ARG A 25 4.39 5.94 -2.39
C ARG A 25 3.81 6.07 -3.80
N ALA A 26 4.63 5.74 -4.79
CA ALA A 26 4.25 5.82 -6.20
C ALA A 26 3.05 4.92 -6.50
N VAL A 27 3.11 3.67 -6.08
CA VAL A 27 2.05 2.72 -6.34
C VAL A 27 0.77 3.13 -5.60
N CYS A 28 0.90 3.63 -4.38
CA CYS A 28 -0.27 4.11 -3.64
C CYS A 28 -0.89 5.30 -4.37
N ASP A 29 -0.06 6.19 -4.91
CA ASP A 29 -0.53 7.32 -5.70
C ASP A 29 -1.22 6.86 -6.97
N LEU A 30 -0.68 5.84 -7.59
CA LEU A 30 -1.27 5.24 -8.79
C LEU A 30 -2.61 4.62 -8.46
N THR A 31 -2.63 3.85 -7.41
CA THR A 31 -3.82 3.17 -6.95
C THR A 31 -4.92 4.18 -6.64
N ASN A 32 -4.57 5.21 -5.87
CA ASN A 32 -5.52 6.22 -5.48
C ASN A 32 -6.00 7.01 -6.69
N GLU A 33 -5.12 7.20 -7.65
CA GLU A 33 -5.44 7.92 -8.90
C GLU A 33 -6.60 7.22 -9.62
N HIS A 34 -6.57 5.91 -9.59
CA HIS A 34 -7.58 5.09 -10.23
C HIS A 34 -8.83 4.90 -9.35
N THR A 35 -8.67 4.97 -8.04
CA THR A 35 -9.78 4.64 -7.15
C THR A 35 -10.13 5.81 -6.24
N THR A 36 -9.86 6.98 -6.74
CA THR A 36 -9.95 8.25 -6.02
C THR A 36 -11.27 8.46 -5.28
N LYS A 37 -12.37 8.30 -5.97
CA LYS A 37 -13.67 8.52 -5.38
C LYS A 37 -14.28 7.25 -4.83
N ASP A 38 -13.56 6.18 -4.89
CA ASP A 38 -14.05 4.93 -4.36
C ASP A 38 -13.37 4.61 -3.03
N GLY A 39 -12.12 4.98 -2.94
CA GLY A 39 -11.37 4.76 -1.77
C GLY A 39 -10.19 5.68 -1.76
N SER A 40 -10.25 6.65 -0.91
CA SER A 40 -9.16 7.57 -0.74
C SER A 40 -8.02 6.93 0.05
N TRP A 41 -6.98 6.61 -0.65
CA TRP A 41 -5.82 6.01 -0.06
C TRP A 41 -4.75 7.06 0.01
N HIS A 42 -3.92 7.03 1.01
CA HIS A 42 -2.88 8.03 1.17
C HIS A 42 -1.61 7.45 1.78
N TYR A 43 -0.49 7.98 1.37
CA TYR A 43 0.79 7.51 1.87
C TYR A 43 1.29 8.38 3.00
N VAL A 44 1.64 7.75 4.08
CA VAL A 44 2.27 8.40 5.17
C VAL A 44 3.67 7.83 5.17
N GLU A 45 4.64 8.50 5.76
CA GLU A 45 6.02 8.05 5.67
C GLU A 45 6.26 6.70 6.30
N VAL A 46 7.34 6.08 5.90
CA VAL A 46 7.72 4.74 6.33
C VAL A 46 8.00 4.66 7.80
N ASP A 47 6.96 4.28 8.45
CA ASP A 47 6.79 4.15 9.87
C ASP A 47 5.34 3.86 10.01
N ASN A 48 4.57 4.62 9.25
CA ASN A 48 3.16 4.49 9.24
C ASN A 48 2.73 3.86 7.91
N GLU A 49 3.43 4.25 6.81
CA GLU A 49 3.29 3.64 5.49
C GLU A 49 1.96 4.01 4.82
N CYS A 50 1.54 3.24 3.83
CA CYS A 50 0.33 3.57 3.12
C CYS A 50 -0.93 3.21 3.88
N LYS A 51 -1.67 4.23 4.27
CA LYS A 51 -2.92 4.02 4.94
C LYS A 51 -4.08 4.15 3.97
N TYR A 52 -4.98 3.24 4.05
CA TYR A 52 -6.14 3.24 3.22
C TYR A 52 -7.32 3.78 4.01
N LEU A 53 -7.84 4.94 3.59
CA LEU A 53 -8.96 5.64 4.26
C LEU A 53 -8.63 6.09 5.67
N ALA A 54 -8.89 5.25 6.64
CA ALA A 54 -8.55 5.56 8.03
C ALA A 54 -7.44 4.66 8.51
N GLY A 55 -6.88 3.92 7.58
CA GLY A 55 -5.87 2.95 7.91
C GLY A 55 -6.50 1.60 8.00
N ASP A 56 -7.54 1.45 7.23
CA ASP A 56 -8.33 0.27 7.14
C ASP A 56 -7.57 -0.77 6.37
N ASN A 57 -7.98 -1.99 6.51
CA ASN A 57 -7.35 -3.11 5.81
C ASN A 57 -7.59 -3.03 4.31
N PRO A 58 -6.50 -2.75 3.55
CA PRO A 58 -6.57 -2.53 2.10
C PRO A 58 -6.85 -3.78 1.34
N ARG A 59 -6.47 -4.92 1.91
CA ARG A 59 -6.57 -6.22 1.24
C ARG A 59 -8.01 -6.59 0.92
N ASP A 60 -8.91 -6.02 1.66
CA ASP A 60 -10.35 -6.25 1.49
C ASP A 60 -10.95 -5.27 0.45
N GLN A 61 -10.14 -4.33 0.03
CA GLN A 61 -10.58 -3.29 -0.89
C GLN A 61 -10.14 -3.59 -2.32
N PRO A 62 -10.87 -3.08 -3.34
CA PRO A 62 -10.49 -3.22 -4.76
C PRO A 62 -9.18 -2.47 -5.06
N GLY A 63 -8.92 -1.47 -4.23
CA GLY A 63 -7.70 -0.70 -4.33
C GLY A 63 -6.49 -1.57 -4.17
N TRP A 64 -6.60 -2.59 -3.35
CA TRP A 64 -5.51 -3.52 -3.14
C TRP A 64 -5.22 -4.28 -4.40
N ALA A 65 -6.26 -4.65 -5.13
CA ALA A 65 -6.11 -5.37 -6.37
C ALA A 65 -5.36 -4.50 -7.37
N VAL A 66 -5.65 -3.21 -7.34
CA VAL A 66 -4.95 -2.24 -8.17
C VAL A 66 -3.48 -2.11 -7.72
N PHE A 67 -3.29 -1.93 -6.42
CA PHE A 67 -1.93 -1.84 -5.81
C PHE A 67 -1.11 -3.09 -6.19
N VAL A 68 -1.72 -4.24 -6.06
CA VAL A 68 -1.09 -5.51 -6.40
C VAL A 68 -0.76 -5.59 -7.88
N LYS A 69 -1.65 -5.09 -8.72
CA LYS A 69 -1.44 -5.15 -10.16
C LYS A 69 -0.28 -4.25 -10.58
N TYR A 70 -0.03 -3.22 -9.80
CA TYR A 70 1.12 -2.37 -10.06
C TYR A 70 2.39 -2.92 -9.45
N CYS A 71 2.31 -3.49 -8.26
CA CYS A 71 3.45 -4.09 -7.64
C CYS A 71 3.97 -5.29 -8.44
N THR A 72 3.07 -6.11 -8.95
CA THR A 72 3.48 -7.24 -9.78
C THR A 72 4.12 -6.72 -11.06
N TYR A 73 3.48 -5.73 -11.66
CA TYR A 73 3.96 -5.02 -12.84
C TYR A 73 5.39 -4.45 -12.62
N TYR A 74 5.65 -3.89 -11.43
CA TYR A 74 6.99 -3.37 -11.09
C TYR A 74 7.92 -4.42 -10.51
N LYS A 75 7.36 -5.58 -10.22
CA LYS A 75 8.07 -6.73 -9.66
C LYS A 75 8.47 -6.49 -8.22
N GLY A 76 7.46 -6.32 -7.41
CA GLY A 76 7.60 -6.14 -6.00
C GLY A 76 6.50 -6.88 -5.30
N VAL A 77 6.57 -6.97 -4.01
CA VAL A 77 5.62 -7.72 -3.23
C VAL A 77 4.77 -6.79 -2.38
N PRO A 78 3.46 -6.74 -2.67
CA PRO A 78 2.52 -5.96 -1.91
C PRO A 78 2.15 -6.65 -0.58
N ASP A 79 2.32 -5.94 0.51
CA ASP A 79 2.07 -6.46 1.85
C ASP A 79 1.30 -5.44 2.64
N ALA A 80 0.44 -5.90 3.55
CA ALA A 80 -0.38 -5.03 4.38
C ALA A 80 -0.97 -5.81 5.54
N GLY A 1 -8.43 -7.68 19.96
CA GLY A 1 -7.08 -7.96 20.46
C GLY A 1 -6.53 -6.74 21.12
N HIS A 2 -5.43 -6.90 21.85
CA HIS A 2 -4.80 -5.79 22.57
C HIS A 2 -4.22 -4.76 21.63
N MET A 3 -3.68 -5.21 20.53
CA MET A 3 -3.05 -4.33 19.58
C MET A 3 -4.08 -3.76 18.65
N ALA A 4 -3.86 -2.54 18.24
CA ALA A 4 -4.67 -1.94 17.24
C ALA A 4 -4.18 -2.44 15.90
N VAL A 5 -4.98 -3.25 15.27
CA VAL A 5 -4.61 -3.88 14.04
C VAL A 5 -4.96 -2.98 12.90
N VAL A 6 -4.15 -2.00 12.76
CA VAL A 6 -4.24 -1.05 11.73
C VAL A 6 -3.44 -1.58 10.56
N TYR A 7 -4.01 -1.53 9.41
CA TYR A 7 -3.39 -2.09 8.24
C TYR A 7 -2.76 -1.02 7.40
N ALA A 8 -1.63 -1.34 6.88
CA ALA A 8 -0.91 -0.48 6.02
C ALA A 8 -0.38 -1.30 4.88
N ALA A 9 -0.42 -0.74 3.72
CA ALA A 9 0.06 -1.38 2.55
C ALA A 9 1.51 -1.07 2.39
N ARG A 10 2.25 -2.04 1.95
CA ARG A 10 3.66 -1.92 1.76
C ARG A 10 4.09 -2.78 0.60
N CYS A 11 4.91 -2.25 -0.23
CA CYS A 11 5.41 -2.97 -1.34
C CYS A 11 6.91 -3.13 -1.14
N LYS A 12 7.33 -4.33 -0.79
CA LYS A 12 8.72 -4.56 -0.48
C LYS A 12 9.36 -5.15 -1.71
N PHE A 13 10.64 -4.99 -1.86
CA PHE A 13 11.31 -5.47 -3.07
C PHE A 13 12.26 -6.61 -2.85
N GLY A 14 11.84 -7.53 -1.99
CA GLY A 14 12.69 -8.66 -1.67
C GLY A 14 13.66 -8.31 -0.59
N ASN A 15 13.41 -7.19 0.01
CA ASN A 15 14.21 -6.68 1.09
C ASN A 15 13.41 -6.90 2.35
N PRO A 16 14.01 -7.47 3.39
CA PRO A 16 13.31 -7.84 4.61
C PRO A 16 12.76 -6.64 5.37
N LEU A 17 11.43 -6.55 5.35
CA LEU A 17 10.67 -5.48 6.00
C LEU A 17 10.95 -4.11 5.39
N VAL A 18 11.46 -4.10 4.18
CA VAL A 18 11.79 -2.85 3.55
C VAL A 18 10.85 -2.54 2.42
N GLN A 19 9.85 -1.78 2.76
CA GLN A 19 8.94 -1.20 1.82
C GLN A 19 9.73 -0.19 0.99
N ASN A 20 9.74 -0.36 -0.32
CA ASN A 20 10.46 0.58 -1.17
C ASN A 20 9.71 1.90 -1.13
N ASN A 21 10.36 2.93 -0.63
CA ASN A 21 9.72 4.21 -0.44
C ASN A 21 9.17 4.81 -1.74
N ARG A 22 9.98 4.75 -2.79
CA ARG A 22 9.62 5.34 -4.07
C ARG A 22 8.49 4.60 -4.74
N ILE A 23 8.71 3.31 -4.95
CA ILE A 23 7.74 2.49 -5.64
C ILE A 23 6.42 2.45 -4.90
N THR A 24 6.47 2.18 -3.59
CA THR A 24 5.23 2.14 -2.81
C THR A 24 4.48 3.48 -2.90
N ARG A 25 5.22 4.60 -2.86
CA ARG A 25 4.57 5.90 -3.03
C ARG A 25 3.91 5.98 -4.40
N ALA A 26 4.64 5.61 -5.45
CA ALA A 26 4.14 5.65 -6.81
C ALA A 26 2.90 4.78 -6.96
N VAL A 27 2.98 3.57 -6.46
CA VAL A 27 1.90 2.64 -6.51
C VAL A 27 0.68 3.15 -5.74
N CYS A 28 0.89 3.64 -4.54
CA CYS A 28 -0.21 4.20 -3.74
C CYS A 28 -0.80 5.44 -4.39
N ASP A 29 0.04 6.20 -5.06
CA ASP A 29 -0.38 7.43 -5.76
C ASP A 29 -1.31 7.04 -6.88
N LEU A 30 -0.83 6.13 -7.71
CA LEU A 30 -1.59 5.62 -8.84
C LEU A 30 -2.87 4.91 -8.37
N THR A 31 -2.76 4.13 -7.33
CA THR A 31 -3.90 3.44 -6.77
C THR A 31 -4.95 4.44 -6.26
N ASN A 32 -4.49 5.48 -5.59
CA ASN A 32 -5.36 6.55 -5.12
C ASN A 32 -5.96 7.28 -6.31
N GLU A 33 -5.14 7.50 -7.34
CA GLU A 33 -5.56 8.17 -8.57
C GLU A 33 -6.71 7.41 -9.23
N HIS A 34 -6.59 6.10 -9.27
CA HIS A 34 -7.63 5.24 -9.83
C HIS A 34 -8.90 5.24 -8.98
N THR A 35 -8.74 5.26 -7.69
CA THR A 35 -9.85 5.12 -6.81
C THR A 35 -10.13 6.45 -6.11
N THR A 36 -9.88 7.54 -6.81
CA THR A 36 -9.89 8.90 -6.26
C THR A 36 -11.12 9.33 -5.46
N LYS A 37 -12.27 8.77 -5.76
CA LYS A 37 -13.46 9.19 -5.06
C LYS A 37 -13.74 8.31 -3.86
N ASP A 38 -13.21 7.12 -3.91
CA ASP A 38 -13.56 6.12 -2.91
C ASP A 38 -12.39 5.72 -2.06
N GLY A 39 -11.28 5.57 -2.69
CA GLY A 39 -10.14 5.09 -2.06
C GLY A 39 -9.19 6.18 -1.73
N SER A 40 -9.52 6.89 -0.69
CA SER A 40 -8.64 7.88 -0.17
C SER A 40 -7.53 7.19 0.59
N TRP A 41 -6.51 6.87 -0.14
CA TRP A 41 -5.38 6.20 0.40
C TRP A 41 -4.30 7.24 0.55
N HIS A 42 -3.49 7.11 1.54
CA HIS A 42 -2.44 8.05 1.78
C HIS A 42 -1.16 7.37 2.17
N TYR A 43 -0.17 7.55 1.36
CA TYR A 43 1.12 7.00 1.64
C TYR A 43 1.80 7.81 2.70
N VAL A 44 2.17 7.20 3.78
CA VAL A 44 2.89 7.86 4.77
C VAL A 44 4.27 7.26 4.68
N GLU A 45 5.27 7.91 5.22
CA GLU A 45 6.63 7.45 5.10
C GLU A 45 6.82 6.07 5.76
N VAL A 46 7.94 5.42 5.44
CA VAL A 46 8.22 3.98 5.77
C VAL A 46 7.92 3.53 7.20
N ASP A 47 7.86 4.43 8.14
CA ASP A 47 7.52 4.05 9.51
C ASP A 47 6.05 3.73 9.58
N ASN A 48 5.26 4.61 9.01
CA ASN A 48 3.83 4.54 9.15
C ASN A 48 3.20 3.80 7.96
N GLU A 49 3.90 3.83 6.78
CA GLU A 49 3.55 3.00 5.61
C GLU A 49 2.33 3.56 4.85
N CYS A 50 1.84 2.83 3.89
CA CYS A 50 0.75 3.33 3.09
C CYS A 50 -0.59 3.05 3.78
N LYS A 51 -1.21 4.07 4.30
CA LYS A 51 -2.43 3.91 5.04
C LYS A 51 -3.64 4.08 4.13
N TYR A 52 -4.53 3.13 4.19
CA TYR A 52 -5.73 3.16 3.40
C TYR A 52 -6.87 3.68 4.25
N LEU A 53 -7.36 4.88 3.90
CA LEU A 53 -8.43 5.60 4.64
C LEU A 53 -7.97 6.04 6.00
N ALA A 54 -8.09 5.19 6.95
CA ALA A 54 -7.62 5.48 8.28
C ALA A 54 -6.70 4.36 8.74
N GLY A 55 -6.37 3.50 7.81
CA GLY A 55 -5.54 2.37 8.09
C GLY A 55 -6.35 1.12 8.20
N ASP A 56 -7.32 1.03 7.33
CA ASP A 56 -8.22 -0.10 7.25
C ASP A 56 -7.57 -1.15 6.38
N ASN A 57 -8.06 -2.38 6.43
CA ASN A 57 -7.52 -3.46 5.66
C ASN A 57 -7.70 -3.23 4.18
N PRO A 58 -6.60 -3.00 3.45
CA PRO A 58 -6.65 -2.68 2.05
C PRO A 58 -6.98 -3.90 1.22
N ARG A 59 -6.66 -5.07 1.75
CA ARG A 59 -6.76 -6.34 1.03
C ARG A 59 -8.20 -6.69 0.66
N ASP A 60 -9.12 -6.14 1.39
CA ASP A 60 -10.55 -6.33 1.12
C ASP A 60 -11.04 -5.35 0.03
N GLN A 61 -10.42 -4.21 -0.04
CA GLN A 61 -10.80 -3.15 -0.96
C GLN A 61 -10.22 -3.39 -2.37
N PRO A 62 -10.93 -2.94 -3.44
CA PRO A 62 -10.46 -3.06 -4.84
C PRO A 62 -9.16 -2.27 -5.07
N GLY A 63 -8.89 -1.34 -4.14
CA GLY A 63 -7.67 -0.58 -4.17
C GLY A 63 -6.47 -1.49 -4.06
N TRP A 64 -6.63 -2.58 -3.34
CA TRP A 64 -5.57 -3.56 -3.19
C TRP A 64 -5.27 -4.21 -4.52
N ALA A 65 -6.33 -4.52 -5.26
CA ALA A 65 -6.19 -5.13 -6.58
C ALA A 65 -5.42 -4.19 -7.51
N VAL A 66 -5.67 -2.90 -7.36
CA VAL A 66 -4.95 -1.91 -8.15
C VAL A 66 -3.48 -1.84 -7.67
N PHE A 67 -3.29 -1.75 -6.36
CA PHE A 67 -1.96 -1.72 -5.73
C PHE A 67 -1.14 -2.95 -6.18
N VAL A 68 -1.78 -4.09 -6.17
CA VAL A 68 -1.14 -5.33 -6.57
C VAL A 68 -0.78 -5.32 -8.04
N LYS A 69 -1.68 -4.82 -8.90
CA LYS A 69 -1.41 -4.80 -10.34
C LYS A 69 -0.26 -3.88 -10.68
N TYR A 70 -0.03 -2.88 -9.86
CA TYR A 70 1.11 -2.01 -10.06
C TYR A 70 2.38 -2.55 -9.41
N CYS A 71 2.28 -3.13 -8.23
CA CYS A 71 3.43 -3.72 -7.59
C CYS A 71 4.04 -4.85 -8.40
N THR A 72 3.20 -5.70 -8.95
CA THR A 72 3.67 -6.79 -9.78
C THR A 72 4.32 -6.23 -11.05
N TYR A 73 3.69 -5.22 -11.59
CA TYR A 73 4.21 -4.46 -12.72
C TYR A 73 5.64 -3.93 -12.45
N TYR A 74 5.88 -3.43 -11.23
CA TYR A 74 7.22 -2.96 -10.84
C TYR A 74 8.10 -4.11 -10.31
N LYS A 75 7.48 -5.26 -10.10
CA LYS A 75 8.10 -6.49 -9.60
C LYS A 75 8.43 -6.42 -8.11
N GLY A 76 7.48 -5.88 -7.38
CA GLY A 76 7.58 -5.76 -5.96
C GLY A 76 6.51 -6.60 -5.34
N VAL A 77 6.66 -6.90 -4.09
CA VAL A 77 5.73 -7.78 -3.43
C VAL A 77 4.83 -6.97 -2.49
N PRO A 78 3.53 -6.89 -2.83
CA PRO A 78 2.56 -6.16 -2.04
C PRO A 78 2.12 -6.96 -0.80
N ASP A 79 2.17 -6.32 0.33
CA ASP A 79 1.86 -6.93 1.61
C ASP A 79 1.12 -5.93 2.48
N ALA A 80 0.25 -6.43 3.34
CA ALA A 80 -0.51 -5.61 4.26
C ALA A 80 -0.95 -6.46 5.43
N GLY A 1 0.94 -11.90 13.33
CA GLY A 1 -0.20 -11.32 14.05
C GLY A 1 0.25 -10.67 15.33
N HIS A 2 0.40 -9.36 15.31
CA HIS A 2 0.82 -8.65 16.50
C HIS A 2 -0.38 -8.03 17.15
N MET A 3 -0.26 -7.62 18.39
CA MET A 3 -1.35 -6.94 19.10
C MET A 3 -1.43 -5.50 18.65
N ALA A 4 -1.81 -5.35 17.41
CA ALA A 4 -1.96 -4.09 16.75
C ALA A 4 -2.80 -4.34 15.53
N VAL A 5 -3.94 -3.71 15.47
CA VAL A 5 -4.81 -3.91 14.34
C VAL A 5 -4.75 -2.69 13.45
N VAL A 6 -3.64 -2.57 12.75
CA VAL A 6 -3.41 -1.48 11.82
C VAL A 6 -2.90 -2.10 10.56
N TYR A 7 -3.38 -1.68 9.45
CA TYR A 7 -2.93 -2.18 8.19
C TYR A 7 -2.39 -1.05 7.36
N ALA A 8 -1.30 -1.30 6.73
CA ALA A 8 -0.65 -0.36 5.88
C ALA A 8 -0.23 -1.08 4.65
N ALA A 9 -0.09 -0.37 3.59
CA ALA A 9 0.35 -0.94 2.37
C ALA A 9 1.80 -0.63 2.18
N ARG A 10 2.51 -1.64 1.78
CA ARG A 10 3.91 -1.58 1.50
C ARG A 10 4.24 -2.43 0.31
N CYS A 11 5.13 -1.97 -0.50
CA CYS A 11 5.56 -2.71 -1.65
C CYS A 11 7.06 -2.90 -1.50
N LYS A 12 7.44 -4.09 -1.10
CA LYS A 12 8.83 -4.37 -0.82
C LYS A 12 9.49 -4.95 -2.06
N PHE A 13 10.77 -4.71 -2.23
CA PHE A 13 11.45 -5.13 -3.45
C PHE A 13 12.64 -6.04 -3.21
N GLY A 14 12.34 -7.33 -3.09
CA GLY A 14 13.36 -8.37 -2.93
C GLY A 14 14.22 -8.18 -1.71
N ASN A 15 13.65 -7.57 -0.73
CA ASN A 15 14.30 -7.26 0.52
C ASN A 15 13.32 -7.46 1.64
N PRO A 16 13.62 -8.39 2.54
CA PRO A 16 12.75 -8.67 3.68
C PRO A 16 12.62 -7.47 4.60
N LEU A 17 11.39 -7.01 4.76
CA LEU A 17 11.02 -5.86 5.60
C LEU A 17 11.58 -4.54 5.08
N VAL A 18 11.86 -4.49 3.80
CA VAL A 18 12.35 -3.26 3.22
C VAL A 18 11.44 -2.85 2.09
N GLN A 19 10.61 -1.91 2.39
CA GLN A 19 9.69 -1.35 1.45
C GLN A 19 10.46 -0.42 0.53
N ASN A 20 10.10 -0.38 -0.73
CA ASN A 20 10.69 0.61 -1.58
C ASN A 20 9.80 1.80 -1.47
N ASN A 21 10.24 2.77 -0.70
CA ASN A 21 9.46 3.96 -0.38
C ASN A 21 9.06 4.74 -1.61
N ARG A 22 9.92 4.76 -2.61
CA ARG A 22 9.69 5.47 -3.84
C ARG A 22 8.58 4.82 -4.61
N ILE A 23 8.76 3.54 -4.90
CA ILE A 23 7.79 2.80 -5.68
C ILE A 23 6.46 2.70 -4.94
N THR A 24 6.48 2.44 -3.63
CA THR A 24 5.24 2.37 -2.86
C THR A 24 4.49 3.70 -2.93
N ARG A 25 5.23 4.81 -2.77
CA ARG A 25 4.66 6.17 -2.85
C ARG A 25 3.99 6.33 -4.22
N ALA A 26 4.70 5.95 -5.27
CA ALA A 26 4.21 6.03 -6.65
C ALA A 26 2.99 5.15 -6.89
N VAL A 27 3.07 3.90 -6.47
CA VAL A 27 1.96 2.97 -6.63
C VAL A 27 0.75 3.45 -5.80
N CYS A 28 1.00 4.02 -4.65
CA CYS A 28 -0.06 4.60 -3.85
C CYS A 28 -0.71 5.79 -4.57
N ASP A 29 0.11 6.62 -5.25
CA ASP A 29 -0.40 7.73 -6.10
C ASP A 29 -1.32 7.20 -7.17
N LEU A 30 -0.83 6.18 -7.85
CA LEU A 30 -1.54 5.53 -8.94
C LEU A 30 -2.84 4.89 -8.44
N THR A 31 -2.74 4.13 -7.38
CA THR A 31 -3.89 3.46 -6.79
C THR A 31 -4.95 4.49 -6.38
N ASN A 32 -4.50 5.56 -5.73
CA ASN A 32 -5.35 6.65 -5.29
C ASN A 32 -6.08 7.24 -6.47
N GLU A 33 -5.35 7.43 -7.55
CA GLU A 33 -5.87 8.04 -8.75
C GLU A 33 -6.94 7.18 -9.41
N HIS A 34 -6.73 5.88 -9.38
CA HIS A 34 -7.67 4.94 -10.00
C HIS A 34 -8.87 4.65 -9.12
N THR A 35 -8.72 4.82 -7.83
CA THR A 35 -9.83 4.53 -6.92
C THR A 35 -10.16 5.76 -6.07
N THR A 36 -10.04 6.91 -6.69
CA THR A 36 -10.15 8.23 -6.07
C THR A 36 -11.39 8.45 -5.22
N LYS A 37 -12.54 8.11 -5.74
CA LYS A 37 -13.79 8.35 -5.04
C LYS A 37 -14.27 7.09 -4.35
N ASP A 38 -13.46 6.08 -4.37
CA ASP A 38 -13.83 4.81 -3.77
C ASP A 38 -12.82 4.44 -2.72
N GLY A 39 -11.92 5.35 -2.42
CA GLY A 39 -10.92 5.07 -1.44
C GLY A 39 -9.93 6.18 -1.27
N SER A 40 -10.00 6.83 -0.15
CA SER A 40 -9.06 7.84 0.20
C SER A 40 -7.81 7.19 0.79
N TRP A 41 -6.90 6.90 -0.07
CA TRP A 41 -5.67 6.29 0.32
C TRP A 41 -4.63 7.39 0.45
N HIS A 42 -3.76 7.27 1.40
CA HIS A 42 -2.74 8.29 1.59
C HIS A 42 -1.43 7.69 2.11
N TYR A 43 -0.34 8.22 1.68
CA TYR A 43 0.97 7.75 2.05
C TYR A 43 1.44 8.44 3.32
N VAL A 44 1.89 7.68 4.26
CA VAL A 44 2.47 8.20 5.45
C VAL A 44 3.92 7.74 5.39
N GLU A 45 4.79 8.39 6.14
CA GLU A 45 6.21 8.03 6.20
C GLU A 45 6.38 6.53 6.47
N VAL A 46 7.47 5.95 5.98
CA VAL A 46 7.73 4.47 6.04
C VAL A 46 7.68 3.83 7.43
N ASP A 47 7.63 4.64 8.46
CA ASP A 47 7.44 4.13 9.80
C ASP A 47 6.01 3.59 9.91
N ASN A 48 5.09 4.28 9.26
CA ASN A 48 3.67 3.97 9.34
C ASN A 48 3.19 3.38 8.00
N GLU A 49 3.73 3.91 6.86
CA GLU A 49 3.54 3.37 5.48
C GLU A 49 2.25 3.88 4.82
N CYS A 50 1.84 3.26 3.71
CA CYS A 50 0.64 3.72 3.00
C CYS A 50 -0.63 3.36 3.75
N LYS A 51 -1.32 4.34 4.24
CA LYS A 51 -2.56 4.11 4.94
C LYS A 51 -3.74 4.19 4.02
N TYR A 52 -4.58 3.23 4.13
CA TYR A 52 -5.81 3.22 3.39
C TYR A 52 -6.93 3.63 4.32
N LEU A 53 -7.45 4.84 4.09
CA LEU A 53 -8.52 5.44 4.90
C LEU A 53 -8.05 5.74 6.31
N ALA A 54 -8.26 4.80 7.19
CA ALA A 54 -7.90 4.96 8.58
C ALA A 54 -6.83 3.95 8.93
N GLY A 55 -6.22 3.39 7.92
CA GLY A 55 -5.24 2.34 8.13
C GLY A 55 -5.94 1.04 8.32
N ASP A 56 -7.01 0.91 7.57
CA ASP A 56 -7.88 -0.24 7.57
C ASP A 56 -7.33 -1.19 6.52
N ASN A 57 -7.71 -2.46 6.57
CA ASN A 57 -7.17 -3.42 5.62
C ASN A 57 -7.55 -3.05 4.18
N PRO A 58 -6.54 -2.74 3.35
CA PRO A 58 -6.78 -2.36 1.96
C PRO A 58 -7.24 -3.53 1.14
N ARG A 59 -6.94 -4.70 1.66
CA ARG A 59 -7.14 -6.01 1.06
C ARG A 59 -8.59 -6.28 0.64
N ASP A 60 -9.50 -5.69 1.37
CA ASP A 60 -10.93 -5.82 1.08
C ASP A 60 -11.36 -4.91 -0.06
N GLN A 61 -10.63 -3.85 -0.23
CA GLN A 61 -10.98 -2.79 -1.14
C GLN A 61 -10.34 -3.02 -2.51
N PRO A 62 -10.97 -2.50 -3.60
CA PRO A 62 -10.43 -2.63 -4.98
C PRO A 62 -9.07 -1.91 -5.12
N GLY A 63 -8.81 -1.00 -4.19
CA GLY A 63 -7.56 -0.28 -4.17
C GLY A 63 -6.39 -1.23 -4.02
N TRP A 64 -6.59 -2.28 -3.25
CA TRP A 64 -5.54 -3.27 -3.05
C TRP A 64 -5.23 -3.97 -4.36
N ALA A 65 -6.27 -4.29 -5.10
CA ALA A 65 -6.14 -4.95 -6.39
C ALA A 65 -5.31 -4.09 -7.35
N VAL A 66 -5.56 -2.78 -7.29
CA VAL A 66 -4.81 -1.84 -8.12
C VAL A 66 -3.34 -1.81 -7.68
N PHE A 67 -3.14 -1.63 -6.38
CA PHE A 67 -1.80 -1.60 -5.78
C PHE A 67 -1.02 -2.88 -6.15
N VAL A 68 -1.69 -4.01 -6.01
CA VAL A 68 -1.12 -5.29 -6.34
C VAL A 68 -0.77 -5.40 -7.81
N LYS A 69 -1.67 -4.96 -8.69
CA LYS A 69 -1.47 -5.11 -10.14
C LYS A 69 -0.29 -4.26 -10.62
N TYR A 70 -0.02 -3.18 -9.91
CA TYR A 70 1.14 -2.37 -10.23
C TYR A 70 2.41 -2.98 -9.65
N CYS A 71 2.37 -3.37 -8.38
CA CYS A 71 3.52 -3.94 -7.73
C CYS A 71 4.02 -5.20 -8.41
N THR A 72 3.12 -6.09 -8.79
CA THR A 72 3.51 -7.33 -9.43
C THR A 72 4.21 -7.06 -10.74
N TYR A 73 3.61 -6.17 -11.51
CA TYR A 73 4.16 -5.71 -12.78
C TYR A 73 5.61 -5.20 -12.59
N TYR A 74 5.82 -4.37 -11.55
CA TYR A 74 7.15 -3.80 -11.28
C TYR A 74 8.08 -4.78 -10.57
N LYS A 75 7.51 -5.91 -10.12
CA LYS A 75 8.21 -7.01 -9.42
C LYS A 75 8.45 -6.68 -7.97
N GLY A 76 7.46 -6.13 -7.37
CA GLY A 76 7.48 -5.79 -6.00
C GLY A 76 6.50 -6.65 -5.30
N VAL A 77 6.65 -6.77 -4.05
CA VAL A 77 5.79 -7.59 -3.26
C VAL A 77 4.88 -6.71 -2.41
N PRO A 78 3.59 -6.64 -2.79
CA PRO A 78 2.62 -5.87 -2.05
C PRO A 78 2.20 -6.61 -0.79
N ASP A 79 2.27 -5.93 0.31
CA ASP A 79 1.96 -6.52 1.59
C ASP A 79 1.17 -5.56 2.45
N ALA A 80 0.19 -6.10 3.13
CA ALA A 80 -0.61 -5.39 4.08
C ALA A 80 -0.92 -6.31 5.24
N GLY A 1 5.07 -5.29 18.42
CA GLY A 1 4.58 -5.53 19.78
C GLY A 1 3.51 -6.59 19.78
N HIS A 2 2.29 -6.18 19.52
CA HIS A 2 1.17 -7.08 19.43
C HIS A 2 0.43 -6.78 18.15
N MET A 3 -0.49 -7.61 17.76
CA MET A 3 -1.20 -7.38 16.53
C MET A 3 -2.39 -6.47 16.74
N ALA A 4 -2.17 -5.20 16.55
CA ALA A 4 -3.22 -4.22 16.63
C ALA A 4 -3.91 -4.17 15.29
N VAL A 5 -5.18 -3.87 15.28
CA VAL A 5 -5.92 -3.87 14.05
C VAL A 5 -5.78 -2.52 13.36
N VAL A 6 -4.61 -2.33 12.80
CA VAL A 6 -4.24 -1.16 12.04
C VAL A 6 -3.53 -1.67 10.82
N TYR A 7 -3.92 -1.23 9.68
CA TYR A 7 -3.37 -1.75 8.47
C TYR A 7 -2.60 -0.72 7.70
N ALA A 8 -1.59 -1.18 7.03
CA ALA A 8 -0.74 -0.37 6.23
C ALA A 8 -0.35 -1.17 5.03
N ALA A 9 -0.13 -0.51 3.94
CA ALA A 9 0.27 -1.16 2.73
C ALA A 9 1.71 -0.83 2.42
N ARG A 10 2.43 -1.80 1.92
CA ARG A 10 3.83 -1.65 1.60
C ARG A 10 4.16 -2.46 0.36
N CYS A 11 5.06 -1.97 -0.45
CA CYS A 11 5.49 -2.69 -1.62
C CYS A 11 7.00 -2.90 -1.49
N LYS A 12 7.37 -4.13 -1.17
CA LYS A 12 8.75 -4.47 -0.87
C LYS A 12 9.43 -5.05 -2.08
N PHE A 13 10.71 -4.80 -2.20
CA PHE A 13 11.44 -5.27 -3.36
C PHE A 13 12.51 -6.28 -3.01
N GLY A 14 12.12 -7.55 -3.12
CA GLY A 14 13.02 -8.67 -2.93
C GLY A 14 13.42 -8.92 -1.49
N ASN A 15 14.13 -7.99 -0.93
CA ASN A 15 14.72 -8.12 0.39
C ASN A 15 13.69 -7.97 1.49
N PRO A 16 13.83 -8.77 2.56
CA PRO A 16 12.90 -8.75 3.69
C PRO A 16 12.88 -7.40 4.41
N LEU A 17 11.67 -6.90 4.64
CA LEU A 17 11.42 -5.62 5.31
C LEU A 17 11.92 -4.43 4.53
N VAL A 18 12.16 -4.61 3.25
CA VAL A 18 12.62 -3.52 2.45
C VAL A 18 11.52 -3.01 1.55
N GLN A 19 10.64 -2.26 2.17
CA GLN A 19 9.63 -1.53 1.47
C GLN A 19 10.30 -0.44 0.67
N ASN A 20 10.02 -0.39 -0.60
CA ASN A 20 10.52 0.69 -1.42
C ASN A 20 9.53 1.81 -1.28
N ASN A 21 9.90 2.85 -0.57
CA ASN A 21 9.00 3.96 -0.24
C ASN A 21 8.56 4.70 -1.47
N ARG A 22 9.45 4.78 -2.43
CA ARG A 22 9.22 5.51 -3.66
C ARG A 22 8.16 4.79 -4.48
N ILE A 23 8.39 3.50 -4.71
CA ILE A 23 7.42 2.69 -5.43
C ILE A 23 6.11 2.55 -4.66
N THR A 24 6.20 2.25 -3.36
CA THR A 24 4.98 2.15 -2.53
C THR A 24 4.14 3.41 -2.66
N ARG A 25 4.79 4.59 -2.60
CA ARG A 25 4.10 5.82 -2.77
C ARG A 25 3.49 5.91 -4.18
N ALA A 26 4.35 5.73 -5.20
CA ALA A 26 3.93 5.85 -6.60
C ALA A 26 2.74 4.96 -6.93
N VAL A 27 2.80 3.74 -6.43
CA VAL A 27 1.71 2.80 -6.64
C VAL A 27 0.46 3.27 -5.92
N CYS A 28 0.60 3.78 -4.70
CA CYS A 28 -0.54 4.33 -3.97
C CYS A 28 -1.12 5.57 -4.68
N ASP A 29 -0.25 6.39 -5.27
CA ASP A 29 -0.68 7.56 -6.06
C ASP A 29 -1.52 7.10 -7.25
N LEU A 30 -0.98 6.14 -7.99
CA LEU A 30 -1.64 5.58 -9.16
C LEU A 30 -2.95 4.91 -8.76
N THR A 31 -2.92 4.16 -7.68
CA THR A 31 -4.09 3.49 -7.16
C THR A 31 -5.17 4.50 -6.75
N ASN A 32 -4.75 5.60 -6.14
CA ASN A 32 -5.64 6.64 -5.67
C ASN A 32 -6.22 7.38 -6.86
N GLU A 33 -5.53 7.27 -7.98
CA GLU A 33 -5.95 7.86 -9.23
C GLU A 33 -6.94 6.96 -9.95
N HIS A 34 -6.86 5.70 -9.69
CA HIS A 34 -7.78 4.76 -10.28
C HIS A 34 -9.00 4.63 -9.44
N THR A 35 -8.81 4.47 -8.17
CA THR A 35 -9.91 4.34 -7.29
C THR A 35 -10.11 5.66 -6.60
N THR A 36 -10.61 6.61 -7.36
CA THR A 36 -10.78 7.98 -6.90
C THR A 36 -11.97 8.17 -5.97
N LYS A 37 -12.96 7.28 -6.03
CA LYS A 37 -14.09 7.38 -5.12
C LYS A 37 -13.75 6.76 -3.80
N ASP A 38 -12.67 6.01 -3.83
CA ASP A 38 -12.09 5.40 -2.67
C ASP A 38 -10.74 6.06 -2.48
N GLY A 39 -10.63 7.26 -3.07
CA GLY A 39 -9.41 8.01 -3.14
C GLY A 39 -9.08 8.67 -1.85
N SER A 40 -8.80 7.87 -0.91
CA SER A 40 -8.39 8.30 0.38
C SER A 40 -7.21 7.45 0.81
N TRP A 41 -6.48 6.99 -0.17
CA TRP A 41 -5.28 6.25 0.06
C TRP A 41 -4.18 7.27 0.27
N HIS A 42 -3.61 7.30 1.43
CA HIS A 42 -2.60 8.28 1.72
C HIS A 42 -1.31 7.65 2.18
N TYR A 43 -0.22 8.02 1.53
CA TYR A 43 1.05 7.47 1.86
C TYR A 43 1.73 8.28 2.93
N VAL A 44 2.09 7.62 3.97
CA VAL A 44 2.85 8.18 5.03
C VAL A 44 4.17 7.42 5.00
N GLU A 45 5.24 7.98 5.53
CA GLU A 45 6.51 7.29 5.54
C GLU A 45 6.46 6.01 6.40
N VAL A 46 7.55 5.27 6.42
CA VAL A 46 7.64 3.88 6.98
C VAL A 46 7.09 3.63 8.41
N ASP A 47 6.78 4.66 9.18
CA ASP A 47 6.18 4.43 10.49
C ASP A 47 4.68 4.15 10.35
N ASN A 48 4.11 4.63 9.27
CA ASN A 48 2.69 4.41 9.01
C ASN A 48 2.46 3.75 7.66
N GLU A 49 3.35 4.04 6.68
CA GLU A 49 3.30 3.44 5.34
C GLU A 49 2.03 3.88 4.60
N CYS A 50 1.61 3.14 3.58
CA CYS A 50 0.39 3.50 2.86
C CYS A 50 -0.84 3.18 3.69
N LYS A 51 -1.52 4.20 4.15
CA LYS A 51 -2.73 4.03 4.88
C LYS A 51 -3.90 4.13 3.96
N TYR A 52 -4.81 3.23 4.12
CA TYR A 52 -6.02 3.26 3.37
C TYR A 52 -7.13 3.80 4.25
N LEU A 53 -7.66 4.96 3.87
CA LEU A 53 -8.72 5.69 4.58
C LEU A 53 -8.17 6.36 5.82
N ALA A 54 -8.06 5.59 6.86
CA ALA A 54 -7.50 6.04 8.11
C ALA A 54 -6.51 5.00 8.62
N GLY A 55 -6.22 4.05 7.77
CA GLY A 55 -5.31 2.98 8.12
C GLY A 55 -6.06 1.70 8.36
N ASP A 56 -7.08 1.48 7.56
CA ASP A 56 -7.86 0.27 7.63
C ASP A 56 -7.35 -0.66 6.54
N ASN A 57 -7.86 -1.88 6.52
CA ASN A 57 -7.40 -2.89 5.60
C ASN A 57 -7.54 -2.45 4.15
N PRO A 58 -6.47 -2.56 3.39
CA PRO A 58 -6.51 -2.28 1.98
C PRO A 58 -7.03 -3.46 1.20
N ARG A 59 -6.81 -4.65 1.75
CA ARG A 59 -7.05 -5.94 1.10
C ARG A 59 -8.45 -6.13 0.55
N ASP A 60 -9.44 -5.72 1.28
CA ASP A 60 -10.83 -5.95 0.86
C ASP A 60 -11.29 -4.85 -0.08
N GLN A 61 -10.50 -3.82 -0.19
CA GLN A 61 -10.82 -2.68 -0.99
C GLN A 61 -10.22 -2.84 -2.38
N PRO A 62 -10.90 -2.30 -3.43
CA PRO A 62 -10.42 -2.37 -4.84
C PRO A 62 -9.00 -1.80 -5.00
N GLY A 63 -8.66 -0.89 -4.09
CA GLY A 63 -7.37 -0.26 -4.07
C GLY A 63 -6.25 -1.27 -3.96
N TRP A 64 -6.47 -2.33 -3.20
CA TRP A 64 -5.44 -3.36 -3.03
C TRP A 64 -5.20 -4.09 -4.32
N ALA A 65 -6.28 -4.39 -5.03
CA ALA A 65 -6.20 -5.08 -6.31
C ALA A 65 -5.39 -4.26 -7.31
N VAL A 66 -5.63 -2.96 -7.31
CA VAL A 66 -4.92 -2.04 -8.17
C VAL A 66 -3.45 -1.95 -7.74
N PHE A 67 -3.23 -1.79 -6.44
CA PHE A 67 -1.90 -1.74 -5.83
C PHE A 67 -1.09 -3.00 -6.23
N VAL A 68 -1.73 -4.13 -6.15
CA VAL A 68 -1.11 -5.41 -6.51
C VAL A 68 -0.77 -5.46 -7.99
N LYS A 69 -1.66 -4.97 -8.85
CA LYS A 69 -1.43 -5.05 -10.28
C LYS A 69 -0.28 -4.13 -10.70
N TYR A 70 -0.06 -3.08 -9.94
CA TYR A 70 1.06 -2.21 -10.22
C TYR A 70 2.36 -2.71 -9.60
N CYS A 71 2.31 -3.25 -8.40
CA CYS A 71 3.48 -3.81 -7.79
C CYS A 71 4.05 -4.97 -8.60
N THR A 72 3.19 -5.86 -9.07
CA THR A 72 3.63 -6.98 -9.91
C THR A 72 4.28 -6.44 -11.19
N TYR A 73 3.61 -5.47 -11.78
CA TYR A 73 4.10 -4.71 -12.94
C TYR A 73 5.55 -4.17 -12.70
N TYR A 74 5.84 -3.70 -11.49
CA TYR A 74 7.18 -3.19 -11.16
C TYR A 74 8.10 -4.27 -10.55
N LYS A 75 7.52 -5.46 -10.28
CA LYS A 75 8.23 -6.60 -9.65
C LYS A 75 8.43 -6.36 -8.16
N GLY A 76 7.41 -5.85 -7.55
CA GLY A 76 7.41 -5.59 -6.15
C GLY A 76 6.46 -6.51 -5.46
N VAL A 77 6.63 -6.65 -4.20
CA VAL A 77 5.82 -7.53 -3.41
C VAL A 77 4.95 -6.72 -2.47
N PRO A 78 3.65 -6.66 -2.73
CA PRO A 78 2.72 -5.96 -1.88
C PRO A 78 2.46 -6.75 -0.58
N ASP A 79 2.39 -6.04 0.51
CA ASP A 79 2.19 -6.64 1.81
C ASP A 79 1.37 -5.67 2.65
N ALA A 80 0.59 -6.20 3.56
CA ALA A 80 -0.26 -5.39 4.40
C ALA A 80 -0.31 -6.04 5.76
N GLY A 1 6.52 -9.37 18.09
CA GLY A 1 5.83 -8.12 17.81
C GLY A 1 4.44 -8.16 18.31
N HIS A 2 3.88 -7.01 18.62
CA HIS A 2 2.51 -6.95 19.09
C HIS A 2 1.59 -6.79 17.91
N MET A 3 0.59 -7.61 17.85
CA MET A 3 -0.38 -7.52 16.80
C MET A 3 -1.35 -6.39 17.05
N ALA A 4 -1.11 -5.30 16.39
CA ALA A 4 -1.99 -4.17 16.43
C ALA A 4 -2.83 -4.22 15.19
N VAL A 5 -4.12 -4.00 15.30
CA VAL A 5 -4.97 -4.10 14.13
C VAL A 5 -4.97 -2.79 13.34
N VAL A 6 -3.84 -2.52 12.75
CA VAL A 6 -3.63 -1.38 11.90
C VAL A 6 -2.95 -1.90 10.67
N TYR A 7 -3.50 -1.59 9.55
CA TYR A 7 -3.01 -2.10 8.30
C TYR A 7 -2.34 -1.02 7.52
N ALA A 8 -1.34 -1.39 6.80
CA ALA A 8 -0.63 -0.48 5.99
C ALA A 8 -0.20 -1.20 4.76
N ALA A 9 -0.09 -0.50 3.70
CA ALA A 9 0.36 -1.08 2.49
C ALA A 9 1.82 -0.79 2.32
N ARG A 10 2.54 -1.82 1.96
CA ARG A 10 3.94 -1.72 1.70
C ARG A 10 4.28 -2.57 0.51
N CYS A 11 5.11 -2.08 -0.34
CA CYS A 11 5.54 -2.83 -1.48
C CYS A 11 7.04 -3.09 -1.30
N LYS A 12 7.37 -4.32 -0.98
CA LYS A 12 8.73 -4.64 -0.65
C LYS A 12 9.49 -5.15 -1.84
N PHE A 13 10.77 -4.85 -1.87
CA PHE A 13 11.63 -5.25 -2.94
C PHE A 13 12.90 -5.91 -2.41
N GLY A 14 13.02 -7.18 -2.68
CA GLY A 14 14.21 -7.90 -2.33
C GLY A 14 14.15 -8.55 -0.97
N ASN A 15 14.48 -7.80 0.04
CA ASN A 15 14.63 -8.32 1.39
C ASN A 15 13.43 -8.05 2.29
N PRO A 16 13.25 -8.89 3.35
CA PRO A 16 12.18 -8.74 4.33
C PRO A 16 12.15 -7.35 4.95
N LEU A 17 10.95 -6.79 5.04
CA LEU A 17 10.69 -5.45 5.60
C LEU A 17 11.38 -4.32 4.85
N VAL A 18 11.86 -4.61 3.67
CA VAL A 18 12.48 -3.60 2.86
C VAL A 18 11.47 -3.06 1.88
N GLN A 19 10.68 -2.15 2.36
CA GLN A 19 9.71 -1.47 1.56
C GLN A 19 10.43 -0.50 0.68
N ASN A 20 10.17 -0.54 -0.59
CA ASN A 20 10.74 0.46 -1.46
C ASN A 20 9.82 1.63 -1.37
N ASN A 21 10.21 2.58 -0.55
CA ASN A 21 9.39 3.75 -0.22
C ASN A 21 9.05 4.55 -1.46
N ARG A 22 9.94 4.57 -2.44
CA ARG A 22 9.70 5.29 -3.67
C ARG A 22 8.61 4.63 -4.48
N ILE A 23 8.72 3.35 -4.63
CA ILE A 23 7.78 2.61 -5.42
C ILE A 23 6.45 2.52 -4.70
N THR A 24 6.46 2.27 -3.41
CA THR A 24 5.24 2.23 -2.62
C THR A 24 4.49 3.59 -2.74
N ARG A 25 5.22 4.70 -2.62
CA ARG A 25 4.67 6.05 -2.76
C ARG A 25 3.99 6.20 -4.14
N ALA A 26 4.71 5.77 -5.17
CA ALA A 26 4.24 5.84 -6.53
C ALA A 26 2.99 4.99 -6.72
N VAL A 27 3.08 3.73 -6.32
CA VAL A 27 1.99 2.79 -6.48
C VAL A 27 0.76 3.23 -5.72
N CYS A 28 0.93 3.69 -4.48
CA CYS A 28 -0.19 4.16 -3.68
C CYS A 28 -0.87 5.37 -4.31
N ASP A 29 -0.07 6.25 -4.92
CA ASP A 29 -0.63 7.45 -5.58
C ASP A 29 -1.46 7.02 -6.77
N LEU A 30 -0.85 6.18 -7.60
CA LEU A 30 -1.51 5.61 -8.79
C LEU A 30 -2.79 4.88 -8.40
N THR A 31 -2.68 4.06 -7.36
CA THR A 31 -3.78 3.31 -6.83
C THR A 31 -4.92 4.24 -6.44
N ASN A 32 -4.59 5.28 -5.70
CA ASN A 32 -5.58 6.22 -5.24
C ASN A 32 -6.16 7.01 -6.39
N GLU A 33 -5.35 7.31 -7.38
CA GLU A 33 -5.78 8.04 -8.55
C GLU A 33 -6.85 7.24 -9.32
N HIS A 34 -6.72 5.94 -9.26
CA HIS A 34 -7.70 5.02 -9.85
C HIS A 34 -8.94 4.84 -8.96
N THR A 35 -8.77 5.01 -7.66
CA THR A 35 -9.85 4.71 -6.72
C THR A 35 -10.16 5.92 -5.80
N THR A 36 -10.09 7.11 -6.38
CA THR A 36 -10.26 8.37 -5.64
C THR A 36 -11.60 8.47 -4.89
N LYS A 37 -12.64 8.02 -5.52
CA LYS A 37 -13.96 8.13 -4.94
C LYS A 37 -14.30 6.93 -4.07
N ASP A 38 -13.48 5.92 -4.15
CA ASP A 38 -13.75 4.71 -3.39
C ASP A 38 -12.95 4.66 -2.12
N GLY A 39 -11.76 5.22 -2.15
CA GLY A 39 -10.95 5.17 -1.02
C GLY A 39 -9.82 6.13 -1.06
N SER A 40 -9.87 7.06 -0.19
CA SER A 40 -8.79 7.98 0.04
C SER A 40 -7.61 7.23 0.65
N TRP A 41 -6.62 6.96 -0.16
CA TRP A 41 -5.44 6.32 0.31
C TRP A 41 -4.37 7.36 0.30
N HIS A 42 -3.44 7.29 1.20
CA HIS A 42 -2.36 8.24 1.25
C HIS A 42 -1.10 7.59 1.77
N TYR A 43 0.01 8.11 1.37
CA TYR A 43 1.28 7.57 1.76
C TYR A 43 1.83 8.34 2.94
N VAL A 44 2.24 7.64 3.95
CA VAL A 44 2.90 8.22 5.06
C VAL A 44 4.27 7.55 5.07
N GLU A 45 5.27 8.16 5.68
CA GLU A 45 6.60 7.57 5.71
C GLU A 45 6.60 6.23 6.45
N VAL A 46 7.73 5.50 6.35
CA VAL A 46 7.89 4.11 6.85
C VAL A 46 7.43 3.83 8.31
N ASP A 47 7.19 4.89 9.07
CA ASP A 47 6.67 4.76 10.44
C ASP A 47 5.25 4.24 10.36
N ASN A 48 4.55 4.65 9.33
CA ASN A 48 3.15 4.29 9.15
C ASN A 48 2.92 3.58 7.86
N GLU A 49 3.65 3.97 6.79
CA GLU A 49 3.58 3.35 5.45
C GLU A 49 2.32 3.85 4.73
N CYS A 50 1.89 3.16 3.69
CA CYS A 50 0.70 3.60 2.98
C CYS A 50 -0.56 3.31 3.76
N LYS A 51 -1.26 4.35 4.11
CA LYS A 51 -2.46 4.21 4.85
C LYS A 51 -3.66 4.24 3.94
N TYR A 52 -4.49 3.27 4.10
CA TYR A 52 -5.74 3.22 3.41
C TYR A 52 -6.78 3.77 4.37
N LEU A 53 -7.20 5.01 4.09
CA LEU A 53 -8.08 5.79 4.95
C LEU A 53 -7.36 6.17 6.24
N ALA A 54 -7.50 5.37 7.24
CA ALA A 54 -6.81 5.60 8.49
C ALA A 54 -5.77 4.51 8.70
N GLY A 55 -5.76 3.58 7.81
CA GLY A 55 -4.90 2.43 7.96
C GLY A 55 -5.74 1.22 8.21
N ASP A 56 -6.78 1.09 7.41
CA ASP A 56 -7.72 -0.01 7.50
C ASP A 56 -7.31 -1.06 6.50
N ASN A 57 -7.84 -2.28 6.62
CA ASN A 57 -7.47 -3.38 5.73
C ASN A 57 -7.72 -3.07 4.24
N PRO A 58 -6.64 -2.98 3.45
CA PRO A 58 -6.73 -2.61 2.05
C PRO A 58 -7.21 -3.73 1.15
N ARG A 59 -6.93 -5.00 1.55
CA ARG A 59 -7.20 -6.18 0.71
C ARG A 59 -8.67 -6.29 0.32
N ASP A 60 -9.52 -5.81 1.18
CA ASP A 60 -10.96 -5.84 0.99
C ASP A 60 -11.39 -4.91 -0.16
N GLN A 61 -10.70 -3.81 -0.27
CA GLN A 61 -10.99 -2.79 -1.24
C GLN A 61 -10.30 -3.03 -2.57
N PRO A 62 -10.93 -2.55 -3.69
CA PRO A 62 -10.37 -2.69 -5.05
C PRO A 62 -9.03 -1.98 -5.19
N GLY A 63 -8.78 -1.04 -4.28
CA GLY A 63 -7.55 -0.31 -4.25
C GLY A 63 -6.37 -1.26 -4.12
N TRP A 64 -6.55 -2.30 -3.32
CA TRP A 64 -5.49 -3.27 -3.13
C TRP A 64 -5.17 -3.99 -4.44
N ALA A 65 -6.21 -4.29 -5.20
CA ALA A 65 -6.06 -4.95 -6.49
C ALA A 65 -5.26 -4.05 -7.44
N VAL A 66 -5.53 -2.75 -7.37
CA VAL A 66 -4.79 -1.78 -8.18
C VAL A 66 -3.32 -1.73 -7.71
N PHE A 67 -3.13 -1.66 -6.40
CA PHE A 67 -1.80 -1.66 -5.79
C PHE A 67 -1.02 -2.92 -6.24
N VAL A 68 -1.70 -4.04 -6.20
CA VAL A 68 -1.13 -5.31 -6.60
C VAL A 68 -0.79 -5.32 -8.09
N LYS A 69 -1.70 -4.84 -8.95
CA LYS A 69 -1.45 -4.85 -10.40
C LYS A 69 -0.23 -4.02 -10.76
N TYR A 70 0.03 -2.98 -9.98
CA TYR A 70 1.20 -2.16 -10.20
C TYR A 70 2.47 -2.79 -9.61
N CYS A 71 2.42 -3.24 -8.36
CA CYS A 71 3.58 -3.85 -7.74
C CYS A 71 4.06 -5.10 -8.46
N THR A 72 3.14 -5.89 -8.98
CA THR A 72 3.51 -7.09 -9.71
C THR A 72 4.23 -6.71 -10.99
N TYR A 73 3.67 -5.74 -11.68
CA TYR A 73 4.24 -5.15 -12.89
C TYR A 73 5.68 -4.63 -12.65
N TYR A 74 5.91 -4.06 -11.47
CA TYR A 74 7.26 -3.56 -11.10
C TYR A 74 8.10 -4.65 -10.44
N LYS A 75 7.46 -5.76 -10.13
CA LYS A 75 8.06 -6.95 -9.52
C LYS A 75 8.46 -6.72 -8.08
N GLY A 76 7.50 -6.32 -7.31
CA GLY A 76 7.64 -6.10 -5.92
C GLY A 76 6.59 -6.85 -5.21
N VAL A 77 6.74 -7.00 -3.95
CA VAL A 77 5.81 -7.76 -3.16
C VAL A 77 4.87 -6.84 -2.40
N PRO A 78 3.61 -6.78 -2.81
CA PRO A 78 2.62 -5.98 -2.14
C PRO A 78 2.12 -6.69 -0.88
N ASP A 79 2.32 -6.07 0.23
CA ASP A 79 1.99 -6.66 1.50
C ASP A 79 1.15 -5.74 2.33
N ALA A 80 0.25 -6.34 3.10
CA ALA A 80 -0.66 -5.68 3.99
C ALA A 80 -1.34 -6.74 4.82
N GLY A 1 -0.31 -10.08 23.08
CA GLY A 1 -0.15 -9.41 21.81
C GLY A 1 -0.50 -7.95 21.92
N HIS A 2 -0.62 -7.27 20.79
CA HIS A 2 -1.02 -5.87 20.78
C HIS A 2 -2.52 -5.80 20.79
N MET A 3 -3.11 -6.54 19.85
CA MET A 3 -4.54 -6.58 19.60
C MET A 3 -5.01 -5.22 19.09
N ALA A 4 -4.64 -4.91 17.87
CA ALA A 4 -4.97 -3.66 17.24
C ALA A 4 -5.20 -3.91 15.77
N VAL A 5 -6.32 -3.47 15.26
CA VAL A 5 -6.67 -3.73 13.89
C VAL A 5 -6.29 -2.52 13.01
N VAL A 6 -5.00 -2.38 12.79
CA VAL A 6 -4.46 -1.31 11.96
C VAL A 6 -3.61 -1.94 10.88
N TYR A 7 -3.81 -1.54 9.66
CA TYR A 7 -3.10 -2.10 8.53
C TYR A 7 -2.33 -1.01 7.82
N ALA A 8 -1.26 -1.42 7.21
CA ALA A 8 -0.42 -0.54 6.45
C ALA A 8 0.03 -1.29 5.23
N ALA A 9 -0.01 -0.64 4.11
CA ALA A 9 0.40 -1.23 2.88
C ALA A 9 1.82 -0.85 2.57
N ARG A 10 2.53 -1.77 1.98
CA ARG A 10 3.91 -1.59 1.62
C ARG A 10 4.21 -2.43 0.39
N CYS A 11 5.15 -2.01 -0.40
CA CYS A 11 5.57 -2.78 -1.55
C CYS A 11 7.07 -3.01 -1.40
N LYS A 12 7.46 -4.25 -1.19
CA LYS A 12 8.85 -4.53 -0.92
C LYS A 12 9.51 -4.99 -2.19
N PHE A 13 10.80 -4.83 -2.24
CA PHE A 13 11.57 -5.27 -3.36
C PHE A 13 12.72 -6.13 -2.91
N GLY A 14 12.47 -7.41 -2.82
CA GLY A 14 13.50 -8.36 -2.52
C GLY A 14 13.75 -8.56 -1.04
N ASN A 15 14.30 -7.54 -0.42
CA ASN A 15 14.69 -7.61 0.98
C ASN A 15 13.50 -7.65 1.92
N PRO A 16 13.52 -8.60 2.89
CA PRO A 16 12.45 -8.80 3.86
C PRO A 16 12.20 -7.55 4.71
N LEU A 17 10.93 -7.15 4.76
CA LEU A 17 10.46 -5.94 5.44
C LEU A 17 11.10 -4.66 4.94
N VAL A 18 11.64 -4.70 3.74
CA VAL A 18 12.25 -3.52 3.18
C VAL A 18 11.40 -2.99 2.04
N GLN A 19 10.56 -2.07 2.40
CA GLN A 19 9.66 -1.41 1.51
C GLN A 19 10.44 -0.47 0.59
N ASN A 20 10.05 -0.40 -0.65
CA ASN A 20 10.62 0.60 -1.50
C ASN A 20 9.69 1.77 -1.45
N ASN A 21 10.04 2.76 -0.68
CA ASN A 21 9.20 3.94 -0.42
C ASN A 21 8.75 4.63 -1.70
N ARG A 22 9.65 4.72 -2.67
CA ARG A 22 9.38 5.39 -3.94
C ARG A 22 8.29 4.66 -4.70
N ILE A 23 8.51 3.38 -4.96
CA ILE A 23 7.53 2.58 -5.66
C ILE A 23 6.23 2.49 -4.87
N THR A 24 6.34 2.21 -3.58
CA THR A 24 5.17 2.14 -2.73
C THR A 24 4.32 3.40 -2.81
N ARG A 25 4.94 4.59 -2.71
CA ARG A 25 4.18 5.80 -2.83
C ARG A 25 3.61 5.95 -4.22
N ALA A 26 4.43 5.72 -5.23
CA ALA A 26 4.00 5.84 -6.62
C ALA A 26 2.77 4.97 -6.88
N VAL A 27 2.82 3.75 -6.40
CA VAL A 27 1.73 2.83 -6.55
C VAL A 27 0.49 3.31 -5.77
N CYS A 28 0.69 3.75 -4.52
CA CYS A 28 -0.43 4.27 -3.72
C CYS A 28 -1.04 5.50 -4.38
N ASP A 29 -0.19 6.35 -4.94
CA ASP A 29 -0.62 7.55 -5.62
C ASP A 29 -1.44 7.21 -6.84
N LEU A 30 -0.91 6.31 -7.67
CA LEU A 30 -1.64 5.85 -8.86
C LEU A 30 -2.95 5.20 -8.44
N THR A 31 -2.89 4.33 -7.46
CA THR A 31 -4.05 3.65 -6.93
C THR A 31 -5.13 4.64 -6.43
N ASN A 32 -4.69 5.66 -5.71
CA ASN A 32 -5.57 6.69 -5.16
C ASN A 32 -6.26 7.42 -6.29
N GLU A 33 -5.50 7.65 -7.34
CA GLU A 33 -5.96 8.35 -8.54
C GLU A 33 -6.96 7.49 -9.32
N HIS A 34 -6.65 6.23 -9.47
CA HIS A 34 -7.50 5.32 -10.21
C HIS A 34 -8.77 5.00 -9.45
N THR A 35 -8.65 4.78 -8.17
CA THR A 35 -9.80 4.40 -7.39
C THR A 35 -10.27 5.55 -6.54
N THR A 36 -10.44 6.69 -7.19
CA THR A 36 -10.79 7.96 -6.57
C THR A 36 -12.20 7.98 -5.94
N LYS A 37 -12.96 6.92 -6.06
CA LYS A 37 -14.24 6.84 -5.37
C LYS A 37 -14.06 6.24 -4.00
N ASP A 38 -12.89 5.72 -3.78
CA ASP A 38 -12.42 5.23 -2.49
C ASP A 38 -11.08 5.87 -2.27
N GLY A 39 -10.94 7.04 -2.89
CA GLY A 39 -9.70 7.76 -2.96
C GLY A 39 -9.36 8.48 -1.70
N SER A 40 -9.10 7.72 -0.71
CA SER A 40 -8.66 8.19 0.56
C SER A 40 -7.45 7.34 0.96
N TRP A 41 -6.76 6.91 -0.06
CA TRP A 41 -5.53 6.19 0.10
C TRP A 41 -4.43 7.20 0.24
N HIS A 42 -3.69 7.14 1.29
CA HIS A 42 -2.64 8.10 1.47
C HIS A 42 -1.36 7.46 2.02
N TYR A 43 -0.27 7.71 1.34
CA TYR A 43 1.02 7.19 1.75
C TYR A 43 1.64 8.10 2.78
N VAL A 44 1.99 7.53 3.88
CA VAL A 44 2.72 8.21 4.89
C VAL A 44 4.08 7.57 4.83
N GLU A 45 5.11 8.27 5.21
CA GLU A 45 6.45 7.72 5.10
C GLU A 45 6.65 6.50 6.02
N VAL A 46 7.84 5.90 5.97
CA VAL A 46 8.15 4.61 6.63
C VAL A 46 7.79 4.50 8.12
N ASP A 47 7.52 5.64 8.76
CA ASP A 47 7.04 5.64 10.15
C ASP A 47 5.68 4.98 10.25
N ASN A 48 4.85 5.13 9.23
CA ASN A 48 3.50 4.60 9.33
C ASN A 48 3.02 3.91 8.03
N GLU A 49 3.71 4.20 6.89
CA GLU A 49 3.50 3.48 5.61
C GLU A 49 2.21 3.89 4.90
N CYS A 50 1.80 3.12 3.92
CA CYS A 50 0.67 3.50 3.11
C CYS A 50 -0.63 3.13 3.81
N LYS A 51 -1.38 4.12 4.21
CA LYS A 51 -2.62 3.87 4.86
C LYS A 51 -3.78 4.01 3.94
N TYR A 52 -4.70 3.14 4.11
CA TYR A 52 -5.92 3.18 3.38
C TYR A 52 -6.99 3.61 4.35
N LEU A 53 -7.51 4.81 4.15
CA LEU A 53 -8.53 5.44 5.01
C LEU A 53 -7.92 5.85 6.36
N ALA A 54 -8.07 5.00 7.35
CA ALA A 54 -7.52 5.25 8.67
C ALA A 54 -6.58 4.12 9.02
N GLY A 55 -6.13 3.45 8.00
CA GLY A 55 -5.26 2.32 8.17
C GLY A 55 -6.08 1.08 8.26
N ASP A 56 -7.07 1.02 7.41
CA ASP A 56 -7.96 -0.10 7.30
C ASP A 56 -7.31 -1.07 6.36
N ASN A 57 -7.86 -2.25 6.25
CA ASN A 57 -7.25 -3.22 5.39
C ASN A 57 -7.49 -2.82 3.95
N PRO A 58 -6.42 -2.71 3.17
CA PRO A 58 -6.53 -2.37 1.77
C PRO A 58 -7.04 -3.55 0.97
N ARG A 59 -6.79 -4.73 1.51
CA ARG A 59 -7.01 -6.01 0.84
C ARG A 59 -8.44 -6.22 0.34
N ASP A 60 -9.42 -5.81 1.11
CA ASP A 60 -10.83 -5.97 0.71
C ASP A 60 -11.26 -4.85 -0.24
N GLN A 61 -10.49 -3.79 -0.28
CA GLN A 61 -10.79 -2.65 -1.11
C GLN A 61 -10.19 -2.87 -2.51
N PRO A 62 -10.78 -2.26 -3.58
CA PRO A 62 -10.26 -2.40 -4.96
C PRO A 62 -8.88 -1.79 -5.10
N GLY A 63 -8.56 -0.88 -4.19
CA GLY A 63 -7.29 -0.22 -4.16
C GLY A 63 -6.16 -1.21 -4.06
N TRP A 64 -6.34 -2.25 -3.26
CA TRP A 64 -5.31 -3.28 -3.10
C TRP A 64 -5.06 -3.98 -4.41
N ALA A 65 -6.13 -4.26 -5.15
CA ALA A 65 -6.05 -4.94 -6.43
C ALA A 65 -5.23 -4.12 -7.40
N VAL A 66 -5.45 -2.83 -7.36
CA VAL A 66 -4.73 -1.88 -8.19
C VAL A 66 -3.26 -1.82 -7.74
N PHE A 67 -3.06 -1.68 -6.44
CA PHE A 67 -1.72 -1.64 -5.83
C PHE A 67 -0.93 -2.89 -6.23
N VAL A 68 -1.57 -4.02 -6.13
CA VAL A 68 -0.99 -5.29 -6.48
C VAL A 68 -0.66 -5.37 -7.96
N LYS A 69 -1.55 -4.87 -8.82
CA LYS A 69 -1.34 -4.98 -10.26
C LYS A 69 -0.19 -4.10 -10.71
N TYR A 70 0.06 -3.04 -9.98
CA TYR A 70 1.19 -2.18 -10.27
C TYR A 70 2.48 -2.72 -9.69
N CYS A 71 2.46 -3.18 -8.44
CA CYS A 71 3.64 -3.72 -7.82
C CYS A 71 4.20 -4.92 -8.58
N THR A 72 3.35 -5.85 -8.95
CA THR A 72 3.78 -7.03 -9.69
C THR A 72 4.35 -6.63 -11.04
N TYR A 73 3.67 -5.68 -11.66
CA TYR A 73 4.12 -5.04 -12.90
C TYR A 73 5.55 -4.45 -12.75
N TYR A 74 5.84 -3.88 -11.59
CA TYR A 74 7.18 -3.33 -11.33
C TYR A 74 8.13 -4.40 -10.79
N LYS A 75 7.56 -5.55 -10.45
CA LYS A 75 8.26 -6.74 -9.94
C LYS A 75 8.57 -6.62 -8.46
N GLY A 76 7.66 -5.96 -7.78
CA GLY A 76 7.73 -5.79 -6.37
C GLY A 76 6.69 -6.63 -5.71
N VAL A 77 6.83 -6.85 -4.44
CA VAL A 77 5.91 -7.71 -3.75
C VAL A 77 5.14 -6.91 -2.71
N PRO A 78 3.81 -6.82 -2.87
CA PRO A 78 2.97 -6.08 -1.95
C PRO A 78 2.76 -6.83 -0.63
N ASP A 79 2.57 -6.09 0.43
CA ASP A 79 2.38 -6.65 1.76
C ASP A 79 1.48 -5.69 2.52
N ALA A 80 0.59 -6.24 3.32
CA ALA A 80 -0.36 -5.47 4.11
C ALA A 80 -0.93 -6.38 5.16
N GLY A 1 1.29 -8.07 22.56
CA GLY A 1 2.11 -6.91 22.24
C GLY A 1 2.38 -6.85 20.78
N HIS A 2 2.57 -5.63 20.26
CA HIS A 2 2.91 -5.36 18.84
C HIS A 2 1.74 -5.61 17.89
N MET A 3 0.62 -6.07 18.42
CA MET A 3 -0.52 -6.34 17.58
C MET A 3 -1.55 -5.26 17.65
N ALA A 4 -1.27 -4.20 16.97
CA ALA A 4 -2.19 -3.12 16.85
C ALA A 4 -2.95 -3.37 15.58
N VAL A 5 -4.25 -3.29 15.63
CA VAL A 5 -5.03 -3.59 14.46
C VAL A 5 -5.11 -2.37 13.54
N VAL A 6 -4.01 -2.13 12.88
CA VAL A 6 -3.85 -1.08 11.92
C VAL A 6 -3.18 -1.71 10.72
N TYR A 7 -3.66 -1.42 9.57
CA TYR A 7 -3.11 -2.02 8.38
C TYR A 7 -2.33 -1.00 7.62
N ALA A 8 -1.23 -1.43 7.09
CA ALA A 8 -0.39 -0.59 6.32
C ALA A 8 0.03 -1.35 5.09
N ALA A 9 -0.10 -0.71 3.97
CA ALA A 9 0.29 -1.25 2.73
C ALA A 9 1.72 -0.87 2.46
N ARG A 10 2.47 -1.84 2.05
CA ARG A 10 3.87 -1.68 1.81
C ARG A 10 4.29 -2.59 0.68
N CYS A 11 5.10 -2.09 -0.21
CA CYS A 11 5.53 -2.89 -1.33
C CYS A 11 7.03 -3.10 -1.19
N LYS A 12 7.42 -4.33 -0.92
CA LYS A 12 8.80 -4.64 -0.66
C LYS A 12 9.45 -5.13 -1.93
N PHE A 13 10.70 -4.77 -2.14
CA PHE A 13 11.33 -5.12 -3.41
C PHE A 13 12.52 -6.03 -3.29
N GLY A 14 12.25 -7.31 -3.28
CA GLY A 14 13.28 -8.33 -3.31
C GLY A 14 14.02 -8.54 -2.01
N ASN A 15 13.68 -7.81 -0.99
CA ASN A 15 14.30 -7.94 0.31
C ASN A 15 13.25 -8.01 1.39
N PRO A 16 13.40 -8.92 2.36
CA PRO A 16 12.45 -9.07 3.45
C PRO A 16 12.44 -7.85 4.33
N LEU A 17 11.24 -7.38 4.64
CA LEU A 17 11.01 -6.20 5.49
C LEU A 17 11.55 -4.91 4.90
N VAL A 18 11.89 -4.93 3.65
CA VAL A 18 12.43 -3.75 3.03
C VAL A 18 11.44 -3.20 2.01
N GLN A 19 10.60 -2.34 2.51
CA GLN A 19 9.64 -1.65 1.69
C GLN A 19 10.38 -0.63 0.87
N ASN A 20 10.16 -0.61 -0.41
CA ASN A 20 10.73 0.45 -1.19
C ASN A 20 9.73 1.55 -1.15
N ASN A 21 9.93 2.48 -0.26
CA ASN A 21 8.97 3.55 -0.04
C ASN A 21 8.81 4.42 -1.25
N ARG A 22 9.83 4.49 -2.09
CA ARG A 22 9.79 5.32 -3.27
C ARG A 22 8.76 4.73 -4.26
N ILE A 23 8.87 3.44 -4.53
CA ILE A 23 7.93 2.78 -5.40
C ILE A 23 6.58 2.66 -4.73
N THR A 24 6.56 2.36 -3.42
CA THR A 24 5.29 2.30 -2.69
C THR A 24 4.56 3.67 -2.80
N ARG A 25 5.32 4.76 -2.65
CA ARG A 25 4.81 6.14 -2.80
C ARG A 25 4.16 6.28 -4.17
N ALA A 26 4.88 5.85 -5.21
CA ALA A 26 4.39 5.94 -6.58
C ALA A 26 3.13 5.09 -6.77
N VAL A 27 3.19 3.82 -6.38
CA VAL A 27 2.09 2.89 -6.54
C VAL A 27 0.85 3.33 -5.73
N CYS A 28 1.06 3.79 -4.51
CA CYS A 28 -0.04 4.28 -3.68
C CYS A 28 -0.63 5.55 -4.26
N ASP A 29 0.22 6.41 -4.82
CA ASP A 29 -0.22 7.66 -5.44
C ASP A 29 -1.09 7.36 -6.63
N LEU A 30 -0.59 6.48 -7.46
CA LEU A 30 -1.31 5.99 -8.62
C LEU A 30 -2.64 5.36 -8.20
N THR A 31 -2.59 4.45 -7.25
CA THR A 31 -3.78 3.79 -6.73
C THR A 31 -4.78 4.82 -6.19
N ASN A 32 -4.27 5.81 -5.47
CA ASN A 32 -5.05 6.90 -4.89
C ASN A 32 -5.79 7.61 -6.01
N GLU A 33 -5.05 8.01 -7.03
CA GLU A 33 -5.59 8.77 -8.15
C GLU A 33 -6.58 7.93 -8.95
N HIS A 34 -6.28 6.67 -9.10
CA HIS A 34 -7.13 5.74 -9.82
C HIS A 34 -8.42 5.40 -9.06
N THR A 35 -8.41 5.50 -7.74
CA THR A 35 -9.58 5.11 -6.96
C THR A 35 -10.03 6.22 -5.98
N THR A 36 -9.84 7.47 -6.38
CA THR A 36 -10.13 8.66 -5.53
C THR A 36 -11.53 8.65 -4.88
N LYS A 37 -12.54 8.32 -5.66
CA LYS A 37 -13.91 8.37 -5.18
C LYS A 37 -14.35 7.07 -4.54
N ASP A 38 -13.51 6.07 -4.63
CA ASP A 38 -13.85 4.76 -4.11
C ASP A 38 -13.08 4.45 -2.83
N GLY A 39 -11.90 5.04 -2.72
CA GLY A 39 -11.08 4.79 -1.62
C GLY A 39 -10.11 5.91 -1.38
N SER A 40 -10.34 6.58 -0.30
CA SER A 40 -9.46 7.63 0.16
C SER A 40 -8.19 7.02 0.76
N TRP A 41 -7.20 6.88 -0.07
CA TRP A 41 -5.94 6.32 0.37
C TRP A 41 -4.98 7.45 0.69
N HIS A 42 -4.06 7.20 1.60
CA HIS A 42 -3.09 8.20 1.97
C HIS A 42 -1.74 7.57 2.38
N TYR A 43 -0.71 7.91 1.63
CA TYR A 43 0.65 7.44 1.88
C TYR A 43 1.33 8.30 2.92
N VAL A 44 1.84 7.66 3.93
CA VAL A 44 2.65 8.30 4.92
C VAL A 44 4.03 7.66 4.78
N GLU A 45 5.08 8.34 5.21
CA GLU A 45 6.44 7.77 5.15
C GLU A 45 6.52 6.46 5.95
N VAL A 46 7.69 5.80 5.88
CA VAL A 46 7.93 4.44 6.45
C VAL A 46 7.51 4.26 7.92
N ASP A 47 7.38 5.37 8.66
CA ASP A 47 6.93 5.33 10.04
C ASP A 47 5.52 4.78 10.14
N ASN A 48 4.72 5.03 9.12
CA ASN A 48 3.35 4.62 9.19
C ASN A 48 2.88 3.92 7.89
N GLU A 49 3.58 4.21 6.76
CA GLU A 49 3.40 3.51 5.46
C GLU A 49 2.07 3.89 4.76
N CYS A 50 1.68 3.13 3.74
CA CYS A 50 0.47 3.46 3.00
C CYS A 50 -0.77 3.06 3.75
N LYS A 51 -1.54 4.03 4.15
CA LYS A 51 -2.74 3.74 4.85
C LYS A 51 -3.94 3.93 3.98
N TYR A 52 -4.86 3.05 4.12
CA TYR A 52 -6.08 3.09 3.38
C TYR A 52 -7.21 3.54 4.29
N LEU A 53 -7.79 4.69 3.96
CA LEU A 53 -8.87 5.36 4.71
C LEU A 53 -8.38 5.97 5.99
N ALA A 54 -8.22 5.13 6.97
CA ALA A 54 -7.70 5.53 8.26
C ALA A 54 -6.63 4.55 8.69
N GLY A 55 -6.27 3.70 7.77
CA GLY A 55 -5.32 2.65 8.06
C GLY A 55 -6.03 1.35 8.27
N ASP A 56 -7.06 1.14 7.47
CA ASP A 56 -7.84 -0.07 7.55
C ASP A 56 -7.26 -1.04 6.54
N ASN A 57 -7.83 -2.22 6.41
CA ASN A 57 -7.29 -3.25 5.59
C ASN A 57 -7.43 -2.91 4.12
N PRO A 58 -6.29 -2.70 3.41
CA PRO A 58 -6.31 -2.38 2.00
C PRO A 58 -6.75 -3.57 1.19
N ARG A 59 -6.45 -4.78 1.71
CA ARG A 59 -6.73 -6.05 1.02
C ARG A 59 -8.22 -6.28 0.87
N ASP A 60 -8.98 -5.60 1.68
CA ASP A 60 -10.43 -5.65 1.65
C ASP A 60 -10.97 -4.87 0.46
N GLN A 61 -10.25 -3.84 0.13
CA GLN A 61 -10.66 -2.88 -0.86
C GLN A 61 -10.05 -3.20 -2.23
N PRO A 62 -10.71 -2.80 -3.34
CA PRO A 62 -10.20 -3.00 -4.71
C PRO A 62 -8.96 -2.14 -4.98
N GLY A 63 -8.71 -1.20 -4.07
CA GLY A 63 -7.51 -0.40 -4.12
C GLY A 63 -6.28 -1.28 -4.02
N TRP A 64 -6.41 -2.36 -3.24
CA TRP A 64 -5.33 -3.32 -3.10
C TRP A 64 -5.08 -3.99 -4.42
N ALA A 65 -6.15 -4.29 -5.13
CA ALA A 65 -6.04 -4.93 -6.43
C ALA A 65 -5.29 -4.04 -7.42
N VAL A 66 -5.50 -2.72 -7.32
CA VAL A 66 -4.77 -1.77 -8.17
C VAL A 66 -3.28 -1.74 -7.72
N PHE A 67 -3.07 -1.61 -6.43
CA PHE A 67 -1.75 -1.61 -5.82
C PHE A 67 -0.97 -2.87 -6.26
N VAL A 68 -1.66 -3.99 -6.22
CA VAL A 68 -1.10 -5.27 -6.61
C VAL A 68 -0.76 -5.30 -8.10
N LYS A 69 -1.65 -4.79 -8.98
CA LYS A 69 -1.38 -4.83 -10.42
C LYS A 69 -0.13 -4.04 -10.77
N TYR A 70 0.11 -2.97 -10.02
CA TYR A 70 1.32 -2.20 -10.23
C TYR A 70 2.55 -2.87 -9.63
N CYS A 71 2.48 -3.30 -8.37
CA CYS A 71 3.59 -3.94 -7.72
C CYS A 71 4.06 -5.22 -8.44
N THR A 72 3.13 -6.00 -8.94
CA THR A 72 3.46 -7.23 -9.66
C THR A 72 4.19 -6.92 -10.95
N TYR A 73 3.67 -5.94 -11.66
CA TYR A 73 4.28 -5.47 -12.88
C TYR A 73 5.70 -4.92 -12.64
N TYR A 74 5.87 -4.16 -11.56
CA TYR A 74 7.19 -3.58 -11.23
C TYR A 74 8.10 -4.62 -10.56
N LYS A 75 7.51 -5.73 -10.14
CA LYS A 75 8.18 -6.86 -9.50
C LYS A 75 8.55 -6.58 -8.06
N GLY A 76 7.52 -6.37 -7.29
CA GLY A 76 7.64 -6.14 -5.90
C GLY A 76 6.56 -6.88 -5.20
N VAL A 77 6.66 -6.97 -3.93
CA VAL A 77 5.74 -7.72 -3.14
C VAL A 77 4.82 -6.80 -2.35
N PRO A 78 3.54 -6.76 -2.73
CA PRO A 78 2.56 -5.97 -2.02
C PRO A 78 2.17 -6.68 -0.73
N ASP A 79 2.42 -6.05 0.37
CA ASP A 79 2.20 -6.63 1.67
C ASP A 79 1.34 -5.73 2.53
N ALA A 80 0.44 -6.34 3.25
CA ALA A 80 -0.44 -5.64 4.15
C ALA A 80 -0.83 -6.57 5.28
N GLY A 1 4.58 -10.00 19.91
CA GLY A 1 4.40 -8.57 20.11
C GLY A 1 2.95 -8.22 20.09
N HIS A 2 2.65 -6.95 19.90
CA HIS A 2 1.27 -6.51 19.86
C HIS A 2 0.63 -6.92 18.55
N MET A 3 -0.67 -6.99 18.56
CA MET A 3 -1.43 -7.41 17.40
C MET A 3 -1.57 -6.25 16.44
N ALA A 4 -1.11 -6.43 15.24
CA ALA A 4 -1.23 -5.39 14.24
C ALA A 4 -2.64 -5.38 13.66
N VAL A 5 -3.48 -4.57 14.23
CA VAL A 5 -4.86 -4.50 13.80
C VAL A 5 -5.08 -3.21 13.01
N VAL A 6 -4.05 -2.47 12.95
CA VAL A 6 -4.01 -1.28 12.17
C VAL A 6 -3.31 -1.64 10.89
N TYR A 7 -3.91 -1.35 9.79
CA TYR A 7 -3.38 -1.80 8.55
C TYR A 7 -2.71 -0.70 7.79
N ALA A 8 -1.73 -1.08 7.07
CA ALA A 8 -0.98 -0.22 6.22
C ALA A 8 -0.45 -1.06 5.12
N ALA A 9 -0.33 -0.49 3.97
CA ALA A 9 0.14 -1.21 2.82
C ALA A 9 1.59 -0.88 2.58
N ARG A 10 2.29 -1.83 2.03
CA ARG A 10 3.68 -1.66 1.71
C ARG A 10 4.04 -2.54 0.54
N CYS A 11 4.90 -2.06 -0.30
CA CYS A 11 5.34 -2.83 -1.41
C CYS A 11 6.86 -2.99 -1.27
N LYS A 12 7.28 -4.19 -0.94
CA LYS A 12 8.67 -4.48 -0.69
C LYS A 12 9.30 -5.07 -1.94
N PHE A 13 10.53 -4.69 -2.23
CA PHE A 13 11.17 -5.09 -3.47
C PHE A 13 12.46 -5.84 -3.26
N GLY A 14 12.36 -7.17 -3.30
CA GLY A 14 13.53 -8.09 -3.25
C GLY A 14 14.51 -7.82 -2.11
N ASN A 15 14.02 -7.29 -1.03
CA ASN A 15 14.83 -6.95 0.13
C ASN A 15 14.03 -7.26 1.36
N PRO A 16 14.65 -7.89 2.36
CA PRO A 16 13.98 -8.27 3.61
C PRO A 16 13.48 -7.06 4.41
N LEU A 17 12.16 -6.99 4.58
CA LEU A 17 11.47 -5.93 5.34
C LEU A 17 11.63 -4.54 4.72
N VAL A 18 12.03 -4.49 3.48
CA VAL A 18 12.30 -3.22 2.87
C VAL A 18 11.23 -2.81 1.90
N GLN A 19 10.26 -2.11 2.43
CA GLN A 19 9.28 -1.41 1.63
C GLN A 19 10.00 -0.34 0.84
N ASN A 20 9.83 -0.35 -0.44
CA ASN A 20 10.44 0.68 -1.25
C ASN A 20 9.51 1.86 -1.19
N ASN A 21 9.85 2.80 -0.32
CA ASN A 21 9.07 4.00 -0.02
C ASN A 21 8.64 4.76 -1.27
N ARG A 22 9.53 4.85 -2.23
CA ARG A 22 9.29 5.56 -3.45
C ARG A 22 8.25 4.84 -4.28
N ILE A 23 8.56 3.62 -4.67
CA ILE A 23 7.66 2.82 -5.51
C ILE A 23 6.32 2.57 -4.80
N THR A 24 6.36 2.32 -3.49
CA THR A 24 5.12 2.13 -2.75
C THR A 24 4.24 3.36 -2.86
N ARG A 25 4.81 4.57 -2.67
CA ARG A 25 4.01 5.77 -2.83
C ARG A 25 3.53 5.89 -4.25
N ALA A 26 4.39 5.59 -5.20
CA ALA A 26 4.03 5.66 -6.61
C ALA A 26 2.85 4.75 -6.90
N VAL A 27 2.89 3.52 -6.40
CA VAL A 27 1.81 2.58 -6.58
C VAL A 27 0.54 3.04 -5.85
N CYS A 28 0.70 3.53 -4.61
CA CYS A 28 -0.43 4.09 -3.84
C CYS A 28 -1.05 5.27 -4.60
N ASP A 29 -0.19 6.11 -5.17
CA ASP A 29 -0.62 7.27 -5.96
C ASP A 29 -1.36 6.84 -7.20
N LEU A 30 -0.82 5.87 -7.92
CA LEU A 30 -1.47 5.32 -9.11
C LEU A 30 -2.83 4.77 -8.74
N THR A 31 -2.85 3.96 -7.70
CA THR A 31 -4.05 3.34 -7.21
C THR A 31 -5.07 4.40 -6.77
N ASN A 32 -4.61 5.38 -6.02
CA ASN A 32 -5.45 6.44 -5.48
C ASN A 32 -6.05 7.25 -6.60
N GLU A 33 -5.29 7.42 -7.68
CA GLU A 33 -5.71 8.15 -8.87
C GLU A 33 -6.83 7.38 -9.57
N HIS A 34 -6.71 6.08 -9.56
CA HIS A 34 -7.74 5.19 -10.09
C HIS A 34 -8.97 5.18 -9.20
N THR A 35 -8.78 5.00 -7.92
CA THR A 35 -9.87 4.85 -6.98
C THR A 35 -10.14 6.17 -6.24
N THR A 36 -10.02 7.27 -6.96
CA THR A 36 -10.13 8.61 -6.38
C THR A 36 -11.41 8.86 -5.59
N LYS A 37 -12.52 8.38 -6.09
CA LYS A 37 -13.78 8.63 -5.46
C LYS A 37 -14.21 7.46 -4.61
N ASP A 38 -13.47 6.40 -4.65
CA ASP A 38 -13.80 5.21 -3.89
C ASP A 38 -12.94 5.08 -2.64
N GLY A 39 -11.68 5.37 -2.78
CA GLY A 39 -10.79 5.19 -1.71
C GLY A 39 -9.63 6.14 -1.76
N SER A 40 -9.69 7.08 -0.88
CA SER A 40 -8.62 8.03 -0.68
C SER A 40 -7.45 7.37 0.05
N TRP A 41 -6.43 7.07 -0.68
CA TRP A 41 -5.27 6.45 -0.10
C TRP A 41 -4.18 7.51 0.02
N HIS A 42 -3.37 7.41 1.03
CA HIS A 42 -2.30 8.36 1.25
C HIS A 42 -1.10 7.69 1.86
N TYR A 43 0.05 7.89 1.26
CA TYR A 43 1.25 7.31 1.76
C TYR A 43 1.87 8.18 2.84
N VAL A 44 2.27 7.58 3.92
CA VAL A 44 2.93 8.26 4.98
C VAL A 44 4.30 7.60 5.13
N GLU A 45 5.24 8.30 5.75
CA GLU A 45 6.62 7.80 6.00
C GLU A 45 6.62 6.36 6.55
N VAL A 46 7.74 5.67 6.35
CA VAL A 46 7.94 4.22 6.68
C VAL A 46 7.42 3.72 8.06
N ASP A 47 7.23 4.60 9.01
CA ASP A 47 6.67 4.18 10.32
C ASP A 47 5.19 3.98 10.24
N ASN A 48 4.59 4.71 9.37
CA ASN A 48 3.17 4.75 9.30
C ASN A 48 2.70 4.07 8.01
N GLU A 49 3.55 4.12 6.96
CA GLU A 49 3.40 3.34 5.73
C GLU A 49 2.23 3.84 4.87
N CYS A 50 1.81 3.07 3.88
CA CYS A 50 0.74 3.51 2.99
C CYS A 50 -0.60 3.31 3.69
N LYS A 51 -1.30 4.39 3.90
CA LYS A 51 -2.54 4.37 4.61
C LYS A 51 -3.74 4.48 3.70
N TYR A 52 -4.64 3.57 3.89
CA TYR A 52 -5.88 3.56 3.16
C TYR A 52 -6.97 4.16 4.02
N LEU A 53 -7.37 5.38 3.69
CA LEU A 53 -8.40 6.15 4.41
C LEU A 53 -8.01 6.46 5.86
N ALA A 54 -8.36 5.56 6.74
CA ALA A 54 -8.05 5.72 8.16
C ALA A 54 -7.04 4.68 8.58
N GLY A 55 -6.57 3.92 7.63
CA GLY A 55 -5.63 2.85 7.92
C GLY A 55 -6.37 1.59 8.24
N ASP A 56 -7.42 1.36 7.51
CA ASP A 56 -8.25 0.18 7.68
C ASP A 56 -7.67 -0.88 6.75
N ASN A 57 -8.29 -2.04 6.67
CA ASN A 57 -7.79 -3.11 5.88
C ASN A 57 -7.91 -2.80 4.38
N PRO A 58 -6.77 -2.65 3.69
CA PRO A 58 -6.76 -2.29 2.29
C PRO A 58 -7.18 -3.45 1.41
N ARG A 59 -6.99 -4.66 1.93
CA ARG A 59 -7.18 -5.90 1.18
C ARG A 59 -8.63 -6.15 0.83
N ASP A 60 -9.51 -5.51 1.54
CA ASP A 60 -10.94 -5.67 1.29
C ASP A 60 -11.37 -4.73 0.16
N GLN A 61 -10.58 -3.73 -0.08
CA GLN A 61 -10.88 -2.71 -1.05
C GLN A 61 -10.28 -3.08 -2.41
N PRO A 62 -11.01 -2.83 -3.54
CA PRO A 62 -10.50 -3.07 -4.91
C PRO A 62 -9.19 -2.32 -5.19
N GLY A 63 -8.96 -1.26 -4.41
CA GLY A 63 -7.72 -0.53 -4.48
C GLY A 63 -6.52 -1.43 -4.19
N TRP A 64 -6.73 -2.46 -3.39
CA TRP A 64 -5.68 -3.41 -3.10
C TRP A 64 -5.35 -4.21 -4.34
N ALA A 65 -6.37 -4.58 -5.10
CA ALA A 65 -6.19 -5.31 -6.34
C ALA A 65 -5.39 -4.48 -7.33
N VAL A 66 -5.66 -3.17 -7.34
CA VAL A 66 -4.92 -2.26 -8.19
C VAL A 66 -3.44 -2.14 -7.70
N PHE A 67 -3.30 -1.95 -6.39
CA PHE A 67 -1.97 -1.86 -5.74
C PHE A 67 -1.16 -3.13 -6.09
N VAL A 68 -1.80 -4.27 -5.98
CA VAL A 68 -1.18 -5.54 -6.30
C VAL A 68 -0.77 -5.61 -7.75
N LYS A 69 -1.68 -5.23 -8.67
CA LYS A 69 -1.41 -5.35 -10.11
C LYS A 69 -0.25 -4.44 -10.55
N TYR A 70 -0.01 -3.38 -9.80
CA TYR A 70 1.11 -2.55 -10.11
C TYR A 70 2.39 -3.01 -9.43
N CYS A 71 2.28 -3.57 -8.24
CA CYS A 71 3.42 -4.13 -7.59
C CYS A 71 3.96 -5.34 -8.35
N THR A 72 3.07 -6.18 -8.85
CA THR A 72 3.48 -7.33 -9.64
C THR A 72 4.20 -6.86 -10.90
N TYR A 73 3.62 -5.84 -11.51
CA TYR A 73 4.17 -5.15 -12.67
C TYR A 73 5.62 -4.65 -12.42
N TYR A 74 5.85 -4.05 -11.25
CA TYR A 74 7.19 -3.54 -10.89
C TYR A 74 8.06 -4.62 -10.22
N LYS A 75 7.47 -5.79 -10.00
CA LYS A 75 8.14 -6.94 -9.39
C LYS A 75 8.40 -6.71 -7.90
N GLY A 76 7.36 -6.34 -7.22
CA GLY A 76 7.41 -6.07 -5.83
C GLY A 76 6.36 -6.85 -5.13
N VAL A 77 6.45 -6.91 -3.84
CA VAL A 77 5.54 -7.68 -3.05
C VAL A 77 4.62 -6.77 -2.26
N PRO A 78 3.34 -6.75 -2.60
CA PRO A 78 2.34 -6.00 -1.88
C PRO A 78 1.95 -6.72 -0.59
N ASP A 79 2.19 -6.08 0.52
CA ASP A 79 1.97 -6.67 1.82
C ASP A 79 1.16 -5.76 2.72
N ALA A 80 0.27 -6.37 3.47
CA ALA A 80 -0.60 -5.71 4.43
C ALA A 80 -1.02 -6.75 5.44
N GLY A 1 1.53 -11.48 22.42
CA GLY A 1 0.79 -10.23 22.37
C GLY A 1 0.97 -9.55 21.05
N HIS A 2 1.10 -8.24 21.08
CA HIS A 2 1.28 -7.39 19.90
C HIS A 2 0.08 -7.50 18.96
N MET A 3 -0.97 -6.83 19.33
CA MET A 3 -2.15 -6.77 18.50
C MET A 3 -2.17 -5.48 17.73
N ALA A 4 -1.73 -5.53 16.51
CA ALA A 4 -1.73 -4.39 15.66
C ALA A 4 -2.68 -4.64 14.52
N VAL A 5 -3.86 -4.07 14.64
CA VAL A 5 -4.92 -4.29 13.66
C VAL A 5 -4.93 -3.11 12.67
N VAL A 6 -3.85 -2.41 12.65
CA VAL A 6 -3.66 -1.31 11.73
C VAL A 6 -2.95 -1.87 10.53
N TYR A 7 -3.50 -1.64 9.39
CA TYR A 7 -2.94 -2.16 8.18
C TYR A 7 -2.37 -1.05 7.34
N ALA A 8 -1.26 -1.31 6.73
CA ALA A 8 -0.62 -0.36 5.90
C ALA A 8 -0.18 -1.05 4.64
N ALA A 9 -0.28 -0.37 3.55
CA ALA A 9 0.17 -0.89 2.31
C ALA A 9 1.61 -0.55 2.14
N ARG A 10 2.37 -1.54 1.75
CA ARG A 10 3.78 -1.44 1.59
C ARG A 10 4.25 -2.32 0.47
N CYS A 11 5.10 -1.81 -0.37
CA CYS A 11 5.57 -2.57 -1.49
C CYS A 11 7.05 -2.81 -1.30
N LYS A 12 7.39 -4.06 -1.09
CA LYS A 12 8.73 -4.44 -0.71
C LYS A 12 9.52 -4.94 -1.89
N PHE A 13 10.83 -4.70 -1.86
CA PHE A 13 11.72 -5.08 -2.95
C PHE A 13 13.06 -5.60 -2.44
N GLY A 14 13.40 -6.79 -2.86
CA GLY A 14 14.73 -7.37 -2.67
C GLY A 14 15.08 -7.87 -1.28
N ASN A 15 14.96 -7.01 -0.32
CA ASN A 15 15.34 -7.38 1.03
C ASN A 15 14.06 -7.72 1.78
N PRO A 16 13.99 -8.94 2.35
CA PRO A 16 12.84 -9.40 3.12
C PRO A 16 12.32 -8.36 4.11
N LEU A 17 11.04 -8.05 3.97
CA LEU A 17 10.31 -7.11 4.82
C LEU A 17 10.66 -5.65 4.58
N VAL A 18 11.47 -5.38 3.60
CA VAL A 18 11.93 -4.02 3.36
C VAL A 18 11.19 -3.36 2.21
N GLN A 19 10.44 -2.34 2.55
CA GLN A 19 9.65 -1.56 1.62
C GLN A 19 10.56 -0.70 0.75
N ASN A 20 10.15 -0.49 -0.47
CA ASN A 20 10.76 0.52 -1.31
C ASN A 20 9.86 1.73 -1.22
N ASN A 21 10.37 2.82 -0.66
CA ASN A 21 9.52 3.99 -0.39
C ASN A 21 9.03 4.65 -1.67
N ARG A 22 9.90 4.72 -2.67
CA ARG A 22 9.58 5.31 -3.97
C ARG A 22 8.40 4.59 -4.61
N ILE A 23 8.54 3.29 -4.79
CA ILE A 23 7.53 2.50 -5.44
C ILE A 23 6.22 2.49 -4.65
N THR A 24 6.31 2.31 -3.34
CA THR A 24 5.10 2.31 -2.52
C THR A 24 4.34 3.64 -2.67
N ARG A 25 5.04 4.75 -2.56
CA ARG A 25 4.39 6.05 -2.66
C ARG A 25 3.83 6.25 -4.07
N ALA A 26 4.62 5.90 -5.08
CA ALA A 26 4.21 6.02 -6.47
C ALA A 26 2.97 5.18 -6.75
N VAL A 27 2.99 3.92 -6.32
CA VAL A 27 1.88 3.01 -6.52
C VAL A 27 0.64 3.47 -5.74
N CYS A 28 0.84 3.93 -4.52
CA CYS A 28 -0.26 4.45 -3.73
C CYS A 28 -0.88 5.67 -4.41
N ASP A 29 -0.04 6.49 -5.05
CA ASP A 29 -0.53 7.66 -5.79
C ASP A 29 -1.37 7.21 -6.96
N LEU A 30 -0.78 6.32 -7.75
CA LEU A 30 -1.45 5.69 -8.90
C LEU A 30 -2.79 5.12 -8.48
N THR A 31 -2.79 4.35 -7.43
CA THR A 31 -3.98 3.75 -6.91
C THR A 31 -5.01 4.80 -6.47
N ASN A 32 -4.56 5.83 -5.79
CA ASN A 32 -5.42 6.86 -5.25
C ASN A 32 -5.95 7.75 -6.38
N GLU A 33 -5.31 7.66 -7.53
CA GLU A 33 -5.69 8.41 -8.71
C GLU A 33 -6.64 7.56 -9.58
N HIS A 34 -6.45 6.28 -9.53
CA HIS A 34 -7.29 5.36 -10.28
C HIS A 34 -8.54 5.03 -9.53
N THR A 35 -8.42 4.92 -8.24
CA THR A 35 -9.54 4.74 -7.41
C THR A 35 -9.71 6.01 -6.60
N THR A 36 -10.16 7.06 -7.26
CA THR A 36 -10.36 8.36 -6.63
C THR A 36 -11.63 8.39 -5.81
N LYS A 37 -12.57 7.52 -6.15
CA LYS A 37 -13.81 7.42 -5.40
C LYS A 37 -13.55 6.69 -4.09
N ASP A 38 -12.45 5.96 -4.10
CA ASP A 38 -11.95 5.25 -2.92
C ASP A 38 -10.69 5.99 -2.48
N GLY A 39 -10.57 7.22 -2.98
CA GLY A 39 -9.38 8.03 -2.82
C GLY A 39 -9.20 8.61 -1.46
N SER A 40 -9.05 7.75 -0.52
CA SER A 40 -8.76 8.07 0.83
C SER A 40 -7.49 7.32 1.23
N TRP A 41 -6.72 6.95 0.23
CA TRP A 41 -5.47 6.27 0.41
C TRP A 41 -4.39 7.32 0.62
N HIS A 42 -3.76 7.32 1.75
CA HIS A 42 -2.78 8.33 2.04
C HIS A 42 -1.44 7.73 2.46
N TYR A 43 -0.37 8.24 1.91
CA TYR A 43 0.95 7.73 2.22
C TYR A 43 1.55 8.50 3.37
N VAL A 44 1.91 7.79 4.41
CA VAL A 44 2.59 8.37 5.51
C VAL A 44 4.01 7.82 5.43
N GLU A 45 4.96 8.45 6.10
CA GLU A 45 6.36 8.01 6.09
C GLU A 45 6.49 6.52 6.52
N VAL A 46 7.62 5.92 6.20
CA VAL A 46 7.89 4.45 6.34
C VAL A 46 7.59 3.82 7.71
N ASP A 47 7.39 4.62 8.74
CA ASP A 47 6.97 4.08 10.02
C ASP A 47 5.54 3.63 9.92
N ASN A 48 4.74 4.43 9.25
CA ASN A 48 3.32 4.22 9.20
C ASN A 48 2.87 3.72 7.83
N GLU A 49 3.62 4.09 6.79
CA GLU A 49 3.46 3.55 5.43
C GLU A 49 2.15 4.01 4.77
N CYS A 50 1.70 3.32 3.74
CA CYS A 50 0.48 3.74 3.07
C CYS A 50 -0.76 3.36 3.86
N LYS A 51 -1.40 4.33 4.44
CA LYS A 51 -2.63 4.09 5.13
C LYS A 51 -3.78 4.14 4.18
N TYR A 52 -4.60 3.17 4.26
CA TYR A 52 -5.81 3.17 3.50
C TYR A 52 -6.92 3.50 4.45
N LEU A 53 -7.53 4.68 4.25
CA LEU A 53 -8.62 5.22 5.09
C LEU A 53 -8.06 5.79 6.38
N ALA A 54 -7.82 4.92 7.31
CA ALA A 54 -7.24 5.25 8.60
C ALA A 54 -6.28 4.15 8.99
N GLY A 55 -5.97 3.32 8.02
CA GLY A 55 -5.15 2.17 8.24
C GLY A 55 -6.02 0.95 8.37
N ASP A 56 -7.03 0.91 7.51
CA ASP A 56 -7.97 -0.19 7.45
C ASP A 56 -7.31 -1.21 6.54
N ASN A 57 -7.83 -2.42 6.45
CA ASN A 57 -7.18 -3.40 5.61
C ASN A 57 -7.43 -3.10 4.14
N PRO A 58 -6.37 -2.75 3.40
CA PRO A 58 -6.50 -2.37 2.01
C PRO A 58 -6.87 -3.55 1.16
N ARG A 59 -6.51 -4.74 1.64
CA ARG A 59 -6.67 -6.01 0.95
C ARG A 59 -8.10 -6.25 0.48
N ASP A 60 -9.05 -5.82 1.28
CA ASP A 60 -10.46 -6.04 0.97
C ASP A 60 -11.01 -4.98 0.01
N GLN A 61 -10.26 -3.90 -0.15
CA GLN A 61 -10.67 -2.79 -0.98
C GLN A 61 -10.10 -2.97 -2.40
N PRO A 62 -10.82 -2.49 -3.44
CA PRO A 62 -10.37 -2.58 -4.86
C PRO A 62 -9.02 -1.87 -5.08
N GLY A 63 -8.74 -0.90 -4.21
CA GLY A 63 -7.49 -0.19 -4.25
C GLY A 63 -6.30 -1.13 -4.09
N TRP A 64 -6.51 -2.20 -3.33
CA TRP A 64 -5.44 -3.17 -3.14
C TRP A 64 -5.16 -3.89 -4.44
N ALA A 65 -6.20 -4.19 -5.19
CA ALA A 65 -6.05 -4.87 -6.46
C ALA A 65 -5.27 -3.98 -7.42
N VAL A 66 -5.50 -2.68 -7.32
CA VAL A 66 -4.76 -1.71 -8.12
C VAL A 66 -3.28 -1.66 -7.63
N PHE A 67 -3.11 -1.53 -6.32
CA PHE A 67 -1.79 -1.51 -5.70
C PHE A 67 -0.98 -2.76 -6.11
N VAL A 68 -1.65 -3.90 -6.06
CA VAL A 68 -1.05 -5.16 -6.44
C VAL A 68 -0.70 -5.19 -7.92
N LYS A 69 -1.61 -4.72 -8.78
CA LYS A 69 -1.36 -4.74 -10.23
C LYS A 69 -0.19 -3.86 -10.62
N TYR A 70 0.12 -2.88 -9.79
CA TYR A 70 1.28 -2.06 -10.05
C TYR A 70 2.54 -2.57 -9.39
N CYS A 71 2.44 -3.14 -8.20
CA CYS A 71 3.59 -3.74 -7.59
C CYS A 71 4.09 -4.93 -8.38
N THR A 72 3.18 -5.72 -8.93
CA THR A 72 3.55 -6.85 -9.76
C THR A 72 4.21 -6.35 -11.03
N TYR A 73 3.63 -5.30 -11.56
CA TYR A 73 4.16 -4.57 -12.72
C TYR A 73 5.64 -4.17 -12.50
N TYR A 74 5.94 -3.60 -11.33
CA TYR A 74 7.30 -3.22 -11.00
C TYR A 74 8.12 -4.40 -10.45
N LYS A 75 7.42 -5.52 -10.20
CA LYS A 75 8.01 -6.80 -9.73
C LYS A 75 8.41 -6.75 -8.26
N GLY A 76 7.54 -6.16 -7.47
CA GLY A 76 7.74 -6.02 -6.07
C GLY A 76 6.64 -6.70 -5.34
N VAL A 77 6.77 -6.83 -4.07
CA VAL A 77 5.80 -7.57 -3.30
C VAL A 77 4.93 -6.63 -2.46
N PRO A 78 3.64 -6.57 -2.77
CA PRO A 78 2.69 -5.76 -2.02
C PRO A 78 2.25 -6.49 -0.75
N ASP A 79 2.41 -5.84 0.37
CA ASP A 79 2.08 -6.42 1.65
C ASP A 79 1.19 -5.50 2.47
N ALA A 80 0.32 -6.11 3.24
CA ALA A 80 -0.56 -5.44 4.16
C ALA A 80 -0.76 -6.34 5.36
N GLY A 1 0.35 -4.15 15.50
CA GLY A 1 0.83 -5.19 16.39
C GLY A 1 -0.12 -6.35 16.39
N HIS A 2 -0.33 -6.94 17.54
CA HIS A 2 -1.28 -8.01 17.69
C HIS A 2 -2.48 -7.47 18.44
N MET A 3 -3.68 -7.95 18.09
CA MET A 3 -4.98 -7.48 18.64
C MET A 3 -5.30 -6.13 18.03
N ALA A 4 -4.43 -5.21 18.25
CA ALA A 4 -4.48 -3.93 17.65
C ALA A 4 -3.66 -4.01 16.37
N VAL A 5 -4.35 -4.18 15.30
CA VAL A 5 -3.73 -4.44 14.03
C VAL A 5 -4.14 -3.37 13.07
N VAL A 6 -3.30 -2.41 12.97
CA VAL A 6 -3.50 -1.33 12.06
C VAL A 6 -2.72 -1.66 10.81
N TYR A 7 -3.31 -1.50 9.68
CA TYR A 7 -2.70 -1.94 8.45
C TYR A 7 -2.03 -0.82 7.72
N ALA A 8 -1.13 -1.19 6.86
CA ALA A 8 -0.45 -0.30 6.00
C ALA A 8 -0.05 -1.05 4.78
N ALA A 9 -0.09 -0.42 3.67
CA ALA A 9 0.30 -1.02 2.45
C ALA A 9 1.74 -0.70 2.19
N ARG A 10 2.45 -1.70 1.77
CA ARG A 10 3.83 -1.58 1.46
C ARG A 10 4.21 -2.47 0.32
N CYS A 11 4.91 -1.93 -0.63
CA CYS A 11 5.37 -2.70 -1.73
C CYS A 11 6.87 -2.87 -1.54
N LYS A 12 7.24 -4.05 -1.14
CA LYS A 12 8.61 -4.34 -0.76
C LYS A 12 9.35 -4.91 -1.94
N PHE A 13 10.65 -4.74 -1.96
CA PHE A 13 11.44 -5.20 -3.08
C PHE A 13 12.66 -6.01 -2.65
N GLY A 14 12.46 -7.32 -2.55
CA GLY A 14 13.54 -8.26 -2.31
C GLY A 14 14.11 -8.23 -0.91
N ASN A 15 13.44 -7.56 -0.02
CA ASN A 15 13.93 -7.40 1.34
C ASN A 15 12.80 -7.51 2.35
N PRO A 16 13.02 -8.22 3.46
CA PRO A 16 12.01 -8.42 4.51
C PRO A 16 11.61 -7.11 5.17
N LEU A 17 10.32 -6.80 5.10
CA LEU A 17 9.70 -5.58 5.66
C LEU A 17 10.20 -4.28 5.00
N VAL A 18 10.95 -4.40 3.95
CA VAL A 18 11.57 -3.24 3.37
C VAL A 18 10.80 -2.73 2.17
N GLN A 19 9.76 -2.01 2.50
CA GLN A 19 8.99 -1.26 1.55
C GLN A 19 9.91 -0.34 0.74
N ASN A 20 9.75 -0.33 -0.54
CA ASN A 20 10.43 0.69 -1.33
C ASN A 20 9.50 1.85 -1.34
N ASN A 21 9.76 2.82 -0.49
CA ASN A 21 8.84 3.95 -0.29
C ASN A 21 8.58 4.74 -1.55
N ARG A 22 9.58 4.86 -2.41
CA ARG A 22 9.43 5.59 -3.65
C ARG A 22 8.40 4.92 -4.53
N ILE A 23 8.62 3.64 -4.78
CA ILE A 23 7.73 2.87 -5.63
C ILE A 23 6.37 2.69 -4.96
N THR A 24 6.36 2.44 -3.66
CA THR A 24 5.12 2.31 -2.92
C THR A 24 4.31 3.60 -2.99
N ARG A 25 4.95 4.75 -2.80
CA ARG A 25 4.27 6.03 -2.89
C ARG A 25 3.70 6.20 -4.29
N ALA A 26 4.49 5.84 -5.29
CA ALA A 26 4.07 5.89 -6.68
C ALA A 26 2.86 5.00 -6.91
N VAL A 27 2.93 3.76 -6.45
CA VAL A 27 1.84 2.81 -6.59
C VAL A 27 0.60 3.26 -5.80
N CYS A 28 0.78 3.77 -4.59
CA CYS A 28 -0.34 4.26 -3.80
C CYS A 28 -1.00 5.47 -4.49
N ASP A 29 -0.20 6.27 -5.16
CA ASP A 29 -0.68 7.42 -5.94
C ASP A 29 -1.46 6.93 -7.12
N LEU A 30 -0.85 6.02 -7.86
CA LEU A 30 -1.48 5.34 -9.01
C LEU A 30 -2.82 4.74 -8.62
N THR A 31 -2.82 4.07 -7.50
CA THR A 31 -3.99 3.46 -6.96
C THR A 31 -5.06 4.51 -6.63
N ASN A 32 -4.65 5.61 -6.01
CA ASN A 32 -5.56 6.69 -5.63
C ASN A 32 -6.15 7.26 -6.91
N GLU A 33 -5.33 7.32 -7.94
CA GLU A 33 -5.72 7.86 -9.24
C GLU A 33 -6.79 7.00 -9.91
N HIS A 34 -6.60 5.71 -9.85
CA HIS A 34 -7.52 4.78 -10.47
C HIS A 34 -8.76 4.57 -9.63
N THR A 35 -8.61 4.56 -8.34
CA THR A 35 -9.74 4.43 -7.48
C THR A 35 -9.91 5.73 -6.71
N THR A 36 -10.26 6.74 -7.45
CA THR A 36 -10.39 8.09 -6.94
C THR A 36 -11.57 8.29 -5.99
N LYS A 37 -12.64 7.51 -6.13
CA LYS A 37 -13.75 7.60 -5.22
C LYS A 37 -13.53 6.79 -3.95
N ASP A 38 -12.40 6.14 -3.92
CA ASP A 38 -11.92 5.47 -2.73
C ASP A 38 -10.56 6.04 -2.46
N GLY A 39 -10.32 7.23 -3.03
CA GLY A 39 -9.03 7.86 -3.01
C GLY A 39 -8.68 8.51 -1.70
N SER A 40 -8.71 7.74 -0.67
CA SER A 40 -8.34 8.15 0.64
C SER A 40 -7.12 7.32 1.03
N TRP A 41 -6.42 6.90 0.01
CA TRP A 41 -5.20 6.18 0.16
C TRP A 41 -4.09 7.20 0.35
N HIS A 42 -3.60 7.33 1.52
CA HIS A 42 -2.62 8.34 1.79
C HIS A 42 -1.30 7.74 2.25
N TYR A 43 -0.24 8.16 1.63
CA TYR A 43 1.08 7.68 1.98
C TYR A 43 1.59 8.41 3.20
N VAL A 44 2.12 7.67 4.13
CA VAL A 44 2.76 8.23 5.28
C VAL A 44 4.17 7.65 5.26
N GLU A 45 5.14 8.36 5.86
CA GLU A 45 6.54 7.91 5.93
C GLU A 45 6.63 6.44 6.39
N VAL A 46 7.73 5.76 6.02
CA VAL A 46 7.92 4.29 6.20
C VAL A 46 7.67 3.71 7.61
N ASP A 47 7.58 4.56 8.60
CA ASP A 47 7.21 4.09 9.93
C ASP A 47 5.73 3.71 9.95
N ASN A 48 4.94 4.48 9.23
CA ASN A 48 3.51 4.28 9.23
C ASN A 48 3.02 3.73 7.87
N GLU A 49 3.79 4.04 6.79
CA GLU A 49 3.62 3.43 5.45
C GLU A 49 2.32 3.89 4.75
N CYS A 50 1.90 3.21 3.67
CA CYS A 50 0.69 3.64 2.98
C CYS A 50 -0.55 3.32 3.77
N LYS A 51 -1.27 4.34 4.10
CA LYS A 51 -2.46 4.21 4.90
C LYS A 51 -3.71 4.29 4.04
N TYR A 52 -4.54 3.29 4.15
CA TYR A 52 -5.77 3.25 3.41
C TYR A 52 -6.92 3.60 4.34
N LEU A 53 -7.53 4.76 4.08
CA LEU A 53 -8.62 5.35 4.87
C LEU A 53 -8.09 5.89 6.17
N ALA A 54 -8.01 5.05 7.14
CA ALA A 54 -7.46 5.39 8.42
C ALA A 54 -6.40 4.37 8.80
N GLY A 55 -6.19 3.43 7.91
CA GLY A 55 -5.25 2.38 8.15
C GLY A 55 -5.94 1.07 8.34
N ASP A 56 -6.92 0.83 7.52
CA ASP A 56 -7.65 -0.40 7.57
C ASP A 56 -7.08 -1.34 6.55
N ASN A 57 -7.54 -2.56 6.54
CA ASN A 57 -7.02 -3.55 5.63
C ASN A 57 -7.45 -3.27 4.20
N PRO A 58 -6.49 -2.87 3.35
CA PRO A 58 -6.78 -2.48 1.96
C PRO A 58 -7.13 -3.68 1.13
N ARG A 59 -6.81 -4.84 1.66
CA ARG A 59 -6.96 -6.14 1.02
C ARG A 59 -8.42 -6.45 0.64
N ASP A 60 -9.34 -5.76 1.28
CA ASP A 60 -10.78 -5.93 1.03
C ASP A 60 -11.28 -4.86 0.03
N GLN A 61 -10.45 -3.89 -0.21
CA GLN A 61 -10.78 -2.75 -1.04
C GLN A 61 -10.19 -2.93 -2.44
N PRO A 62 -10.87 -2.41 -3.50
CA PRO A 62 -10.41 -2.51 -4.90
C PRO A 62 -9.05 -1.84 -5.10
N GLY A 63 -8.72 -0.94 -4.19
CA GLY A 63 -7.45 -0.27 -4.20
C GLY A 63 -6.32 -1.25 -4.07
N TRP A 64 -6.52 -2.31 -3.30
CA TRP A 64 -5.49 -3.32 -3.14
C TRP A 64 -5.28 -4.06 -4.44
N ALA A 65 -6.36 -4.29 -5.18
CA ALA A 65 -6.28 -4.96 -6.47
C ALA A 65 -5.43 -4.12 -7.42
N VAL A 66 -5.61 -2.82 -7.35
CA VAL A 66 -4.84 -1.89 -8.18
C VAL A 66 -3.38 -1.85 -7.69
N PHE A 67 -3.20 -1.72 -6.40
CA PHE A 67 -1.88 -1.71 -5.76
C PHE A 67 -1.10 -2.97 -6.15
N VAL A 68 -1.77 -4.11 -6.08
CA VAL A 68 -1.18 -5.38 -6.43
C VAL A 68 -0.82 -5.44 -7.92
N LYS A 69 -1.72 -4.97 -8.79
CA LYS A 69 -1.47 -5.03 -10.24
C LYS A 69 -0.24 -4.21 -10.62
N TYR A 70 -0.01 -3.12 -9.91
CA TYR A 70 1.16 -2.33 -10.20
C TYR A 70 2.42 -2.89 -9.56
N CYS A 71 2.30 -3.46 -8.37
CA CYS A 71 3.41 -4.07 -7.74
C CYS A 71 3.92 -5.29 -8.52
N THR A 72 3.02 -6.12 -9.00
CA THR A 72 3.42 -7.29 -9.78
C THR A 72 4.08 -6.83 -11.08
N TYR A 73 3.44 -5.85 -11.70
CA TYR A 73 3.92 -5.18 -12.92
C TYR A 73 5.35 -4.65 -12.74
N TYR A 74 5.63 -4.00 -11.60
CA TYR A 74 6.99 -3.48 -11.32
C TYR A 74 7.88 -4.52 -10.65
N LYS A 75 7.29 -5.66 -10.33
CA LYS A 75 7.95 -6.81 -9.70
C LYS A 75 8.35 -6.53 -8.26
N GLY A 76 7.36 -6.25 -7.48
CA GLY A 76 7.51 -6.00 -6.08
C GLY A 76 6.53 -6.83 -5.32
N VAL A 77 6.62 -6.84 -4.04
CA VAL A 77 5.74 -7.64 -3.24
C VAL A 77 4.81 -6.75 -2.42
N PRO A 78 3.51 -6.75 -2.75
CA PRO A 78 2.53 -5.98 -2.03
C PRO A 78 2.14 -6.67 -0.72
N ASP A 79 2.38 -5.99 0.35
CA ASP A 79 2.17 -6.52 1.68
C ASP A 79 1.40 -5.52 2.52
N ALA A 80 0.61 -6.01 3.42
CA ALA A 80 -0.19 -5.20 4.30
C ALA A 80 -0.05 -5.73 5.71
N GLY A 1 5.58 -10.30 15.04
CA GLY A 1 4.95 -9.13 14.42
C GLY A 1 3.94 -8.52 15.35
N HIS A 2 3.07 -7.70 14.83
CA HIS A 2 2.01 -7.07 15.60
C HIS A 2 0.75 -7.01 14.79
N MET A 3 -0.21 -7.80 15.18
CA MET A 3 -1.51 -7.76 14.53
C MET A 3 -2.32 -6.66 15.18
N ALA A 4 -3.05 -5.91 14.39
CA ALA A 4 -3.82 -4.81 14.91
C ALA A 4 -4.94 -4.47 13.93
N VAL A 5 -5.65 -3.39 14.19
CA VAL A 5 -6.71 -2.94 13.31
C VAL A 5 -6.12 -1.91 12.34
N VAL A 6 -4.84 -1.83 12.39
CA VAL A 6 -4.08 -0.94 11.56
C VAL A 6 -3.43 -1.76 10.50
N TYR A 7 -3.65 -1.39 9.30
CA TYR A 7 -3.09 -2.06 8.17
C TYR A 7 -2.37 -1.06 7.30
N ALA A 8 -1.24 -1.46 6.86
CA ALA A 8 -0.41 -0.63 6.04
C ALA A 8 -0.05 -1.39 4.81
N ALA A 9 -0.17 -0.75 3.69
CA ALA A 9 0.23 -1.32 2.45
C ALA A 9 1.70 -1.07 2.30
N ARG A 10 2.39 -2.13 1.99
CA ARG A 10 3.82 -2.14 1.92
C ARG A 10 4.23 -2.84 0.61
N CYS A 11 4.94 -2.17 -0.25
CA CYS A 11 5.40 -2.83 -1.46
C CYS A 11 6.90 -3.07 -1.32
N LYS A 12 7.27 -4.32 -1.11
CA LYS A 12 8.63 -4.66 -0.77
C LYS A 12 9.41 -5.05 -2.01
N PHE A 13 10.69 -4.74 -2.00
CA PHE A 13 11.58 -5.05 -3.11
C PHE A 13 12.88 -5.66 -2.66
N GLY A 14 12.91 -6.97 -2.56
CA GLY A 14 14.13 -7.70 -2.27
C GLY A 14 14.50 -7.73 -0.81
N ASN A 15 14.75 -6.57 -0.26
CA ASN A 15 15.17 -6.41 1.13
C ASN A 15 14.11 -6.96 2.10
N PRO A 16 14.51 -7.84 3.05
CA PRO A 16 13.59 -8.51 4.00
C PRO A 16 12.71 -7.54 4.80
N LEU A 17 11.40 -7.63 4.54
CA LEU A 17 10.36 -6.81 5.18
C LEU A 17 10.51 -5.33 4.85
N VAL A 18 11.27 -5.04 3.85
CA VAL A 18 11.56 -3.68 3.53
C VAL A 18 10.77 -3.21 2.33
N GLN A 19 9.71 -2.55 2.66
CA GLN A 19 8.91 -1.81 1.73
C GLN A 19 9.78 -0.71 1.11
N ASN A 20 9.77 -0.64 -0.21
CA ASN A 20 10.58 0.35 -0.88
C ASN A 20 9.78 1.62 -1.03
N ASN A 21 10.20 2.63 -0.27
CA ASN A 21 9.54 3.93 -0.11
C ASN A 21 9.03 4.54 -1.40
N ARG A 22 9.96 4.95 -2.24
CA ARG A 22 9.67 5.60 -3.52
C ARG A 22 8.64 4.85 -4.35
N ILE A 23 8.86 3.57 -4.53
CA ILE A 23 7.98 2.77 -5.35
C ILE A 23 6.61 2.67 -4.72
N THR A 24 6.54 2.33 -3.43
CA THR A 24 5.27 2.21 -2.74
C THR A 24 4.49 3.54 -2.79
N ARG A 25 5.22 4.64 -2.59
CA ARG A 25 4.64 5.97 -2.62
C ARG A 25 4.03 6.22 -4.02
N ALA A 26 4.80 5.89 -5.05
CA ALA A 26 4.34 6.06 -6.43
C ALA A 26 3.12 5.17 -6.70
N VAL A 27 3.20 3.91 -6.30
CA VAL A 27 2.13 2.94 -6.48
C VAL A 27 0.86 3.41 -5.77
N CYS A 28 0.98 3.85 -4.53
CA CYS A 28 -0.17 4.33 -3.76
C CYS A 28 -0.81 5.56 -4.41
N ASP A 29 0.02 6.43 -4.98
CA ASP A 29 -0.48 7.63 -5.64
C ASP A 29 -1.28 7.22 -6.86
N LEU A 30 -0.68 6.38 -7.67
CA LEU A 30 -1.30 5.83 -8.87
C LEU A 30 -2.59 5.08 -8.53
N THR A 31 -2.53 4.29 -7.48
CA THR A 31 -3.67 3.56 -6.99
C THR A 31 -4.82 4.51 -6.62
N ASN A 32 -4.49 5.57 -5.88
CA ASN A 32 -5.45 6.56 -5.45
C ASN A 32 -6.07 7.23 -6.65
N GLU A 33 -5.26 7.42 -7.68
CA GLU A 33 -5.69 8.06 -8.94
C GLU A 33 -6.80 7.23 -9.63
N HIS A 34 -6.75 5.93 -9.44
CA HIS A 34 -7.75 5.01 -9.99
C HIS A 34 -8.93 4.83 -9.06
N THR A 35 -8.71 5.02 -7.79
CA THR A 35 -9.74 4.77 -6.81
C THR A 35 -10.04 6.01 -5.97
N THR A 36 -10.08 7.16 -6.64
CA THR A 36 -10.29 8.46 -5.99
C THR A 36 -11.58 8.53 -5.17
N LYS A 37 -12.64 7.94 -5.70
CA LYS A 37 -13.92 7.94 -5.02
C LYS A 37 -14.10 6.67 -4.24
N ASP A 38 -13.11 5.84 -4.28
CA ASP A 38 -13.17 4.57 -3.63
C ASP A 38 -12.31 4.55 -2.40
N GLY A 39 -11.54 5.58 -2.20
CA GLY A 39 -10.75 5.64 -1.04
C GLY A 39 -9.59 6.55 -1.18
N SER A 40 -9.51 7.46 -0.29
CA SER A 40 -8.38 8.30 -0.17
C SER A 40 -7.23 7.52 0.41
N TRP A 41 -6.35 7.13 -0.44
CA TRP A 41 -5.20 6.40 -0.03
C TRP A 41 -4.08 7.40 0.10
N HIS A 42 -3.24 7.22 1.07
CA HIS A 42 -2.16 8.13 1.29
C HIS A 42 -0.95 7.43 1.84
N TYR A 43 0.18 7.71 1.26
CA TYR A 43 1.39 7.14 1.72
C TYR A 43 1.93 8.00 2.81
N VAL A 44 2.11 7.42 3.94
CA VAL A 44 2.66 8.12 5.03
C VAL A 44 4.09 7.66 5.09
N GLU A 45 4.93 8.41 5.74
CA GLU A 45 6.35 8.11 5.87
C GLU A 45 6.55 6.69 6.45
N VAL A 46 7.77 6.17 6.32
CA VAL A 46 8.11 4.76 6.68
C VAL A 46 7.62 4.27 8.06
N ASP A 47 7.38 5.19 8.99
CA ASP A 47 6.86 4.83 10.31
C ASP A 47 5.42 4.36 10.26
N ASN A 48 4.71 4.76 9.23
CA ASN A 48 3.30 4.42 9.08
C ASN A 48 3.03 3.64 7.82
N GLU A 49 3.79 3.93 6.75
CA GLU A 49 3.68 3.24 5.45
C GLU A 49 2.42 3.66 4.71
N CYS A 50 1.96 2.89 3.75
CA CYS A 50 0.84 3.33 2.95
C CYS A 50 -0.48 3.06 3.66
N LYS A 51 -1.20 4.11 3.99
CA LYS A 51 -2.47 3.98 4.66
C LYS A 51 -3.62 4.11 3.72
N TYR A 52 -4.57 3.24 3.90
CA TYR A 52 -5.79 3.30 3.18
C TYR A 52 -6.85 3.93 4.06
N LEU A 53 -7.19 5.19 3.76
CA LEU A 53 -8.15 5.99 4.54
C LEU A 53 -7.72 6.19 5.99
N ALA A 54 -8.18 5.33 6.87
CA ALA A 54 -7.85 5.42 8.28
C ALA A 54 -6.77 4.40 8.63
N GLY A 55 -6.22 3.79 7.61
CA GLY A 55 -5.21 2.79 7.82
C GLY A 55 -5.86 1.48 8.17
N ASP A 56 -6.94 1.20 7.47
CA ASP A 56 -7.71 -0.02 7.69
C ASP A 56 -7.22 -1.05 6.66
N ASN A 57 -7.84 -2.20 6.57
CA ASN A 57 -7.37 -3.25 5.67
C ASN A 57 -7.63 -2.93 4.20
N PRO A 58 -6.55 -2.78 3.42
CA PRO A 58 -6.65 -2.42 2.01
C PRO A 58 -7.22 -3.55 1.18
N ARG A 59 -6.94 -4.80 1.61
CA ARG A 59 -7.29 -6.03 0.87
C ARG A 59 -8.78 -6.13 0.56
N ASP A 60 -9.60 -5.59 1.42
CA ASP A 60 -11.04 -5.65 1.25
C ASP A 60 -11.53 -4.65 0.20
N GLN A 61 -10.75 -3.60 -0.02
CA GLN A 61 -11.10 -2.54 -0.94
C GLN A 61 -10.43 -2.78 -2.31
N PRO A 62 -10.99 -2.20 -3.41
CA PRO A 62 -10.43 -2.35 -4.79
C PRO A 62 -9.04 -1.72 -4.93
N GLY A 63 -8.74 -0.81 -4.00
CA GLY A 63 -7.47 -0.14 -3.98
C GLY A 63 -6.31 -1.09 -3.88
N TRP A 64 -6.49 -2.14 -3.09
CA TRP A 64 -5.43 -3.13 -2.92
C TRP A 64 -5.19 -3.86 -4.23
N ALA A 65 -6.27 -4.17 -4.93
CA ALA A 65 -6.20 -4.87 -6.22
C ALA A 65 -5.39 -4.05 -7.21
N VAL A 66 -5.61 -2.74 -7.20
CA VAL A 66 -4.89 -1.82 -8.07
C VAL A 66 -3.40 -1.74 -7.63
N PHE A 67 -3.20 -1.57 -6.34
CA PHE A 67 -1.86 -1.53 -5.73
C PHE A 67 -1.07 -2.78 -6.13
N VAL A 68 -1.71 -3.93 -5.98
CA VAL A 68 -1.11 -5.19 -6.32
C VAL A 68 -0.77 -5.29 -7.80
N LYS A 69 -1.68 -4.83 -8.68
CA LYS A 69 -1.43 -4.92 -10.11
C LYS A 69 -0.26 -4.05 -10.54
N TYR A 70 -0.06 -2.96 -9.83
CA TYR A 70 1.08 -2.10 -10.08
C TYR A 70 2.36 -2.69 -9.51
N CYS A 71 2.32 -3.16 -8.27
CA CYS A 71 3.46 -3.76 -7.66
C CYS A 71 3.96 -4.98 -8.42
N THR A 72 3.06 -5.86 -8.84
CA THR A 72 3.47 -7.05 -9.55
C THR A 72 4.06 -6.69 -10.89
N TYR A 73 3.42 -5.73 -11.54
CA TYR A 73 3.94 -5.14 -12.77
C TYR A 73 5.39 -4.63 -12.58
N TYR A 74 5.64 -3.91 -11.48
CA TYR A 74 6.99 -3.39 -11.20
C TYR A 74 7.90 -4.48 -10.62
N LYS A 75 7.28 -5.62 -10.32
CA LYS A 75 7.92 -6.85 -9.83
C LYS A 75 8.25 -6.77 -8.34
N GLY A 76 7.41 -6.06 -7.63
CA GLY A 76 7.56 -5.90 -6.22
C GLY A 76 6.60 -6.79 -5.53
N VAL A 77 6.77 -6.95 -4.26
CA VAL A 77 5.94 -7.85 -3.52
C VAL A 77 5.11 -7.09 -2.47
N PRO A 78 3.81 -6.91 -2.74
CA PRO A 78 2.91 -6.21 -1.83
C PRO A 78 2.64 -7.03 -0.57
N ASP A 79 2.64 -6.37 0.54
CA ASP A 79 2.48 -6.99 1.83
C ASP A 79 1.51 -6.14 2.64
N ALA A 80 0.61 -6.78 3.33
CA ALA A 80 -0.34 -6.12 4.19
C ALA A 80 -0.61 -7.04 5.36
N GLY A 1 1.52 -3.48 20.32
CA GLY A 1 0.24 -4.14 20.04
C GLY A 1 0.44 -5.58 19.77
N HIS A 2 -0.44 -6.41 20.31
CA HIS A 2 -0.34 -7.86 20.16
C HIS A 2 -0.65 -8.26 18.72
N MET A 3 -1.63 -7.61 18.17
CA MET A 3 -1.95 -7.79 16.79
C MET A 3 -2.28 -6.43 16.22
N ALA A 4 -1.50 -5.97 15.29
CA ALA A 4 -1.74 -4.69 14.70
C ALA A 4 -2.76 -4.84 13.60
N VAL A 5 -3.97 -4.43 13.90
CA VAL A 5 -5.05 -4.53 12.93
C VAL A 5 -5.19 -3.16 12.24
N VAL A 6 -4.16 -2.39 12.40
CA VAL A 6 -3.97 -1.15 11.70
C VAL A 6 -2.95 -1.46 10.65
N TYR A 7 -3.39 -1.44 9.45
CA TYR A 7 -2.63 -1.94 8.35
C TYR A 7 -1.80 -0.91 7.66
N ALA A 8 -0.77 -1.41 7.05
CA ALA A 8 0.17 -0.61 6.33
C ALA A 8 0.41 -1.28 5.01
N ALA A 9 0.08 -0.61 3.96
CA ALA A 9 0.29 -1.15 2.66
C ALA A 9 1.68 -0.78 2.24
N ARG A 10 2.38 -1.75 1.77
CA ARG A 10 3.73 -1.54 1.36
C ARG A 10 4.12 -2.44 0.25
N CYS A 11 4.97 -1.96 -0.60
CA CYS A 11 5.45 -2.71 -1.71
C CYS A 11 6.95 -2.89 -1.48
N LYS A 12 7.35 -4.10 -1.17
CA LYS A 12 8.72 -4.38 -0.81
C LYS A 12 9.49 -4.80 -2.06
N PHE A 13 10.76 -4.45 -2.10
CA PHE A 13 11.59 -4.74 -3.25
C PHE A 13 12.95 -5.29 -2.86
N GLY A 14 13.14 -6.57 -3.11
CA GLY A 14 14.44 -7.20 -2.91
C GLY A 14 14.72 -7.59 -1.48
N ASN A 15 14.70 -6.62 -0.61
CA ASN A 15 15.02 -6.83 0.78
C ASN A 15 13.81 -7.33 1.55
N PRO A 16 13.98 -8.38 2.36
CA PRO A 16 12.91 -8.93 3.19
C PRO A 16 12.43 -7.92 4.21
N LEU A 17 11.11 -7.76 4.29
CA LEU A 17 10.46 -6.84 5.22
C LEU A 17 10.90 -5.38 5.04
N VAL A 18 11.37 -5.05 3.86
CA VAL A 18 11.78 -3.70 3.57
C VAL A 18 10.99 -3.13 2.42
N GLN A 19 10.10 -2.24 2.75
CA GLN A 19 9.30 -1.52 1.81
C GLN A 19 10.14 -0.51 1.03
N ASN A 20 9.85 -0.37 -0.25
CA ASN A 20 10.49 0.66 -1.03
C ASN A 20 9.61 1.88 -0.98
N ASN A 21 10.08 2.92 -0.30
CA ASN A 21 9.30 4.15 -0.08
C ASN A 21 8.82 4.79 -1.37
N ARG A 22 9.73 4.87 -2.34
CA ARG A 22 9.49 5.54 -3.60
C ARG A 22 8.40 4.84 -4.38
N ILE A 23 8.61 3.55 -4.64
CA ILE A 23 7.69 2.77 -5.44
C ILE A 23 6.36 2.60 -4.71
N THR A 24 6.40 2.43 -3.38
CA THR A 24 5.17 2.31 -2.62
C THR A 24 4.33 3.58 -2.74
N ARG A 25 4.98 4.75 -2.68
CA ARG A 25 4.28 5.99 -2.88
C ARG A 25 3.72 6.06 -4.29
N ALA A 26 4.53 5.66 -5.25
CA ALA A 26 4.14 5.67 -6.66
C ALA A 26 2.91 4.79 -6.91
N VAL A 27 2.95 3.57 -6.41
CA VAL A 27 1.84 2.65 -6.57
C VAL A 27 0.59 3.16 -5.84
N CYS A 28 0.74 3.67 -4.63
CA CYS A 28 -0.39 4.23 -3.89
C CYS A 28 -0.92 5.47 -4.59
N ASP A 29 -0.02 6.23 -5.20
CA ASP A 29 -0.36 7.45 -5.94
C ASP A 29 -1.26 7.08 -7.08
N LEU A 30 -0.80 6.12 -7.86
CA LEU A 30 -1.54 5.58 -8.98
C LEU A 30 -2.88 5.01 -8.53
N THR A 31 -2.83 4.17 -7.51
CA THR A 31 -4.02 3.56 -6.96
C THR A 31 -5.04 4.62 -6.51
N ASN A 32 -4.54 5.66 -5.86
CA ASN A 32 -5.34 6.80 -5.40
C ASN A 32 -6.02 7.45 -6.59
N GLU A 33 -5.25 7.68 -7.64
CA GLU A 33 -5.72 8.34 -8.86
C GLU A 33 -6.81 7.52 -9.55
N HIS A 34 -6.67 6.21 -9.48
CA HIS A 34 -7.62 5.28 -10.07
C HIS A 34 -8.83 4.99 -9.17
N THR A 35 -8.72 5.28 -7.90
CA THR A 35 -9.81 5.05 -6.96
C THR A 35 -10.15 6.36 -6.23
N THR A 36 -10.04 7.47 -6.95
CA THR A 36 -10.19 8.80 -6.41
C THR A 36 -11.49 9.04 -5.63
N LYS A 37 -12.60 8.56 -6.13
CA LYS A 37 -13.89 8.76 -5.47
C LYS A 37 -14.29 7.51 -4.73
N ASP A 38 -13.39 6.56 -4.67
CA ASP A 38 -13.68 5.28 -4.07
C ASP A 38 -12.93 5.07 -2.77
N GLY A 39 -11.72 5.54 -2.68
CA GLY A 39 -10.96 5.31 -1.53
C GLY A 39 -9.85 6.29 -1.37
N SER A 40 -9.97 7.09 -0.38
CA SER A 40 -8.92 8.00 -0.01
C SER A 40 -7.75 7.25 0.62
N TRP A 41 -6.85 6.89 -0.21
CA TRP A 41 -5.65 6.22 0.21
C TRP A 41 -4.57 7.27 0.25
N HIS A 42 -3.68 7.18 1.18
CA HIS A 42 -2.61 8.16 1.28
C HIS A 42 -1.34 7.52 1.82
N TYR A 43 -0.23 7.91 1.26
CA TYR A 43 1.05 7.36 1.67
C TYR A 43 1.61 8.13 2.86
N VAL A 44 2.07 7.41 3.85
CA VAL A 44 2.71 8.01 4.98
C VAL A 44 4.12 7.41 5.04
N GLU A 45 5.03 8.08 5.72
CA GLU A 45 6.40 7.61 5.89
C GLU A 45 6.43 6.23 6.53
N VAL A 46 7.62 5.62 6.57
CA VAL A 46 7.85 4.25 7.11
C VAL A 46 7.30 4.05 8.53
N ASP A 47 6.94 5.14 9.19
CA ASP A 47 6.25 5.13 10.47
C ASP A 47 4.98 4.28 10.38
N ASN A 48 4.24 4.41 9.27
CA ASN A 48 3.04 3.56 9.09
C ASN A 48 2.80 3.21 7.62
N GLU A 49 3.59 3.80 6.70
CA GLU A 49 3.59 3.40 5.32
C GLU A 49 2.28 3.79 4.65
N CYS A 50 1.88 3.10 3.64
CA CYS A 50 0.71 3.51 2.90
C CYS A 50 -0.57 3.20 3.68
N LYS A 51 -1.33 4.24 3.98
CA LYS A 51 -2.55 4.10 4.73
C LYS A 51 -3.74 4.12 3.82
N TYR A 52 -4.67 3.28 4.11
CA TYR A 52 -5.89 3.24 3.39
C TYR A 52 -6.99 3.75 4.30
N LEU A 53 -7.46 4.95 4.01
CA LEU A 53 -8.47 5.66 4.80
C LEU A 53 -7.98 6.00 6.20
N ALA A 54 -8.22 5.15 7.14
CA ALA A 54 -7.76 5.38 8.50
C ALA A 54 -6.62 4.45 8.84
N GLY A 55 -6.25 3.63 7.90
CA GLY A 55 -5.22 2.63 8.12
C GLY A 55 -5.85 1.29 8.33
N ASP A 56 -6.95 1.10 7.65
CA ASP A 56 -7.71 -0.13 7.73
C ASP A 56 -7.11 -1.14 6.79
N ASN A 57 -7.54 -2.39 6.89
CA ASN A 57 -7.05 -3.44 6.01
C ASN A 57 -7.47 -3.22 4.56
N PRO A 58 -6.49 -2.89 3.69
CA PRO A 58 -6.75 -2.52 2.30
C PRO A 58 -7.15 -3.68 1.45
N ARG A 59 -6.85 -4.88 1.92
CA ARG A 59 -7.00 -6.10 1.12
C ARG A 59 -8.46 -6.42 0.84
N ASP A 60 -9.31 -5.88 1.64
CA ASP A 60 -10.75 -6.10 1.49
C ASP A 60 -11.30 -5.12 0.46
N GLN A 61 -10.52 -4.10 0.16
CA GLN A 61 -10.94 -3.04 -0.72
C GLN A 61 -10.30 -3.22 -2.11
N PRO A 62 -11.01 -2.84 -3.19
CA PRO A 62 -10.51 -2.96 -4.59
C PRO A 62 -9.19 -2.20 -4.83
N GLY A 63 -8.94 -1.21 -3.96
CA GLY A 63 -7.71 -0.45 -4.02
C GLY A 63 -6.50 -1.34 -3.87
N TRP A 64 -6.63 -2.39 -3.08
CA TRP A 64 -5.54 -3.33 -2.87
C TRP A 64 -5.26 -4.07 -4.16
N ALA A 65 -6.31 -4.44 -4.87
CA ALA A 65 -6.18 -5.15 -6.12
C ALA A 65 -5.45 -4.29 -7.14
N VAL A 66 -5.74 -2.99 -7.12
CA VAL A 66 -5.05 -2.05 -7.99
C VAL A 66 -3.56 -1.97 -7.58
N PHE A 67 -3.33 -1.79 -6.29
CA PHE A 67 -1.98 -1.74 -5.72
C PHE A 67 -1.18 -3.01 -6.13
N VAL A 68 -1.83 -4.15 -6.01
CA VAL A 68 -1.23 -5.43 -6.36
C VAL A 68 -0.92 -5.51 -7.85
N LYS A 69 -1.87 -5.08 -8.71
CA LYS A 69 -1.67 -5.18 -10.14
C LYS A 69 -0.52 -4.31 -10.62
N TYR A 70 -0.26 -3.23 -9.91
CA TYR A 70 0.87 -2.39 -10.24
C TYR A 70 2.17 -2.93 -9.67
N CYS A 71 2.18 -3.37 -8.41
CA CYS A 71 3.36 -3.92 -7.79
C CYS A 71 3.89 -5.15 -8.51
N THR A 72 3.01 -6.04 -8.91
CA THR A 72 3.41 -7.25 -9.62
C THR A 72 4.06 -6.87 -10.93
N TYR A 73 3.42 -5.95 -11.62
CA TYR A 73 3.92 -5.39 -12.87
C TYR A 73 5.31 -4.73 -12.68
N TYR A 74 5.52 -4.07 -11.54
CA TYR A 74 6.82 -3.45 -11.24
C TYR A 74 7.81 -4.44 -10.58
N LYS A 75 7.32 -5.67 -10.30
CA LYS A 75 8.10 -6.78 -9.73
C LYS A 75 8.42 -6.55 -8.25
N GLY A 76 7.42 -6.13 -7.52
CA GLY A 76 7.55 -5.88 -6.12
C GLY A 76 6.53 -6.66 -5.37
N VAL A 77 6.73 -6.80 -4.10
CA VAL A 77 5.85 -7.60 -3.29
C VAL A 77 4.95 -6.72 -2.43
N PRO A 78 3.66 -6.67 -2.77
CA PRO A 78 2.69 -5.91 -2.00
C PRO A 78 2.33 -6.67 -0.71
N ASP A 79 2.40 -6.00 0.39
CA ASP A 79 2.10 -6.63 1.65
C ASP A 79 1.33 -5.69 2.54
N ALA A 80 0.40 -6.25 3.25
CA ALA A 80 -0.43 -5.55 4.18
C ALA A 80 -0.98 -6.58 5.13
#